data_3A1F
# 
_entry.id   3A1F 
# 
_audit_conform.dict_name       mmcif_pdbx.dic 
_audit_conform.dict_version    5.388 
_audit_conform.dict_location   http://mmcif.pdb.org/dictionaries/ascii/mmcif_pdbx.dic 
# 
loop_
_database_2.database_id 
_database_2.database_code 
_database_2.pdbx_database_accession 
_database_2.pdbx_DOI 
PDB   3A1F         pdb_00003a1f 10.2210/pdb3a1f/pdb 
RCSB  RCSB028690   ?            ?                   
WWPDB D_1000028690 ?            ?                   
# 
loop_
_pdbx_audit_revision_history.ordinal 
_pdbx_audit_revision_history.data_content_type 
_pdbx_audit_revision_history.major_revision 
_pdbx_audit_revision_history.minor_revision 
_pdbx_audit_revision_history.revision_date 
1 'Structure model' 1 0 2010-04-07 
2 'Structure model' 1 1 2011-07-13 
3 'Structure model' 1 2 2024-03-13 
# 
_pdbx_audit_revision_details.ordinal             1 
_pdbx_audit_revision_details.revision_ordinal    1 
_pdbx_audit_revision_details.data_content_type   'Structure model' 
_pdbx_audit_revision_details.provider            repository 
_pdbx_audit_revision_details.type                'Initial release' 
_pdbx_audit_revision_details.description         ? 
_pdbx_audit_revision_details.details             ? 
# 
loop_
_pdbx_audit_revision_group.ordinal 
_pdbx_audit_revision_group.revision_ordinal 
_pdbx_audit_revision_group.data_content_type 
_pdbx_audit_revision_group.group 
1 2 'Structure model' 'Version format compliance' 
2 3 'Structure model' 'Data collection'           
3 3 'Structure model' 'Database references'       
4 3 'Structure model' 'Derived calculations'      
# 
loop_
_pdbx_audit_revision_category.ordinal 
_pdbx_audit_revision_category.revision_ordinal 
_pdbx_audit_revision_category.data_content_type 
_pdbx_audit_revision_category.category 
1 3 'Structure model' chem_comp_atom 
2 3 'Structure model' chem_comp_bond 
3 3 'Structure model' database_2     
4 3 'Structure model' struct_site    
# 
loop_
_pdbx_audit_revision_item.ordinal 
_pdbx_audit_revision_item.revision_ordinal 
_pdbx_audit_revision_item.data_content_type 
_pdbx_audit_revision_item.item 
1 3 'Structure model' '_database_2.pdbx_DOI'                
2 3 'Structure model' '_database_2.pdbx_database_accession' 
3 3 'Structure model' '_struct_site.pdbx_auth_asym_id'      
4 3 'Structure model' '_struct_site.pdbx_auth_comp_id'      
5 3 'Structure model' '_struct_site.pdbx_auth_seq_id'       
# 
_pdbx_database_status.status_code                     REL 
_pdbx_database_status.entry_id                        3A1F 
_pdbx_database_status.recvd_initial_deposition_date   2009-04-01 
_pdbx_database_status.deposit_site                    PDBJ 
_pdbx_database_status.process_site                    PDBJ 
_pdbx_database_status.status_code_sf                  REL 
_pdbx_database_status.status_code_mr                  ? 
_pdbx_database_status.SG_entry                        ? 
_pdbx_database_status.pdb_format_compatible           Y 
_pdbx_database_status.status_code_cs                  ? 
_pdbx_database_status.status_code_nmr_data            ? 
_pdbx_database_status.methods_development_category    ? 
# 
_audit_author.name           'Honbou, K.' 
_audit_author.pdbx_ordinal   1 
# 
_citation.id                        primary 
_citation.title                     'Crystal Structure of NADPH binding domain of gp91(phox)' 
_citation.journal_abbrev            'To be Published' 
_citation.journal_volume            ? 
_citation.page_first                ? 
_citation.page_last                 ? 
_citation.year                      ? 
_citation.journal_id_ASTM           ? 
_citation.country                   ? 
_citation.journal_id_ISSN           ? 
_citation.journal_id_CSD            0353 
_citation.book_publisher            ? 
_citation.pdbx_database_id_PubMed   ? 
_citation.pdbx_database_id_DOI      ? 
# 
loop_
_citation_author.citation_id 
_citation_author.name 
_citation_author.ordinal 
_citation_author.identifier_ORCID 
primary 'Honbou, K.'   1 ? 
primary 'Noda, N.N.'   2 ? 
primary 'Sumimoto, H.' 3 ? 
primary 'Inagaki, F.'  4 ? 
# 
loop_
_entity.id 
_entity.type 
_entity.src_method 
_entity.pdbx_description 
_entity.formula_weight 
_entity.pdbx_number_of_molecules 
_entity.pdbx_ec 
_entity.pdbx_mutation 
_entity.pdbx_fragment 
_entity.details 
1 polymer     man 'Cytochrome b-245 heavy chain' 21178.758 1  ? ? 'UNP residues 385-570' ? 
2 non-polymer syn 'NICKEL (II) ION'              58.693    7  ? ? ?                      ? 
3 water       nat water                          18.015    72 ? ? ?                      ? 
# 
_entity_name_com.entity_id   1 
_entity_name_com.name        
;p22 phagocyte B-cytochrome, Neutrophil cytochrome b 91 kDa NADPH binding domain of human gp91(phox), polypeptide, Heme-binding membrane glycoprotein gp91phox, CGD91-phox, gp91-phox, gp91-1, Cytochrome b(558) subunit beta, Cytochrome b558 subunit beta, Superoxide-generating NADPH oxidase heavy chain subunit, NADPH oxidase 2
;
# 
_entity_poly.entity_id                      1 
_entity_poly.type                           'polypeptide(L)' 
_entity_poly.nstd_linkage                   no 
_entity_poly.nstd_monomer                   no 
_entity_poly.pdbx_seq_one_letter_code       
;IAVDGPFGTASEDVFSYEVVMLVGAGIGVTPFASILKSVWYKYCNNATNLKLKKIYFYWLCRDTHAFEWFADLLQLLESQ
MQERNNAGFLSYNIYLTGWDESQANHFAVHHDEEKDVITGLKQKTLYGRPNWDNEFKTIASQHPNTRIGVFLCGPEALAE
TLSKQSISNSESGPRGVHFIFNKENF
;
_entity_poly.pdbx_seq_one_letter_code_can   
;IAVDGPFGTASEDVFSYEVVMLVGAGIGVTPFASILKSVWYKYCNNATNLKLKKIYFYWLCRDTHAFEWFADLLQLLESQ
MQERNNAGFLSYNIYLTGWDESQANHFAVHHDEEKDVITGLKQKTLYGRPNWDNEFKTIASQHPNTRIGVFLCGPEALAE
TLSKQSISNSESGPRGVHFIFNKENF
;
_entity_poly.pdbx_strand_id                 A 
_entity_poly.pdbx_target_identifier         ? 
# 
loop_
_pdbx_entity_nonpoly.entity_id 
_pdbx_entity_nonpoly.name 
_pdbx_entity_nonpoly.comp_id 
2 'NICKEL (II) ION' NI  
3 water             HOH 
# 
loop_
_entity_poly_seq.entity_id 
_entity_poly_seq.num 
_entity_poly_seq.mon_id 
_entity_poly_seq.hetero 
1 1   ILE n 
1 2   ALA n 
1 3   VAL n 
1 4   ASP n 
1 5   GLY n 
1 6   PRO n 
1 7   PHE n 
1 8   GLY n 
1 9   THR n 
1 10  ALA n 
1 11  SER n 
1 12  GLU n 
1 13  ASP n 
1 14  VAL n 
1 15  PHE n 
1 16  SER n 
1 17  TYR n 
1 18  GLU n 
1 19  VAL n 
1 20  VAL n 
1 21  MET n 
1 22  LEU n 
1 23  VAL n 
1 24  GLY n 
1 25  ALA n 
1 26  GLY n 
1 27  ILE n 
1 28  GLY n 
1 29  VAL n 
1 30  THR n 
1 31  PRO n 
1 32  PHE n 
1 33  ALA n 
1 34  SER n 
1 35  ILE n 
1 36  LEU n 
1 37  LYS n 
1 38  SER n 
1 39  VAL n 
1 40  TRP n 
1 41  TYR n 
1 42  LYS n 
1 43  TYR n 
1 44  CYS n 
1 45  ASN n 
1 46  ASN n 
1 47  ALA n 
1 48  THR n 
1 49  ASN n 
1 50  LEU n 
1 51  LYS n 
1 52  LEU n 
1 53  LYS n 
1 54  LYS n 
1 55  ILE n 
1 56  TYR n 
1 57  PHE n 
1 58  TYR n 
1 59  TRP n 
1 60  LEU n 
1 61  CYS n 
1 62  ARG n 
1 63  ASP n 
1 64  THR n 
1 65  HIS n 
1 66  ALA n 
1 67  PHE n 
1 68  GLU n 
1 69  TRP n 
1 70  PHE n 
1 71  ALA n 
1 72  ASP n 
1 73  LEU n 
1 74  LEU n 
1 75  GLN n 
1 76  LEU n 
1 77  LEU n 
1 78  GLU n 
1 79  SER n 
1 80  GLN n 
1 81  MET n 
1 82  GLN n 
1 83  GLU n 
1 84  ARG n 
1 85  ASN n 
1 86  ASN n 
1 87  ALA n 
1 88  GLY n 
1 89  PHE n 
1 90  LEU n 
1 91  SER n 
1 92  TYR n 
1 93  ASN n 
1 94  ILE n 
1 95  TYR n 
1 96  LEU n 
1 97  THR n 
1 98  GLY n 
1 99  TRP n 
1 100 ASP n 
1 101 GLU n 
1 102 SER n 
1 103 GLN n 
1 104 ALA n 
1 105 ASN n 
1 106 HIS n 
1 107 PHE n 
1 108 ALA n 
1 109 VAL n 
1 110 HIS n 
1 111 HIS n 
1 112 ASP n 
1 113 GLU n 
1 114 GLU n 
1 115 LYS n 
1 116 ASP n 
1 117 VAL n 
1 118 ILE n 
1 119 THR n 
1 120 GLY n 
1 121 LEU n 
1 122 LYS n 
1 123 GLN n 
1 124 LYS n 
1 125 THR n 
1 126 LEU n 
1 127 TYR n 
1 128 GLY n 
1 129 ARG n 
1 130 PRO n 
1 131 ASN n 
1 132 TRP n 
1 133 ASP n 
1 134 ASN n 
1 135 GLU n 
1 136 PHE n 
1 137 LYS n 
1 138 THR n 
1 139 ILE n 
1 140 ALA n 
1 141 SER n 
1 142 GLN n 
1 143 HIS n 
1 144 PRO n 
1 145 ASN n 
1 146 THR n 
1 147 ARG n 
1 148 ILE n 
1 149 GLY n 
1 150 VAL n 
1 151 PHE n 
1 152 LEU n 
1 153 CYS n 
1 154 GLY n 
1 155 PRO n 
1 156 GLU n 
1 157 ALA n 
1 158 LEU n 
1 159 ALA n 
1 160 GLU n 
1 161 THR n 
1 162 LEU n 
1 163 SER n 
1 164 LYS n 
1 165 GLN n 
1 166 SER n 
1 167 ILE n 
1 168 SER n 
1 169 ASN n 
1 170 SER n 
1 171 GLU n 
1 172 SER n 
1 173 GLY n 
1 174 PRO n 
1 175 ARG n 
1 176 GLY n 
1 177 VAL n 
1 178 HIS n 
1 179 PHE n 
1 180 ILE n 
1 181 PHE n 
1 182 ASN n 
1 183 LYS n 
1 184 GLU n 
1 185 ASN n 
1 186 PHE n 
# 
_entity_src_gen.entity_id                          1 
_entity_src_gen.pdbx_src_id                        1 
_entity_src_gen.pdbx_alt_source_flag               sample 
_entity_src_gen.pdbx_seq_type                      ? 
_entity_src_gen.pdbx_beg_seq_num                   ? 
_entity_src_gen.pdbx_end_seq_num                   ? 
_entity_src_gen.gene_src_common_name               Human 
_entity_src_gen.gene_src_genus                     ? 
_entity_src_gen.pdbx_gene_src_gene                 ? 
_entity_src_gen.gene_src_species                   ? 
_entity_src_gen.gene_src_strain                    ? 
_entity_src_gen.gene_src_tissue                    ? 
_entity_src_gen.gene_src_tissue_fraction           ? 
_entity_src_gen.gene_src_details                   ? 
_entity_src_gen.pdbx_gene_src_fragment             ? 
_entity_src_gen.pdbx_gene_src_scientific_name      'Homo sapiens' 
_entity_src_gen.pdbx_gene_src_ncbi_taxonomy_id     9606 
_entity_src_gen.pdbx_gene_src_variant              ? 
_entity_src_gen.pdbx_gene_src_cell_line            ? 
_entity_src_gen.pdbx_gene_src_atcc                 ? 
_entity_src_gen.pdbx_gene_src_organ                ? 
_entity_src_gen.pdbx_gene_src_organelle            ? 
_entity_src_gen.pdbx_gene_src_cell                 ? 
_entity_src_gen.pdbx_gene_src_cellular_location    ? 
_entity_src_gen.host_org_common_name               ? 
_entity_src_gen.pdbx_host_org_scientific_name      'Escherichia coli' 
_entity_src_gen.pdbx_host_org_ncbi_taxonomy_id     562 
_entity_src_gen.host_org_genus                     ? 
_entity_src_gen.pdbx_host_org_gene                 ? 
_entity_src_gen.pdbx_host_org_organ                ? 
_entity_src_gen.host_org_species                   ? 
_entity_src_gen.pdbx_host_org_tissue               ? 
_entity_src_gen.pdbx_host_org_tissue_fraction      ? 
_entity_src_gen.pdbx_host_org_strain               BL21 
_entity_src_gen.pdbx_host_org_variant              ? 
_entity_src_gen.pdbx_host_org_cell_line            ? 
_entity_src_gen.pdbx_host_org_atcc                 ? 
_entity_src_gen.pdbx_host_org_culture_collection   ? 
_entity_src_gen.pdbx_host_org_cell                 ? 
_entity_src_gen.pdbx_host_org_organelle            ? 
_entity_src_gen.pdbx_host_org_cellular_location    ? 
_entity_src_gen.pdbx_host_org_vector_type          PLASMID 
_entity_src_gen.pdbx_host_org_vector               ? 
_entity_src_gen.host_org_details                   ? 
_entity_src_gen.expression_system_id               ? 
_entity_src_gen.plasmid_name                       pGEX6P-1 
_entity_src_gen.plasmid_details                    ? 
_entity_src_gen.pdbx_description                   ? 
# 
loop_
_chem_comp.id 
_chem_comp.type 
_chem_comp.mon_nstd_flag 
_chem_comp.name 
_chem_comp.pdbx_synonyms 
_chem_comp.formula 
_chem_comp.formula_weight 
ALA 'L-peptide linking' y ALANINE           ? 'C3 H7 N O2'     89.093  
ARG 'L-peptide linking' y ARGININE          ? 'C6 H15 N4 O2 1' 175.209 
ASN 'L-peptide linking' y ASPARAGINE        ? 'C4 H8 N2 O3'    132.118 
ASP 'L-peptide linking' y 'ASPARTIC ACID'   ? 'C4 H7 N O4'     133.103 
CYS 'L-peptide linking' y CYSTEINE          ? 'C3 H7 N O2 S'   121.158 
GLN 'L-peptide linking' y GLUTAMINE         ? 'C5 H10 N2 O3'   146.144 
GLU 'L-peptide linking' y 'GLUTAMIC ACID'   ? 'C5 H9 N O4'     147.129 
GLY 'peptide linking'   y GLYCINE           ? 'C2 H5 N O2'     75.067  
HIS 'L-peptide linking' y HISTIDINE         ? 'C6 H10 N3 O2 1' 156.162 
HOH non-polymer         . WATER             ? 'H2 O'           18.015  
ILE 'L-peptide linking' y ISOLEUCINE        ? 'C6 H13 N O2'    131.173 
LEU 'L-peptide linking' y LEUCINE           ? 'C6 H13 N O2'    131.173 
LYS 'L-peptide linking' y LYSINE            ? 'C6 H15 N2 O2 1' 147.195 
MET 'L-peptide linking' y METHIONINE        ? 'C5 H11 N O2 S'  149.211 
NI  non-polymer         . 'NICKEL (II) ION' ? 'Ni 2'           58.693  
PHE 'L-peptide linking' y PHENYLALANINE     ? 'C9 H11 N O2'    165.189 
PRO 'L-peptide linking' y PROLINE           ? 'C5 H9 N O2'     115.130 
SER 'L-peptide linking' y SERINE            ? 'C3 H7 N O3'     105.093 
THR 'L-peptide linking' y THREONINE         ? 'C4 H9 N O3'     119.119 
TRP 'L-peptide linking' y TRYPTOPHAN        ? 'C11 H12 N2 O2'  204.225 
TYR 'L-peptide linking' y TYROSINE          ? 'C9 H11 N O3'    181.189 
VAL 'L-peptide linking' y VALINE            ? 'C5 H11 N O2'    117.146 
# 
loop_
_pdbx_poly_seq_scheme.asym_id 
_pdbx_poly_seq_scheme.entity_id 
_pdbx_poly_seq_scheme.seq_id 
_pdbx_poly_seq_scheme.mon_id 
_pdbx_poly_seq_scheme.ndb_seq_num 
_pdbx_poly_seq_scheme.pdb_seq_num 
_pdbx_poly_seq_scheme.auth_seq_num 
_pdbx_poly_seq_scheme.pdb_mon_id 
_pdbx_poly_seq_scheme.auth_mon_id 
_pdbx_poly_seq_scheme.pdb_strand_id 
_pdbx_poly_seq_scheme.pdb_ins_code 
_pdbx_poly_seq_scheme.hetero 
A 1 1   ILE 1   1   1   ILE ILE A . n 
A 1 2   ALA 2   2   2   ALA ALA A . n 
A 1 3   VAL 3   3   3   VAL VAL A . n 
A 1 4   ASP 4   4   4   ASP ASP A . n 
A 1 5   GLY 5   5   5   GLY GLY A . n 
A 1 6   PRO 6   6   6   PRO PRO A . n 
A 1 7   PHE 7   7   7   PHE PHE A . n 
A 1 8   GLY 8   8   8   GLY GLY A . n 
A 1 9   THR 9   9   9   THR THR A . n 
A 1 10  ALA 10  10  10  ALA ALA A . n 
A 1 11  SER 11  11  11  SER SER A . n 
A 1 12  GLU 12  12  12  GLU GLU A . n 
A 1 13  ASP 13  13  13  ASP ASP A . n 
A 1 14  VAL 14  14  14  VAL VAL A . n 
A 1 15  PHE 15  15  15  PHE PHE A . n 
A 1 16  SER 16  16  16  SER SER A . n 
A 1 17  TYR 17  17  17  TYR TYR A . n 
A 1 18  GLU 18  18  18  GLU GLU A . n 
A 1 19  VAL 19  19  19  VAL VAL A . n 
A 1 20  VAL 20  20  20  VAL VAL A . n 
A 1 21  MET 21  21  21  MET MET A . n 
A 1 22  LEU 22  22  22  LEU LEU A . n 
A 1 23  VAL 23  23  23  VAL VAL A . n 
A 1 24  GLY 24  24  24  GLY GLY A . n 
A 1 25  ALA 25  25  25  ALA ALA A . n 
A 1 26  GLY 26  26  26  GLY GLY A . n 
A 1 27  ILE 27  27  27  ILE ILE A . n 
A 1 28  GLY 28  28  28  GLY GLY A . n 
A 1 29  VAL 29  29  29  VAL VAL A . n 
A 1 30  THR 30  30  30  THR THR A . n 
A 1 31  PRO 31  31  31  PRO PRO A . n 
A 1 32  PHE 32  32  32  PHE PHE A . n 
A 1 33  ALA 33  33  33  ALA ALA A . n 
A 1 34  SER 34  34  34  SER SER A . n 
A 1 35  ILE 35  35  35  ILE ILE A . n 
A 1 36  LEU 36  36  36  LEU LEU A . n 
A 1 37  LYS 37  37  37  LYS LYS A . n 
A 1 38  SER 38  38  38  SER SER A . n 
A 1 39  VAL 39  39  39  VAL VAL A . n 
A 1 40  TRP 40  40  40  TRP TRP A . n 
A 1 41  TYR 41  41  41  TYR TYR A . n 
A 1 42  LYS 42  42  42  LYS LYS A . n 
A 1 43  TYR 43  43  43  TYR TYR A . n 
A 1 44  CYS 44  44  44  CYS CYS A . n 
A 1 45  ASN 45  45  45  ASN ASN A . n 
A 1 46  ASN 46  46  46  ASN ASN A . n 
A 1 47  ALA 47  47  47  ALA ALA A . n 
A 1 48  THR 48  48  48  THR THR A . n 
A 1 49  ASN 49  49  49  ASN ASN A . n 
A 1 50  LEU 50  50  50  LEU LEU A . n 
A 1 51  LYS 51  51  51  LYS LYS A . n 
A 1 52  LEU 52  52  52  LEU LEU A . n 
A 1 53  LYS 53  53  53  LYS LYS A . n 
A 1 54  LYS 54  54  54  LYS LYS A . n 
A 1 55  ILE 55  55  55  ILE ILE A . n 
A 1 56  TYR 56  56  56  TYR TYR A . n 
A 1 57  PHE 57  57  57  PHE PHE A . n 
A 1 58  TYR 58  58  58  TYR TYR A . n 
A 1 59  TRP 59  59  59  TRP TRP A . n 
A 1 60  LEU 60  60  60  LEU LEU A . n 
A 1 61  CYS 61  61  61  CYS CYS A . n 
A 1 62  ARG 62  62  62  ARG ARG A . n 
A 1 63  ASP 63  63  63  ASP ASP A . n 
A 1 64  THR 64  64  64  THR THR A . n 
A 1 65  HIS 65  65  65  HIS HIS A . n 
A 1 66  ALA 66  66  66  ALA ALA A . n 
A 1 67  PHE 67  67  67  PHE PHE A . n 
A 1 68  GLU 68  68  68  GLU GLU A . n 
A 1 69  TRP 69  69  69  TRP TRP A . n 
A 1 70  PHE 70  70  70  PHE PHE A . n 
A 1 71  ALA 71  71  71  ALA ALA A . n 
A 1 72  ASP 72  72  72  ASP ASP A . n 
A 1 73  LEU 73  73  73  LEU LEU A . n 
A 1 74  LEU 74  74  74  LEU LEU A . n 
A 1 75  GLN 75  75  75  GLN GLN A . n 
A 1 76  LEU 76  76  76  LEU LEU A . n 
A 1 77  LEU 77  77  77  LEU LEU A . n 
A 1 78  GLU 78  78  78  GLU GLU A . n 
A 1 79  SER 79  79  79  SER SER A . n 
A 1 80  GLN 80  80  80  GLN GLN A . n 
A 1 81  MET 81  81  81  MET MET A . n 
A 1 82  GLN 82  82  82  GLN GLN A . n 
A 1 83  GLU 83  83  83  GLU GLU A . n 
A 1 84  ARG 84  84  84  ARG ARG A . n 
A 1 85  ASN 85  85  85  ASN ASN A . n 
A 1 86  ASN 86  86  86  ASN ASN A . n 
A 1 87  ALA 87  87  87  ALA ALA A . n 
A 1 88  GLY 88  88  88  GLY GLY A . n 
A 1 89  PHE 89  89  89  PHE PHE A . n 
A 1 90  LEU 90  90  90  LEU LEU A . n 
A 1 91  SER 91  91  91  SER SER A . n 
A 1 92  TYR 92  92  92  TYR TYR A . n 
A 1 93  ASN 93  93  93  ASN ASN A . n 
A 1 94  ILE 94  94  94  ILE ILE A . n 
A 1 95  TYR 95  95  95  TYR TYR A . n 
A 1 96  LEU 96  96  96  LEU LEU A . n 
A 1 97  THR 97  97  97  THR THR A . n 
A 1 98  GLY 98  98  98  GLY GLY A . n 
A 1 99  TRP 99  99  99  TRP TRP A . n 
A 1 100 ASP 100 100 ?   ?   ?   A . n 
A 1 101 GLU 101 101 ?   ?   ?   A . n 
A 1 102 SER 102 102 ?   ?   ?   A . n 
A 1 103 GLN 103 103 ?   ?   ?   A . n 
A 1 104 ALA 104 104 ?   ?   ?   A . n 
A 1 105 ASN 105 105 ?   ?   ?   A . n 
A 1 106 HIS 106 106 ?   ?   ?   A . n 
A 1 107 PHE 107 107 ?   ?   ?   A . n 
A 1 108 ALA 108 108 ?   ?   ?   A . n 
A 1 109 VAL 109 109 ?   ?   ?   A . n 
A 1 110 HIS 110 110 ?   ?   ?   A . n 
A 1 111 HIS 111 111 ?   ?   ?   A . n 
A 1 112 ASP 112 112 ?   ?   ?   A . n 
A 1 113 GLU 113 113 ?   ?   ?   A . n 
A 1 114 GLU 114 114 ?   ?   ?   A . n 
A 1 115 LYS 115 115 ?   ?   ?   A . n 
A 1 116 ASP 116 116 ?   ?   ?   A . n 
A 1 117 VAL 117 117 ?   ?   ?   A . n 
A 1 118 ILE 118 118 ?   ?   ?   A . n 
A 1 119 THR 119 119 ?   ?   ?   A . n 
A 1 120 GLY 120 120 ?   ?   ?   A . n 
A 1 121 LEU 121 121 ?   ?   ?   A . n 
A 1 122 LYS 122 122 ?   ?   ?   A . n 
A 1 123 GLN 123 123 123 GLN GLN A . n 
A 1 124 LYS 124 124 124 LYS LYS A . n 
A 1 125 THR 125 125 125 THR THR A . n 
A 1 126 LEU 126 126 126 LEU LEU A . n 
A 1 127 TYR 127 127 127 TYR TYR A . n 
A 1 128 GLY 128 128 128 GLY GLY A . n 
A 1 129 ARG 129 129 129 ARG ARG A . n 
A 1 130 PRO 130 130 130 PRO PRO A . n 
A 1 131 ASN 131 131 131 ASN ASN A . n 
A 1 132 TRP 132 132 132 TRP TRP A . n 
A 1 133 ASP 133 133 133 ASP ASP A . n 
A 1 134 ASN 134 134 134 ASN ASN A . n 
A 1 135 GLU 135 135 135 GLU GLU A . n 
A 1 136 PHE 136 136 136 PHE PHE A . n 
A 1 137 LYS 137 137 137 LYS LYS A . n 
A 1 138 THR 138 138 138 THR THR A . n 
A 1 139 ILE 139 139 139 ILE ILE A . n 
A 1 140 ALA 140 140 140 ALA ALA A . n 
A 1 141 SER 141 141 141 SER SER A . n 
A 1 142 GLN 142 142 142 GLN GLN A . n 
A 1 143 HIS 143 143 143 HIS HIS A . n 
A 1 144 PRO 144 144 144 PRO PRO A . n 
A 1 145 ASN 145 145 145 ASN ASN A . n 
A 1 146 THR 146 146 146 THR THR A . n 
A 1 147 ARG 147 147 147 ARG ARG A . n 
A 1 148 ILE 148 148 148 ILE ILE A . n 
A 1 149 GLY 149 149 149 GLY GLY A . n 
A 1 150 VAL 150 150 150 VAL VAL A . n 
A 1 151 PHE 151 151 151 PHE PHE A . n 
A 1 152 LEU 152 152 152 LEU LEU A . n 
A 1 153 CYS 153 153 153 CYS CYS A . n 
A 1 154 GLY 154 154 154 GLY GLY A . n 
A 1 155 PRO 155 155 155 PRO PRO A . n 
A 1 156 GLU 156 156 156 GLU GLU A . n 
A 1 157 ALA 157 157 157 ALA ALA A . n 
A 1 158 LEU 158 158 158 LEU LEU A . n 
A 1 159 ALA 159 159 159 ALA ALA A . n 
A 1 160 GLU 160 160 160 GLU GLU A . n 
A 1 161 THR 161 161 161 THR THR A . n 
A 1 162 LEU 162 162 162 LEU LEU A . n 
A 1 163 SER 163 163 163 SER SER A . n 
A 1 164 LYS 164 164 164 LYS LYS A . n 
A 1 165 GLN 165 165 165 GLN GLN A . n 
A 1 166 SER 166 166 166 SER SER A . n 
A 1 167 ILE 167 167 167 ILE ILE A . n 
A 1 168 SER 168 168 168 SER SER A . n 
A 1 169 ASN 169 169 169 ASN ASN A . n 
A 1 170 SER 170 170 170 SER SER A . n 
A 1 171 GLU 171 171 171 GLU GLU A . n 
A 1 172 SER 172 172 172 SER SER A . n 
A 1 173 GLY 173 173 173 GLY GLY A . n 
A 1 174 PRO 174 174 174 PRO PRO A . n 
A 1 175 ARG 175 175 175 ARG ARG A . n 
A 1 176 GLY 176 176 176 GLY GLY A . n 
A 1 177 VAL 177 177 177 VAL VAL A . n 
A 1 178 HIS 178 178 178 HIS HIS A . n 
A 1 179 PHE 179 179 179 PHE PHE A . n 
A 1 180 ILE 180 180 180 ILE ILE A . n 
A 1 181 PHE 181 181 181 PHE PHE A . n 
A 1 182 ASN 182 182 182 ASN ASN A . n 
A 1 183 LYS 183 183 183 LYS LYS A . n 
A 1 184 GLU 184 184 184 GLU GLU A . n 
A 1 185 ASN 185 185 185 ASN ASN A . n 
A 1 186 PHE 186 186 186 PHE PHE A . n 
# 
loop_
_pdbx_nonpoly_scheme.asym_id 
_pdbx_nonpoly_scheme.entity_id 
_pdbx_nonpoly_scheme.mon_id 
_pdbx_nonpoly_scheme.ndb_seq_num 
_pdbx_nonpoly_scheme.pdb_seq_num 
_pdbx_nonpoly_scheme.auth_seq_num 
_pdbx_nonpoly_scheme.pdb_mon_id 
_pdbx_nonpoly_scheme.auth_mon_id 
_pdbx_nonpoly_scheme.pdb_strand_id 
_pdbx_nonpoly_scheme.pdb_ins_code 
B 2 NI  1  187 187 NI  NI  A . 
C 2 NI  1  188 188 NI  NI  A . 
D 2 NI  1  189 189 NI  NI  A . 
E 2 NI  1  190 190 NI  NI  A . 
F 2 NI  1  191 191 NI  NI  A . 
G 2 NI  1  192 192 NI  NI  A . 
H 2 NI  1  193 193 NI  NI  A . 
I 3 HOH 1  194 194 HOH HOH A . 
I 3 HOH 2  195 195 HOH HOH A . 
I 3 HOH 3  196 196 HOH HOH A . 
I 3 HOH 4  197 197 HOH HOH A . 
I 3 HOH 5  198 198 HOH HOH A . 
I 3 HOH 6  199 199 HOH HOH A . 
I 3 HOH 7  200 200 HOH HOH A . 
I 3 HOH 8  201 201 HOH HOH A . 
I 3 HOH 9  202 202 HOH HOH A . 
I 3 HOH 10 203 203 HOH HOH A . 
I 3 HOH 11 204 204 HOH HOH A . 
I 3 HOH 12 205 205 HOH HOH A . 
I 3 HOH 13 206 206 HOH HOH A . 
I 3 HOH 14 207 207 HOH HOH A . 
I 3 HOH 15 208 208 HOH HOH A . 
I 3 HOH 16 209 209 HOH HOH A . 
I 3 HOH 17 210 210 HOH HOH A . 
I 3 HOH 18 211 211 HOH HOH A . 
I 3 HOH 19 212 212 HOH HOH A . 
I 3 HOH 20 213 213 HOH HOH A . 
I 3 HOH 21 214 214 HOH HOH A . 
I 3 HOH 22 215 215 HOH HOH A . 
I 3 HOH 23 216 216 HOH HOH A . 
I 3 HOH 24 217 217 HOH HOH A . 
I 3 HOH 25 218 218 HOH HOH A . 
I 3 HOH 26 219 219 HOH HOH A . 
I 3 HOH 27 220 220 HOH HOH A . 
I 3 HOH 28 221 221 HOH HOH A . 
I 3 HOH 29 222 222 HOH HOH A . 
I 3 HOH 30 223 223 HOH HOH A . 
I 3 HOH 31 224 224 HOH HOH A . 
I 3 HOH 32 225 225 HOH HOH A . 
I 3 HOH 33 226 226 HOH HOH A . 
I 3 HOH 34 227 227 HOH HOH A . 
I 3 HOH 35 228 228 HOH HOH A . 
I 3 HOH 36 229 229 HOH HOH A . 
I 3 HOH 37 230 230 HOH HOH A . 
I 3 HOH 38 231 231 HOH HOH A . 
I 3 HOH 39 232 232 HOH HOH A . 
I 3 HOH 40 233 233 HOH HOH A . 
I 3 HOH 41 234 234 HOH HOH A . 
I 3 HOH 42 235 235 HOH HOH A . 
I 3 HOH 43 236 236 HOH HOH A . 
I 3 HOH 44 237 237 HOH HOH A . 
I 3 HOH 45 238 238 HOH HOH A . 
I 3 HOH 46 239 239 HOH HOH A . 
I 3 HOH 47 240 240 HOH HOH A . 
I 3 HOH 48 241 241 HOH HOH A . 
I 3 HOH 49 242 242 HOH HOH A . 
I 3 HOH 50 243 243 HOH HOH A . 
I 3 HOH 51 244 244 HOH HOH A . 
I 3 HOH 52 245 245 HOH HOH A . 
I 3 HOH 53 246 246 HOH HOH A . 
I 3 HOH 54 247 247 HOH HOH A . 
I 3 HOH 55 248 248 HOH HOH A . 
I 3 HOH 56 249 249 HOH HOH A . 
I 3 HOH 57 250 250 HOH HOH A . 
I 3 HOH 58 251 251 HOH HOH A . 
I 3 HOH 59 252 252 HOH HOH A . 
I 3 HOH 60 253 253 HOH HOH A . 
I 3 HOH 61 254 254 HOH HOH A . 
I 3 HOH 62 255 255 HOH HOH A . 
I 3 HOH 63 256 256 HOH HOH A . 
I 3 HOH 64 257 257 HOH HOH A . 
I 3 HOH 65 258 258 HOH HOH A . 
I 3 HOH 66 259 259 HOH HOH A . 
I 3 HOH 67 260 260 HOH HOH A . 
I 3 HOH 68 261 261 HOH HOH A . 
I 3 HOH 69 262 262 HOH HOH A . 
I 3 HOH 70 263 263 HOH HOH A . 
I 3 HOH 71 264 264 HOH HOH A . 
I 3 HOH 72 265 265 HOH HOH A . 
# 
loop_
_pdbx_unobs_or_zero_occ_atoms.id 
_pdbx_unobs_or_zero_occ_atoms.PDB_model_num 
_pdbx_unobs_or_zero_occ_atoms.polymer_flag 
_pdbx_unobs_or_zero_occ_atoms.occupancy_flag 
_pdbx_unobs_or_zero_occ_atoms.auth_asym_id 
_pdbx_unobs_or_zero_occ_atoms.auth_comp_id 
_pdbx_unobs_or_zero_occ_atoms.auth_seq_id 
_pdbx_unobs_or_zero_occ_atoms.PDB_ins_code 
_pdbx_unobs_or_zero_occ_atoms.auth_atom_id 
_pdbx_unobs_or_zero_occ_atoms.label_alt_id 
_pdbx_unobs_or_zero_occ_atoms.label_asym_id 
_pdbx_unobs_or_zero_occ_atoms.label_comp_id 
_pdbx_unobs_or_zero_occ_atoms.label_seq_id 
_pdbx_unobs_or_zero_occ_atoms.label_atom_id 
1  1 Y 1 A LYS 37  ? CG  ? A LYS 37  CG  
2  1 Y 1 A LYS 37  ? CD  ? A LYS 37  CD  
3  1 Y 1 A LYS 37  ? CE  ? A LYS 37  CE  
4  1 Y 1 A LYS 37  ? NZ  ? A LYS 37  NZ  
5  1 Y 1 A LYS 51  ? CG  ? A LYS 51  CG  
6  1 Y 1 A LYS 51  ? CD  ? A LYS 51  CD  
7  1 Y 1 A LYS 51  ? CE  ? A LYS 51  CE  
8  1 Y 1 A LYS 51  ? NZ  ? A LYS 51  NZ  
9  1 Y 1 A GLN 82  ? CG  ? A GLN 82  CG  
10 1 Y 1 A GLN 82  ? CD  ? A GLN 82  CD  
11 1 Y 1 A GLN 82  ? OE1 ? A GLN 82  OE1 
12 1 Y 1 A GLN 82  ? NE2 ? A GLN 82  NE2 
13 1 Y 1 A ARG 84  ? CG  ? A ARG 84  CG  
14 1 Y 1 A ARG 84  ? CD  ? A ARG 84  CD  
15 1 Y 1 A ARG 84  ? NE  ? A ARG 84  NE  
16 1 Y 1 A ARG 84  ? CZ  ? A ARG 84  CZ  
17 1 Y 1 A ARG 84  ? NH1 ? A ARG 84  NH1 
18 1 Y 1 A ARG 84  ? NH2 ? A ARG 84  NH2 
19 1 Y 1 A ASN 85  ? CG  ? A ASN 85  CG  
20 1 Y 1 A ASN 85  ? OD1 ? A ASN 85  OD1 
21 1 Y 1 A ASN 85  ? ND2 ? A ASN 85  ND2 
22 1 Y 1 A LYS 124 ? CG  ? A LYS 124 CG  
23 1 Y 1 A LYS 124 ? CD  ? A LYS 124 CD  
24 1 Y 1 A LYS 124 ? CE  ? A LYS 124 CE  
25 1 Y 1 A LYS 124 ? NZ  ? A LYS 124 NZ  
26 1 Y 1 A GLU 156 ? CG  ? A GLU 156 CG  
27 1 Y 1 A GLU 156 ? CD  ? A GLU 156 CD  
28 1 Y 1 A GLU 156 ? OE1 ? A GLU 156 OE1 
29 1 Y 1 A GLU 156 ? OE2 ? A GLU 156 OE2 
30 1 Y 1 A GLU 160 ? CG  ? A GLU 160 CG  
31 1 Y 1 A GLU 160 ? CD  ? A GLU 160 CD  
32 1 Y 1 A GLU 160 ? OE1 ? A GLU 160 OE1 
33 1 Y 1 A GLU 160 ? OE2 ? A GLU 160 OE2 
34 1 Y 1 A LYS 164 ? CG  ? A LYS 164 CG  
35 1 Y 1 A LYS 164 ? CD  ? A LYS 164 CD  
36 1 Y 1 A LYS 164 ? CE  ? A LYS 164 CE  
37 1 Y 1 A LYS 164 ? NZ  ? A LYS 164 NZ  
# 
loop_
_software.name 
_software.classification 
_software.version 
_software.citation_id 
_software.pdbx_ordinal 
CNS      refinement        1.2 ? 1 
HKL-2000 'data collection' .   ? 2 
HKL-2000 'data reduction'  .   ? 3 
HKL-2000 'data scaling'    .   ? 4 
SOLVE    phasing           .   ? 5 
# 
_cell.entry_id           3A1F 
_cell.length_a           60.022 
_cell.length_b           60.022 
_cell.length_c           90.398 
_cell.angle_alpha        90.00 
_cell.angle_beta         90.00 
_cell.angle_gamma        120.00 
_cell.Z_PDB              6 
_cell.pdbx_unique_axis   ? 
_cell.length_a_esd       ? 
_cell.length_b_esd       ? 
_cell.length_c_esd       ? 
_cell.angle_alpha_esd    ? 
_cell.angle_beta_esd     ? 
_cell.angle_gamma_esd    ? 
# 
_symmetry.entry_id                         3A1F 
_symmetry.space_group_name_H-M             'P 32 2 1' 
_symmetry.pdbx_full_space_group_name_H-M   ? 
_symmetry.cell_setting                     ? 
_symmetry.Int_Tables_number                154 
_symmetry.space_group_name_Hall            ? 
# 
_exptl.entry_id          3A1F 
_exptl.method            'X-RAY DIFFRACTION' 
_exptl.crystals_number   ? 
# 
_exptl_crystal.id                    1 
_exptl_crystal.density_meas          ? 
_exptl_crystal.density_Matthews      2.22 
_exptl_crystal.density_percent_sol   44.58 
_exptl_crystal.description           ? 
_exptl_crystal.F_000                 ? 
_exptl_crystal.preparation           ? 
# 
_exptl_crystal_grow.crystal_id      1 
_exptl_crystal_grow.method          'VAPOR DIFFUSION, SITTING DROP' 
_exptl_crystal_grow.temp            293 
_exptl_crystal_grow.temp_details    ? 
_exptl_crystal_grow.pH              5.6 
_exptl_crystal_grow.pdbx_details    
'12% PEG 3350, 0.1M sodium acetate pH 5.6, 0.4M NiCl2, VAPOR DIFFUSION, SITTING DROP, temperature 293K' 
_exptl_crystal_grow.pdbx_pH_range   . 
# 
_diffrn.id                     1 
_diffrn.ambient_temp           100 
_diffrn.ambient_temp_details   ? 
_diffrn.crystal_id             1 
# 
_diffrn_detector.diffrn_id              1 
_diffrn_detector.detector               'IMAGE PLATE' 
_diffrn_detector.type                   'RIGAKU RAXIS VII' 
_diffrn_detector.pdbx_collection_date   2006-08-16 
_diffrn_detector.details                ? 
# 
_diffrn_radiation.diffrn_id                        1 
_diffrn_radiation.wavelength_id                    1 
_diffrn_radiation.pdbx_monochromatic_or_laue_m_l   M 
_diffrn_radiation.monochromator                    ? 
_diffrn_radiation.pdbx_diffrn_protocol             'SINGLE WAVELENGTH' 
_diffrn_radiation.pdbx_scattering_type             x-ray 
# 
_diffrn_radiation_wavelength.id           1 
_diffrn_radiation_wavelength.wavelength   1.5418 
_diffrn_radiation_wavelength.wt           1.0 
# 
_diffrn_source.diffrn_id                   1 
_diffrn_source.source                      'ROTATING ANODE' 
_diffrn_source.type                        'RIGAKU ULTRAX 18' 
_diffrn_source.pdbx_synchrotron_site       ? 
_diffrn_source.pdbx_synchrotron_beamline   ? 
_diffrn_source.pdbx_wavelength             ? 
_diffrn_source.pdbx_wavelength_list        1.5418 
# 
_reflns.entry_id                     3A1F 
_reflns.observed_criterion_sigma_I   -3 
_reflns.observed_criterion_sigma_F   0 
_reflns.d_resolution_low             50 
_reflns.d_resolution_high            2.0 
_reflns.number_obs                   13234 
_reflns.number_all                   13234 
_reflns.percent_possible_obs         99.9 
_reflns.pdbx_Rmerge_I_obs            0.036 
_reflns.pdbx_Rsym_value              ? 
_reflns.pdbx_netI_over_sigmaI        ? 
_reflns.B_iso_Wilson_estimate        24.7 
_reflns.pdbx_redundancy              10.3 
_reflns.R_free_details               ? 
_reflns.limit_h_max                  ? 
_reflns.limit_h_min                  ? 
_reflns.limit_k_max                  ? 
_reflns.limit_k_min                  ? 
_reflns.limit_l_max                  ? 
_reflns.limit_l_min                  ? 
_reflns.observed_criterion_F_max     ? 
_reflns.observed_criterion_F_min     ? 
_reflns.pdbx_chi_squared             ? 
_reflns.pdbx_scaling_rejects         ? 
_reflns.pdbx_diffrn_id               1 
_reflns.pdbx_ordinal                 1 
# 
_reflns_shell.d_res_high             2.00 
_reflns_shell.d_res_low              2.07 
_reflns_shell.percent_possible_all   100 
_reflns_shell.Rmerge_I_obs           0.294 
_reflns_shell.pdbx_Rsym_value        ? 
_reflns_shell.meanI_over_sigI_obs    9.4 
_reflns_shell.pdbx_redundancy        ? 
_reflns_shell.percent_possible_obs   ? 
_reflns_shell.number_unique_all      ? 
_reflns_shell.number_measured_all    ? 
_reflns_shell.number_measured_obs    ? 
_reflns_shell.number_unique_obs      ? 
_reflns_shell.pdbx_chi_squared       ? 
_reflns_shell.pdbx_diffrn_id         ? 
_reflns_shell.pdbx_ordinal           1 
# 
_refine.entry_id                                 3A1F 
_refine.ls_number_reflns_obs                     12857 
_refine.ls_number_reflns_all                     12857 
_refine.pdbx_ls_sigma_I                          ? 
_refine.pdbx_ls_sigma_F                          0.0 
_refine.pdbx_data_cutoff_high_absF               202908.86 
_refine.pdbx_data_cutoff_low_absF                0.000000 
_refine.pdbx_data_cutoff_high_rms_absF           ? 
_refine.ls_d_res_low                             28.48 
_refine.ls_d_res_high                            2.00 
_refine.ls_percent_reflns_obs                    97.3 
_refine.ls_R_factor_obs                          0.237 
_refine.ls_R_factor_all                          ? 
_refine.ls_R_factor_R_work                       0.237 
_refine.ls_R_factor_R_free                       0.277 
_refine.ls_R_factor_R_free_error                 0.008 
_refine.ls_R_factor_R_free_error_details         ? 
_refine.ls_percent_reflns_R_free                 10.4 
_refine.ls_number_reflns_R_free                  1331 
_refine.ls_number_parameters                     ? 
_refine.ls_number_restraints                     ? 
_refine.occupancy_min                            ? 
_refine.occupancy_max                            ? 
_refine.correlation_coeff_Fo_to_Fc               ? 
_refine.correlation_coeff_Fo_to_Fc_free          ? 
_refine.B_iso_mean                               36.8 
_refine.aniso_B[1][1]                            -3.54 
_refine.aniso_B[2][2]                            -3.54 
_refine.aniso_B[3][3]                            7.07 
_refine.aniso_B[1][2]                            0.00 
_refine.aniso_B[1][3]                            0.00 
_refine.aniso_B[2][3]                            0.00 
_refine.solvent_model_details                    'FLAT MODEL' 
_refine.solvent_model_param_ksol                 0.4 
_refine.solvent_model_param_bsol                 64.4501 
_refine.pdbx_solvent_vdw_probe_radii             ? 
_refine.pdbx_solvent_ion_probe_radii             ? 
_refine.pdbx_solvent_shrinkage_radii             ? 
_refine.pdbx_ls_cross_valid_method               THROUGHOUT 
_refine.details                                  'BULK SOLVENT MODEL USED' 
_refine.pdbx_starting_model                      ? 
_refine.pdbx_method_to_determine_struct          SAD 
_refine.pdbx_isotropic_thermal_model             RESTRAINED 
_refine.pdbx_stereochemistry_target_values       'Engh & Huber' 
_refine.pdbx_stereochem_target_val_spec_case     ? 
_refine.pdbx_R_Free_selection_details            RANDOM 
_refine.pdbx_overall_ESU_R_Free                  ? 
_refine.overall_SU_ML                            ? 
_refine.overall_SU_B                             ? 
_refine.ls_redundancy_reflns_obs                 ? 
_refine.B_iso_min                                ? 
_refine.B_iso_max                                ? 
_refine.overall_SU_R_Cruickshank_DPI             ? 
_refine.overall_SU_R_free                        ? 
_refine.ls_wR_factor_R_free                      ? 
_refine.ls_wR_factor_R_work                      ? 
_refine.overall_FOM_free_R_set                   ? 
_refine.overall_FOM_work_R_set                   ? 
_refine.pdbx_refine_id                           'X-RAY DIFFRACTION' 
_refine.pdbx_overall_phase_error                 ? 
_refine.pdbx_overall_ESU_R                       ? 
_refine.pdbx_diffrn_id                           1 
_refine.pdbx_TLS_residual_ADP_flag               ? 
_refine.pdbx_overall_SU_R_free_Cruickshank_DPI   ? 
_refine.pdbx_overall_SU_R_Blow_DPI               ? 
_refine.pdbx_overall_SU_R_free_Blow_DPI          ? 
# 
_refine_analyze.entry_id                        3A1F 
_refine_analyze.Luzzati_coordinate_error_obs    0.28 
_refine_analyze.Luzzati_sigma_a_obs             0.22 
_refine_analyze.Luzzati_d_res_low_obs           5.00 
_refine_analyze.Luzzati_coordinate_error_free   0.35 
_refine_analyze.Luzzati_sigma_a_free            0.26 
_refine_analyze.Luzzati_d_res_low_free          ? 
_refine_analyze.number_disordered_residues      ? 
_refine_analyze.occupancy_sum_hydrogen          ? 
_refine_analyze.occupancy_sum_non_hydrogen      ? 
_refine_analyze.pdbx_Luzzati_d_res_high_obs     ? 
_refine_analyze.pdbx_refine_id                  'X-RAY DIFFRACTION' 
# 
_refine_hist.pdbx_refine_id                   'X-RAY DIFFRACTION' 
_refine_hist.cycle_id                         LAST 
_refine_hist.pdbx_number_atoms_protein        1277 
_refine_hist.pdbx_number_atoms_nucleic_acid   0 
_refine_hist.pdbx_number_atoms_ligand         7 
_refine_hist.number_atoms_solvent             72 
_refine_hist.number_atoms_total               1356 
_refine_hist.d_res_high                       2.00 
_refine_hist.d_res_low                        28.48 
# 
loop_
_refine_ls_restr.type 
_refine_ls_restr.dev_ideal 
_refine_ls_restr.dev_ideal_target 
_refine_ls_restr.weight 
_refine_ls_restr.number 
_refine_ls_restr.pdbx_refine_id 
_refine_ls_restr.pdbx_restraint_function 
c_bond_d           0.006 ?    ? ? 'X-RAY DIFFRACTION' ? 
c_angle_deg        1.2   ?    ? ? 'X-RAY DIFFRACTION' ? 
c_dihedral_angle_d 23.6  ?    ? ? 'X-RAY DIFFRACTION' ? 
c_improper_angle_d 0.67  ?    ? ? 'X-RAY DIFFRACTION' ? 
c_mcbond_it        1.52  1.50 ? ? 'X-RAY DIFFRACTION' ? 
c_mcangle_it       2.33  2.00 ? ? 'X-RAY DIFFRACTION' ? 
c_scbond_it        2.06  2.00 ? ? 'X-RAY DIFFRACTION' ? 
c_scangle_it       2.97  2.50 ? ? 'X-RAY DIFFRACTION' ? 
# 
_refine_ls_shell.pdbx_total_number_of_bins_used   6 
_refine_ls_shell.d_res_high                       2.00 
_refine_ls_shell.d_res_low                        2.13 
_refine_ls_shell.number_reflns_R_work             1808 
_refine_ls_shell.R_factor_R_work                  0.276 
_refine_ls_shell.percent_reflns_obs               94.6 
_refine_ls_shell.R_factor_R_free                  0.3 
_refine_ls_shell.R_factor_R_free_error            0.020 
_refine_ls_shell.percent_reflns_R_free            10.6 
_refine_ls_shell.number_reflns_R_free             215 
_refine_ls_shell.number_reflns_all                ? 
_refine_ls_shell.R_factor_all                     ? 
_refine_ls_shell.number_reflns_obs                ? 
_refine_ls_shell.redundancy_reflns_obs            ? 
_refine_ls_shell.pdbx_refine_id                   'X-RAY DIFFRACTION' 
# 
loop_
_pdbx_xplor_file.serial_no 
_pdbx_xplor_file.param_file 
_pdbx_xplor_file.topol_file 
_pdbx_xplor_file.pdbx_refine_id 
1 protein_rep.param protein.top 'X-RAY DIFFRACTION' 
2 dna-rna_rep.param dna-rna.top 'X-RAY DIFFRACTION' 
3 water_rep.param   water.top   'X-RAY DIFFRACTION' 
4 ion.param         ion.top     'X-RAY DIFFRACTION' 
# 
_struct.entry_id                  3A1F 
_struct.title                     'The crystal structure of NADPH binding domain of gp91(phox)' 
_struct.pdbx_model_details        ? 
_struct.pdbx_CASP_flag            ? 
_struct.pdbx_model_type_details   ? 
# 
_struct_keywords.entry_id        3A1F 
_struct_keywords.pdbx_keywords   OXIDOREDUCTASE 
_struct_keywords.text            'gp91(phox), NADPH binding domain, OXIDOREDUCTASE' 
# 
loop_
_struct_asym.id 
_struct_asym.pdbx_blank_PDB_chainid_flag 
_struct_asym.pdbx_modified 
_struct_asym.entity_id 
_struct_asym.details 
A N N 1 ? 
B N N 2 ? 
C N N 2 ? 
D N N 2 ? 
E N N 2 ? 
F N N 2 ? 
G N N 2 ? 
H N N 2 ? 
I N N 3 ? 
# 
_struct_ref.id                         1 
_struct_ref.db_name                    UNP 
_struct_ref.db_code                    CY24B_HUMAN 
_struct_ref.pdbx_db_accession          P04839 
_struct_ref.entity_id                  1 
_struct_ref.pdbx_seq_one_letter_code   
;IAVDGPFGTASEDVFSYEVVMLVGAGIGVTPFASILKSVWYKYCNNATNLKLKKIYFYWLCRDTHAFEWFADLLQLLESQ
MQERNNAGFLSYNIYLTGWDESQANHFAVHHDEEKDVITGLKQKTLYGRPNWDNEFKTIASQHPNTRIGVFLCGPEALAE
TLSKQSISNSESGPRGVHFIFNKENF
;
_struct_ref.pdbx_align_begin           385 
_struct_ref.pdbx_db_isoform            ? 
# 
_struct_ref_seq.align_id                      1 
_struct_ref_seq.ref_id                        1 
_struct_ref_seq.pdbx_PDB_id_code              3A1F 
_struct_ref_seq.pdbx_strand_id                A 
_struct_ref_seq.seq_align_beg                 1 
_struct_ref_seq.pdbx_seq_align_beg_ins_code   ? 
_struct_ref_seq.seq_align_end                 186 
_struct_ref_seq.pdbx_seq_align_end_ins_code   ? 
_struct_ref_seq.pdbx_db_accession             P04839 
_struct_ref_seq.db_align_beg                  385 
_struct_ref_seq.pdbx_db_align_beg_ins_code    ? 
_struct_ref_seq.db_align_end                  570 
_struct_ref_seq.pdbx_db_align_end_ins_code    ? 
_struct_ref_seq.pdbx_auth_seq_align_beg       1 
_struct_ref_seq.pdbx_auth_seq_align_end       186 
# 
_pdbx_struct_assembly.id                   1 
_pdbx_struct_assembly.details              author_and_software_defined_assembly 
_pdbx_struct_assembly.method_details       PISA 
_pdbx_struct_assembly.oligomeric_details   monomeric 
_pdbx_struct_assembly.oligomeric_count     1 
# 
_pdbx_struct_assembly_gen.assembly_id       1 
_pdbx_struct_assembly_gen.oper_expression   1 
_pdbx_struct_assembly_gen.asym_id_list      A,B,C,D,E,F,G,H,I 
# 
_pdbx_struct_oper_list.id                   1 
_pdbx_struct_oper_list.type                 'identity operation' 
_pdbx_struct_oper_list.name                 1_555 
_pdbx_struct_oper_list.symmetry_operation   x,y,z 
_pdbx_struct_oper_list.matrix[1][1]         1.0000000000 
_pdbx_struct_oper_list.matrix[1][2]         0.0000000000 
_pdbx_struct_oper_list.matrix[1][3]         0.0000000000 
_pdbx_struct_oper_list.vector[1]            0.0000000000 
_pdbx_struct_oper_list.matrix[2][1]         0.0000000000 
_pdbx_struct_oper_list.matrix[2][2]         1.0000000000 
_pdbx_struct_oper_list.matrix[2][3]         0.0000000000 
_pdbx_struct_oper_list.vector[2]            0.0000000000 
_pdbx_struct_oper_list.matrix[3][1]         0.0000000000 
_pdbx_struct_oper_list.matrix[3][2]         0.0000000000 
_pdbx_struct_oper_list.matrix[3][3]         1.0000000000 
_pdbx_struct_oper_list.vector[3]            0.0000000000 
# 
_struct_biol.id        1 
_struct_biol.details   ? 
# 
loop_
_struct_conf.conf_type_id 
_struct_conf.id 
_struct_conf.pdbx_PDB_helix_id 
_struct_conf.beg_label_comp_id 
_struct_conf.beg_label_asym_id 
_struct_conf.beg_label_seq_id 
_struct_conf.pdbx_beg_PDB_ins_code 
_struct_conf.end_label_comp_id 
_struct_conf.end_label_asym_id 
_struct_conf.end_label_seq_id 
_struct_conf.pdbx_end_PDB_ins_code 
_struct_conf.beg_auth_comp_id 
_struct_conf.beg_auth_asym_id 
_struct_conf.beg_auth_seq_id 
_struct_conf.end_auth_comp_id 
_struct_conf.end_auth_asym_id 
_struct_conf.end_auth_seq_id 
_struct_conf.pdbx_PDB_helix_class 
_struct_conf.details 
_struct_conf.pdbx_PDB_helix_length 
HELX_P HELX_P1 1 GLY A 8   ? PHE A 15  ? GLY A 8   PHE A 15  1 ? 8  
HELX_P HELX_P2 2 GLY A 28  ? ASN A 46  ? GLY A 28  ASN A 46  1 ? 19 
HELX_P HELX_P3 3 PHE A 67  ? ARG A 84  ? PHE A 67  ARG A 84  1 ? 18 
HELX_P HELX_P4 4 ASN A 131 ? HIS A 143 ? ASN A 131 HIS A 143 1 ? 13 
HELX_P HELX_P5 5 PRO A 155 ? ASN A 169 ? PRO A 155 ASN A 169 1 ? 15 
# 
_struct_conf_type.id          HELX_P 
_struct_conf_type.criteria    ? 
_struct_conf_type.reference   ? 
# 
_struct_sheet.id               A 
_struct_sheet.type             ? 
_struct_sheet.number_strands   6 
_struct_sheet.details          ? 
# 
loop_
_struct_sheet_order.sheet_id 
_struct_sheet_order.range_id_1 
_struct_sheet_order.range_id_2 
_struct_sheet_order.offset 
_struct_sheet_order.sense 
A 1 2 ? parallel 
A 2 3 ? parallel 
A 3 4 ? parallel 
A 4 5 ? parallel 
A 5 6 ? parallel 
# 
loop_
_struct_sheet_range.sheet_id 
_struct_sheet_range.id 
_struct_sheet_range.beg_label_comp_id 
_struct_sheet_range.beg_label_asym_id 
_struct_sheet_range.beg_label_seq_id 
_struct_sheet_range.pdbx_beg_PDB_ins_code 
_struct_sheet_range.end_label_comp_id 
_struct_sheet_range.end_label_asym_id 
_struct_sheet_range.end_label_seq_id 
_struct_sheet_range.pdbx_end_PDB_ins_code 
_struct_sheet_range.beg_auth_comp_id 
_struct_sheet_range.beg_auth_asym_id 
_struct_sheet_range.beg_auth_seq_id 
_struct_sheet_range.end_auth_comp_id 
_struct_sheet_range.end_auth_asym_id 
_struct_sheet_range.end_auth_seq_id 
A 1 THR A 125 ? TYR A 127 ? THR A 125 TYR A 127 
A 2 LEU A 90  ? LEU A 96  ? LEU A 90  LEU A 96  
A 3 LYS A 54  ? CYS A 61  ? LYS A 54  CYS A 61  
A 4 VAL A 19  ? ALA A 25  ? VAL A 19  ALA A 25  
A 5 ARG A 147 ? CYS A 153 ? ARG A 147 CYS A 153 
A 6 HIS A 178 ? ASN A 182 ? HIS A 178 ASN A 182 
# 
loop_
_pdbx_struct_sheet_hbond.sheet_id 
_pdbx_struct_sheet_hbond.range_id_1 
_pdbx_struct_sheet_hbond.range_id_2 
_pdbx_struct_sheet_hbond.range_1_label_atom_id 
_pdbx_struct_sheet_hbond.range_1_label_comp_id 
_pdbx_struct_sheet_hbond.range_1_label_asym_id 
_pdbx_struct_sheet_hbond.range_1_label_seq_id 
_pdbx_struct_sheet_hbond.range_1_PDB_ins_code 
_pdbx_struct_sheet_hbond.range_1_auth_atom_id 
_pdbx_struct_sheet_hbond.range_1_auth_comp_id 
_pdbx_struct_sheet_hbond.range_1_auth_asym_id 
_pdbx_struct_sheet_hbond.range_1_auth_seq_id 
_pdbx_struct_sheet_hbond.range_2_label_atom_id 
_pdbx_struct_sheet_hbond.range_2_label_comp_id 
_pdbx_struct_sheet_hbond.range_2_label_asym_id 
_pdbx_struct_sheet_hbond.range_2_label_seq_id 
_pdbx_struct_sheet_hbond.range_2_PDB_ins_code 
_pdbx_struct_sheet_hbond.range_2_auth_atom_id 
_pdbx_struct_sheet_hbond.range_2_auth_comp_id 
_pdbx_struct_sheet_hbond.range_2_auth_asym_id 
_pdbx_struct_sheet_hbond.range_2_auth_seq_id 
A 1 2 O LEU A 126 ? O LEU A 126 N ILE A 94  ? N ILE A 94  
A 2 3 O TYR A 95  ? O TYR A 95  N TRP A 59  ? N TRP A 59  
A 3 4 O TYR A 58  ? O TYR A 58  N LEU A 22  ? N LEU A 22  
A 4 5 N MET A 21  ? N MET A 21  O PHE A 151 ? O PHE A 151 
A 5 6 N ILE A 148 ? N ILE A 148 O HIS A 178 ? O HIS A 178 
# 
loop_
_struct_site.id 
_struct_site.pdbx_evidence_code 
_struct_site.pdbx_auth_asym_id 
_struct_site.pdbx_auth_comp_id 
_struct_site.pdbx_auth_seq_id 
_struct_site.pdbx_auth_ins_code 
_struct_site.pdbx_num_residues 
_struct_site.details 
AC1 Software A NI 187 ? 4 'BINDING SITE FOR RESIDUE NI A 187' 
AC2 Software A NI 188 ? 5 'BINDING SITE FOR RESIDUE NI A 188' 
AC3 Software A NI 189 ? 7 'BINDING SITE FOR RESIDUE NI A 189' 
AC4 Software A NI 190 ? 5 'BINDING SITE FOR RESIDUE NI A 190' 
AC5 Software A NI 191 ? 8 'BINDING SITE FOR RESIDUE NI A 191' 
AC6 Software A NI 192 ? 3 'BINDING SITE FOR RESIDUE NI A 192' 
AC7 Software A NI 193 ? 6 'BINDING SITE FOR RESIDUE NI A 193' 
# 
loop_
_struct_site_gen.id 
_struct_site_gen.site_id 
_struct_site_gen.pdbx_num_res 
_struct_site_gen.label_comp_id 
_struct_site_gen.label_asym_id 
_struct_site_gen.label_seq_id 
_struct_site_gen.pdbx_auth_ins_code 
_struct_site_gen.auth_comp_id 
_struct_site_gen.auth_asym_id 
_struct_site_gen.auth_seq_id 
_struct_site_gen.label_atom_id 
_struct_site_gen.label_alt_id 
_struct_site_gen.symmetry 
_struct_site_gen.details 
1  AC1 4 HIS A 178 ? HIS A 178 . ? 1_555 ? 
2  AC1 4 HOH I .   ? HOH A 231 . ? 1_555 ? 
3  AC1 4 HOH I .   ? HOH A 247 . ? 1_555 ? 
4  AC1 4 HOH I .   ? HOH A 248 . ? 1_555 ? 
5  AC2 5 THR A 48  ? THR A 48  . ? 5_445 ? 
6  AC2 5 HIS A 65  ? HIS A 65  . ? 1_555 ? 
7  AC2 5 HOH I .   ? HOH A 228 . ? 5_445 ? 
8  AC2 5 HOH I .   ? HOH A 252 . ? 1_555 ? 
9  AC2 5 HOH I .   ? HOH A 256 . ? 1_555 ? 
10 AC3 7 GLU A 12  ? GLU A 12  . ? 1_555 ? 
11 AC3 7 GLU A 68  ? GLU A 68  . ? 5_545 ? 
12 AC3 7 ASP A 72  ? ASP A 72  . ? 5_545 ? 
13 AC3 7 HOH I .   ? HOH A 224 . ? 5_545 ? 
14 AC3 7 HOH I .   ? HOH A 229 . ? 5_545 ? 
15 AC3 7 HOH I .   ? HOH A 238 . ? 5_545 ? 
16 AC3 7 HOH I .   ? HOH A 246 . ? 1_555 ? 
17 AC4 5 ILE A 1   ? ILE A 1   . ? 1_555 ? 
18 AC4 5 HOH I .   ? HOH A 225 . ? 1_555 ? 
19 AC4 5 HOH I .   ? HOH A 227 . ? 1_555 ? 
20 AC4 5 HOH I .   ? HOH A 233 . ? 1_555 ? 
21 AC4 5 HOH I .   ? HOH A 235 . ? 1_555 ? 
22 AC5 8 HOH I .   ? HOH A 221 . ? 1_555 ? 
23 AC5 8 HOH I .   ? HOH A 221 . ? 5_555 ? 
24 AC5 8 HOH I .   ? HOH A 249 . ? 1_555 ? 
25 AC5 8 HOH I .   ? HOH A 249 . ? 5_555 ? 
26 AC5 8 HOH I .   ? HOH A 250 . ? 5_555 ? 
27 AC5 8 HOH I .   ? HOH A 250 . ? 1_555 ? 
28 AC5 8 HOH I .   ? HOH A 251 . ? 5_555 ? 
29 AC5 8 HOH I .   ? HOH A 251 . ? 1_555 ? 
30 AC6 3 ASP A 13  ? ASP A 13  . ? 4_545 ? 
31 AC6 3 HOH I .   ? HOH A 254 . ? 4_545 ? 
32 AC6 3 HOH I .   ? HOH A 255 . ? 4_545 ? 
33 AC7 6 ALA A 2   ? ALA A 2   . ? 1_555 ? 
34 AC7 6 GLY A 5   ? GLY A 5   . ? 1_555 ? 
35 AC7 6 PRO A 6   ? PRO A 6   . ? 1_555 ? 
36 AC7 6 PHE A 7   ? PHE A 7   . ? 1_555 ? 
37 AC7 6 THR A 125 ? THR A 125 . ? 5_545 ? 
38 AC7 6 HOH I .   ? HOH A 204 . ? 5_545 ? 
# 
loop_
_pdbx_validate_torsion.id 
_pdbx_validate_torsion.PDB_model_num 
_pdbx_validate_torsion.auth_comp_id 
_pdbx_validate_torsion.auth_asym_id 
_pdbx_validate_torsion.auth_seq_id 
_pdbx_validate_torsion.PDB_ins_code 
_pdbx_validate_torsion.label_alt_id 
_pdbx_validate_torsion.phi 
_pdbx_validate_torsion.psi 
1 1 ARG A 84 ? ? -82.47  38.07 
2 1 ASN A 86 ? ? -155.79 21.81 
# 
loop_
_pdbx_struct_special_symmetry.id 
_pdbx_struct_special_symmetry.PDB_model_num 
_pdbx_struct_special_symmetry.auth_asym_id 
_pdbx_struct_special_symmetry.auth_comp_id 
_pdbx_struct_special_symmetry.auth_seq_id 
_pdbx_struct_special_symmetry.PDB_ins_code 
_pdbx_struct_special_symmetry.label_asym_id 
_pdbx_struct_special_symmetry.label_comp_id 
_pdbx_struct_special_symmetry.label_seq_id 
1 1 A NI  191 ? F NI  . 
2 1 A HOH 249 ? I HOH . 
3 1 A HOH 250 ? I HOH . 
# 
loop_
_pdbx_unobs_or_zero_occ_residues.id 
_pdbx_unobs_or_zero_occ_residues.PDB_model_num 
_pdbx_unobs_or_zero_occ_residues.polymer_flag 
_pdbx_unobs_or_zero_occ_residues.occupancy_flag 
_pdbx_unobs_or_zero_occ_residues.auth_asym_id 
_pdbx_unobs_or_zero_occ_residues.auth_comp_id 
_pdbx_unobs_or_zero_occ_residues.auth_seq_id 
_pdbx_unobs_or_zero_occ_residues.PDB_ins_code 
_pdbx_unobs_or_zero_occ_residues.label_asym_id 
_pdbx_unobs_or_zero_occ_residues.label_comp_id 
_pdbx_unobs_or_zero_occ_residues.label_seq_id 
1  1 Y 1 A ASP 100 ? A ASP 100 
2  1 Y 1 A GLU 101 ? A GLU 101 
3  1 Y 1 A SER 102 ? A SER 102 
4  1 Y 1 A GLN 103 ? A GLN 103 
5  1 Y 1 A ALA 104 ? A ALA 104 
6  1 Y 1 A ASN 105 ? A ASN 105 
7  1 Y 1 A HIS 106 ? A HIS 106 
8  1 Y 1 A PHE 107 ? A PHE 107 
9  1 Y 1 A ALA 108 ? A ALA 108 
10 1 Y 1 A VAL 109 ? A VAL 109 
11 1 Y 1 A HIS 110 ? A HIS 110 
12 1 Y 1 A HIS 111 ? A HIS 111 
13 1 Y 1 A ASP 112 ? A ASP 112 
14 1 Y 1 A GLU 113 ? A GLU 113 
15 1 Y 1 A GLU 114 ? A GLU 114 
16 1 Y 1 A LYS 115 ? A LYS 115 
17 1 Y 1 A ASP 116 ? A ASP 116 
18 1 Y 1 A VAL 117 ? A VAL 117 
19 1 Y 1 A ILE 118 ? A ILE 118 
20 1 Y 1 A THR 119 ? A THR 119 
21 1 Y 1 A GLY 120 ? A GLY 120 
22 1 Y 1 A LEU 121 ? A LEU 121 
23 1 Y 1 A LYS 122 ? A LYS 122 
# 
loop_
_chem_comp_atom.comp_id 
_chem_comp_atom.atom_id 
_chem_comp_atom.type_symbol 
_chem_comp_atom.pdbx_aromatic_flag 
_chem_comp_atom.pdbx_stereo_config 
_chem_comp_atom.pdbx_ordinal 
ALA N    N  N N 1   
ALA CA   C  N S 2   
ALA C    C  N N 3   
ALA O    O  N N 4   
ALA CB   C  N N 5   
ALA OXT  O  N N 6   
ALA H    H  N N 7   
ALA H2   H  N N 8   
ALA HA   H  N N 9   
ALA HB1  H  N N 10  
ALA HB2  H  N N 11  
ALA HB3  H  N N 12  
ALA HXT  H  N N 13  
ARG N    N  N N 14  
ARG CA   C  N S 15  
ARG C    C  N N 16  
ARG O    O  N N 17  
ARG CB   C  N N 18  
ARG CG   C  N N 19  
ARG CD   C  N N 20  
ARG NE   N  N N 21  
ARG CZ   C  N N 22  
ARG NH1  N  N N 23  
ARG NH2  N  N N 24  
ARG OXT  O  N N 25  
ARG H    H  N N 26  
ARG H2   H  N N 27  
ARG HA   H  N N 28  
ARG HB2  H  N N 29  
ARG HB3  H  N N 30  
ARG HG2  H  N N 31  
ARG HG3  H  N N 32  
ARG HD2  H  N N 33  
ARG HD3  H  N N 34  
ARG HE   H  N N 35  
ARG HH11 H  N N 36  
ARG HH12 H  N N 37  
ARG HH21 H  N N 38  
ARG HH22 H  N N 39  
ARG HXT  H  N N 40  
ASN N    N  N N 41  
ASN CA   C  N S 42  
ASN C    C  N N 43  
ASN O    O  N N 44  
ASN CB   C  N N 45  
ASN CG   C  N N 46  
ASN OD1  O  N N 47  
ASN ND2  N  N N 48  
ASN OXT  O  N N 49  
ASN H    H  N N 50  
ASN H2   H  N N 51  
ASN HA   H  N N 52  
ASN HB2  H  N N 53  
ASN HB3  H  N N 54  
ASN HD21 H  N N 55  
ASN HD22 H  N N 56  
ASN HXT  H  N N 57  
ASP N    N  N N 58  
ASP CA   C  N S 59  
ASP C    C  N N 60  
ASP O    O  N N 61  
ASP CB   C  N N 62  
ASP CG   C  N N 63  
ASP OD1  O  N N 64  
ASP OD2  O  N N 65  
ASP OXT  O  N N 66  
ASP H    H  N N 67  
ASP H2   H  N N 68  
ASP HA   H  N N 69  
ASP HB2  H  N N 70  
ASP HB3  H  N N 71  
ASP HD2  H  N N 72  
ASP HXT  H  N N 73  
CYS N    N  N N 74  
CYS CA   C  N R 75  
CYS C    C  N N 76  
CYS O    O  N N 77  
CYS CB   C  N N 78  
CYS SG   S  N N 79  
CYS OXT  O  N N 80  
CYS H    H  N N 81  
CYS H2   H  N N 82  
CYS HA   H  N N 83  
CYS HB2  H  N N 84  
CYS HB3  H  N N 85  
CYS HG   H  N N 86  
CYS HXT  H  N N 87  
GLN N    N  N N 88  
GLN CA   C  N S 89  
GLN C    C  N N 90  
GLN O    O  N N 91  
GLN CB   C  N N 92  
GLN CG   C  N N 93  
GLN CD   C  N N 94  
GLN OE1  O  N N 95  
GLN NE2  N  N N 96  
GLN OXT  O  N N 97  
GLN H    H  N N 98  
GLN H2   H  N N 99  
GLN HA   H  N N 100 
GLN HB2  H  N N 101 
GLN HB3  H  N N 102 
GLN HG2  H  N N 103 
GLN HG3  H  N N 104 
GLN HE21 H  N N 105 
GLN HE22 H  N N 106 
GLN HXT  H  N N 107 
GLU N    N  N N 108 
GLU CA   C  N S 109 
GLU C    C  N N 110 
GLU O    O  N N 111 
GLU CB   C  N N 112 
GLU CG   C  N N 113 
GLU CD   C  N N 114 
GLU OE1  O  N N 115 
GLU OE2  O  N N 116 
GLU OXT  O  N N 117 
GLU H    H  N N 118 
GLU H2   H  N N 119 
GLU HA   H  N N 120 
GLU HB2  H  N N 121 
GLU HB3  H  N N 122 
GLU HG2  H  N N 123 
GLU HG3  H  N N 124 
GLU HE2  H  N N 125 
GLU HXT  H  N N 126 
GLY N    N  N N 127 
GLY CA   C  N N 128 
GLY C    C  N N 129 
GLY O    O  N N 130 
GLY OXT  O  N N 131 
GLY H    H  N N 132 
GLY H2   H  N N 133 
GLY HA2  H  N N 134 
GLY HA3  H  N N 135 
GLY HXT  H  N N 136 
HIS N    N  N N 137 
HIS CA   C  N S 138 
HIS C    C  N N 139 
HIS O    O  N N 140 
HIS CB   C  N N 141 
HIS CG   C  Y N 142 
HIS ND1  N  Y N 143 
HIS CD2  C  Y N 144 
HIS CE1  C  Y N 145 
HIS NE2  N  Y N 146 
HIS OXT  O  N N 147 
HIS H    H  N N 148 
HIS H2   H  N N 149 
HIS HA   H  N N 150 
HIS HB2  H  N N 151 
HIS HB3  H  N N 152 
HIS HD1  H  N N 153 
HIS HD2  H  N N 154 
HIS HE1  H  N N 155 
HIS HE2  H  N N 156 
HIS HXT  H  N N 157 
HOH O    O  N N 158 
HOH H1   H  N N 159 
HOH H2   H  N N 160 
ILE N    N  N N 161 
ILE CA   C  N S 162 
ILE C    C  N N 163 
ILE O    O  N N 164 
ILE CB   C  N S 165 
ILE CG1  C  N N 166 
ILE CG2  C  N N 167 
ILE CD1  C  N N 168 
ILE OXT  O  N N 169 
ILE H    H  N N 170 
ILE H2   H  N N 171 
ILE HA   H  N N 172 
ILE HB   H  N N 173 
ILE HG12 H  N N 174 
ILE HG13 H  N N 175 
ILE HG21 H  N N 176 
ILE HG22 H  N N 177 
ILE HG23 H  N N 178 
ILE HD11 H  N N 179 
ILE HD12 H  N N 180 
ILE HD13 H  N N 181 
ILE HXT  H  N N 182 
LEU N    N  N N 183 
LEU CA   C  N S 184 
LEU C    C  N N 185 
LEU O    O  N N 186 
LEU CB   C  N N 187 
LEU CG   C  N N 188 
LEU CD1  C  N N 189 
LEU CD2  C  N N 190 
LEU OXT  O  N N 191 
LEU H    H  N N 192 
LEU H2   H  N N 193 
LEU HA   H  N N 194 
LEU HB2  H  N N 195 
LEU HB3  H  N N 196 
LEU HG   H  N N 197 
LEU HD11 H  N N 198 
LEU HD12 H  N N 199 
LEU HD13 H  N N 200 
LEU HD21 H  N N 201 
LEU HD22 H  N N 202 
LEU HD23 H  N N 203 
LEU HXT  H  N N 204 
LYS N    N  N N 205 
LYS CA   C  N S 206 
LYS C    C  N N 207 
LYS O    O  N N 208 
LYS CB   C  N N 209 
LYS CG   C  N N 210 
LYS CD   C  N N 211 
LYS CE   C  N N 212 
LYS NZ   N  N N 213 
LYS OXT  O  N N 214 
LYS H    H  N N 215 
LYS H2   H  N N 216 
LYS HA   H  N N 217 
LYS HB2  H  N N 218 
LYS HB3  H  N N 219 
LYS HG2  H  N N 220 
LYS HG3  H  N N 221 
LYS HD2  H  N N 222 
LYS HD3  H  N N 223 
LYS HE2  H  N N 224 
LYS HE3  H  N N 225 
LYS HZ1  H  N N 226 
LYS HZ2  H  N N 227 
LYS HZ3  H  N N 228 
LYS HXT  H  N N 229 
MET N    N  N N 230 
MET CA   C  N S 231 
MET C    C  N N 232 
MET O    O  N N 233 
MET CB   C  N N 234 
MET CG   C  N N 235 
MET SD   S  N N 236 
MET CE   C  N N 237 
MET OXT  O  N N 238 
MET H    H  N N 239 
MET H2   H  N N 240 
MET HA   H  N N 241 
MET HB2  H  N N 242 
MET HB3  H  N N 243 
MET HG2  H  N N 244 
MET HG3  H  N N 245 
MET HE1  H  N N 246 
MET HE2  H  N N 247 
MET HE3  H  N N 248 
MET HXT  H  N N 249 
NI  NI   NI N N 250 
PHE N    N  N N 251 
PHE CA   C  N S 252 
PHE C    C  N N 253 
PHE O    O  N N 254 
PHE CB   C  N N 255 
PHE CG   C  Y N 256 
PHE CD1  C  Y N 257 
PHE CD2  C  Y N 258 
PHE CE1  C  Y N 259 
PHE CE2  C  Y N 260 
PHE CZ   C  Y N 261 
PHE OXT  O  N N 262 
PHE H    H  N N 263 
PHE H2   H  N N 264 
PHE HA   H  N N 265 
PHE HB2  H  N N 266 
PHE HB3  H  N N 267 
PHE HD1  H  N N 268 
PHE HD2  H  N N 269 
PHE HE1  H  N N 270 
PHE HE2  H  N N 271 
PHE HZ   H  N N 272 
PHE HXT  H  N N 273 
PRO N    N  N N 274 
PRO CA   C  N S 275 
PRO C    C  N N 276 
PRO O    O  N N 277 
PRO CB   C  N N 278 
PRO CG   C  N N 279 
PRO CD   C  N N 280 
PRO OXT  O  N N 281 
PRO H    H  N N 282 
PRO HA   H  N N 283 
PRO HB2  H  N N 284 
PRO HB3  H  N N 285 
PRO HG2  H  N N 286 
PRO HG3  H  N N 287 
PRO HD2  H  N N 288 
PRO HD3  H  N N 289 
PRO HXT  H  N N 290 
SER N    N  N N 291 
SER CA   C  N S 292 
SER C    C  N N 293 
SER O    O  N N 294 
SER CB   C  N N 295 
SER OG   O  N N 296 
SER OXT  O  N N 297 
SER H    H  N N 298 
SER H2   H  N N 299 
SER HA   H  N N 300 
SER HB2  H  N N 301 
SER HB3  H  N N 302 
SER HG   H  N N 303 
SER HXT  H  N N 304 
THR N    N  N N 305 
THR CA   C  N S 306 
THR C    C  N N 307 
THR O    O  N N 308 
THR CB   C  N R 309 
THR OG1  O  N N 310 
THR CG2  C  N N 311 
THR OXT  O  N N 312 
THR H    H  N N 313 
THR H2   H  N N 314 
THR HA   H  N N 315 
THR HB   H  N N 316 
THR HG1  H  N N 317 
THR HG21 H  N N 318 
THR HG22 H  N N 319 
THR HG23 H  N N 320 
THR HXT  H  N N 321 
TRP N    N  N N 322 
TRP CA   C  N S 323 
TRP C    C  N N 324 
TRP O    O  N N 325 
TRP CB   C  N N 326 
TRP CG   C  Y N 327 
TRP CD1  C  Y N 328 
TRP CD2  C  Y N 329 
TRP NE1  N  Y N 330 
TRP CE2  C  Y N 331 
TRP CE3  C  Y N 332 
TRP CZ2  C  Y N 333 
TRP CZ3  C  Y N 334 
TRP CH2  C  Y N 335 
TRP OXT  O  N N 336 
TRP H    H  N N 337 
TRP H2   H  N N 338 
TRP HA   H  N N 339 
TRP HB2  H  N N 340 
TRP HB3  H  N N 341 
TRP HD1  H  N N 342 
TRP HE1  H  N N 343 
TRP HE3  H  N N 344 
TRP HZ2  H  N N 345 
TRP HZ3  H  N N 346 
TRP HH2  H  N N 347 
TRP HXT  H  N N 348 
TYR N    N  N N 349 
TYR CA   C  N S 350 
TYR C    C  N N 351 
TYR O    O  N N 352 
TYR CB   C  N N 353 
TYR CG   C  Y N 354 
TYR CD1  C  Y N 355 
TYR CD2  C  Y N 356 
TYR CE1  C  Y N 357 
TYR CE2  C  Y N 358 
TYR CZ   C  Y N 359 
TYR OH   O  N N 360 
TYR OXT  O  N N 361 
TYR H    H  N N 362 
TYR H2   H  N N 363 
TYR HA   H  N N 364 
TYR HB2  H  N N 365 
TYR HB3  H  N N 366 
TYR HD1  H  N N 367 
TYR HD2  H  N N 368 
TYR HE1  H  N N 369 
TYR HE2  H  N N 370 
TYR HH   H  N N 371 
TYR HXT  H  N N 372 
VAL N    N  N N 373 
VAL CA   C  N S 374 
VAL C    C  N N 375 
VAL O    O  N N 376 
VAL CB   C  N N 377 
VAL CG1  C  N N 378 
VAL CG2  C  N N 379 
VAL OXT  O  N N 380 
VAL H    H  N N 381 
VAL H2   H  N N 382 
VAL HA   H  N N 383 
VAL HB   H  N N 384 
VAL HG11 H  N N 385 
VAL HG12 H  N N 386 
VAL HG13 H  N N 387 
VAL HG21 H  N N 388 
VAL HG22 H  N N 389 
VAL HG23 H  N N 390 
VAL HXT  H  N N 391 
# 
loop_
_chem_comp_bond.comp_id 
_chem_comp_bond.atom_id_1 
_chem_comp_bond.atom_id_2 
_chem_comp_bond.value_order 
_chem_comp_bond.pdbx_aromatic_flag 
_chem_comp_bond.pdbx_stereo_config 
_chem_comp_bond.pdbx_ordinal 
ALA N   CA   sing N N 1   
ALA N   H    sing N N 2   
ALA N   H2   sing N N 3   
ALA CA  C    sing N N 4   
ALA CA  CB   sing N N 5   
ALA CA  HA   sing N N 6   
ALA C   O    doub N N 7   
ALA C   OXT  sing N N 8   
ALA CB  HB1  sing N N 9   
ALA CB  HB2  sing N N 10  
ALA CB  HB3  sing N N 11  
ALA OXT HXT  sing N N 12  
ARG N   CA   sing N N 13  
ARG N   H    sing N N 14  
ARG N   H2   sing N N 15  
ARG CA  C    sing N N 16  
ARG CA  CB   sing N N 17  
ARG CA  HA   sing N N 18  
ARG C   O    doub N N 19  
ARG C   OXT  sing N N 20  
ARG CB  CG   sing N N 21  
ARG CB  HB2  sing N N 22  
ARG CB  HB3  sing N N 23  
ARG CG  CD   sing N N 24  
ARG CG  HG2  sing N N 25  
ARG CG  HG3  sing N N 26  
ARG CD  NE   sing N N 27  
ARG CD  HD2  sing N N 28  
ARG CD  HD3  sing N N 29  
ARG NE  CZ   sing N N 30  
ARG NE  HE   sing N N 31  
ARG CZ  NH1  sing N N 32  
ARG CZ  NH2  doub N N 33  
ARG NH1 HH11 sing N N 34  
ARG NH1 HH12 sing N N 35  
ARG NH2 HH21 sing N N 36  
ARG NH2 HH22 sing N N 37  
ARG OXT HXT  sing N N 38  
ASN N   CA   sing N N 39  
ASN N   H    sing N N 40  
ASN N   H2   sing N N 41  
ASN CA  C    sing N N 42  
ASN CA  CB   sing N N 43  
ASN CA  HA   sing N N 44  
ASN C   O    doub N N 45  
ASN C   OXT  sing N N 46  
ASN CB  CG   sing N N 47  
ASN CB  HB2  sing N N 48  
ASN CB  HB3  sing N N 49  
ASN CG  OD1  doub N N 50  
ASN CG  ND2  sing N N 51  
ASN ND2 HD21 sing N N 52  
ASN ND2 HD22 sing N N 53  
ASN OXT HXT  sing N N 54  
ASP N   CA   sing N N 55  
ASP N   H    sing N N 56  
ASP N   H2   sing N N 57  
ASP CA  C    sing N N 58  
ASP CA  CB   sing N N 59  
ASP CA  HA   sing N N 60  
ASP C   O    doub N N 61  
ASP C   OXT  sing N N 62  
ASP CB  CG   sing N N 63  
ASP CB  HB2  sing N N 64  
ASP CB  HB3  sing N N 65  
ASP CG  OD1  doub N N 66  
ASP CG  OD2  sing N N 67  
ASP OD2 HD2  sing N N 68  
ASP OXT HXT  sing N N 69  
CYS N   CA   sing N N 70  
CYS N   H    sing N N 71  
CYS N   H2   sing N N 72  
CYS CA  C    sing N N 73  
CYS CA  CB   sing N N 74  
CYS CA  HA   sing N N 75  
CYS C   O    doub N N 76  
CYS C   OXT  sing N N 77  
CYS CB  SG   sing N N 78  
CYS CB  HB2  sing N N 79  
CYS CB  HB3  sing N N 80  
CYS SG  HG   sing N N 81  
CYS OXT HXT  sing N N 82  
GLN N   CA   sing N N 83  
GLN N   H    sing N N 84  
GLN N   H2   sing N N 85  
GLN CA  C    sing N N 86  
GLN CA  CB   sing N N 87  
GLN CA  HA   sing N N 88  
GLN C   O    doub N N 89  
GLN C   OXT  sing N N 90  
GLN CB  CG   sing N N 91  
GLN CB  HB2  sing N N 92  
GLN CB  HB3  sing N N 93  
GLN CG  CD   sing N N 94  
GLN CG  HG2  sing N N 95  
GLN CG  HG3  sing N N 96  
GLN CD  OE1  doub N N 97  
GLN CD  NE2  sing N N 98  
GLN NE2 HE21 sing N N 99  
GLN NE2 HE22 sing N N 100 
GLN OXT HXT  sing N N 101 
GLU N   CA   sing N N 102 
GLU N   H    sing N N 103 
GLU N   H2   sing N N 104 
GLU CA  C    sing N N 105 
GLU CA  CB   sing N N 106 
GLU CA  HA   sing N N 107 
GLU C   O    doub N N 108 
GLU C   OXT  sing N N 109 
GLU CB  CG   sing N N 110 
GLU CB  HB2  sing N N 111 
GLU CB  HB3  sing N N 112 
GLU CG  CD   sing N N 113 
GLU CG  HG2  sing N N 114 
GLU CG  HG3  sing N N 115 
GLU CD  OE1  doub N N 116 
GLU CD  OE2  sing N N 117 
GLU OE2 HE2  sing N N 118 
GLU OXT HXT  sing N N 119 
GLY N   CA   sing N N 120 
GLY N   H    sing N N 121 
GLY N   H2   sing N N 122 
GLY CA  C    sing N N 123 
GLY CA  HA2  sing N N 124 
GLY CA  HA3  sing N N 125 
GLY C   O    doub N N 126 
GLY C   OXT  sing N N 127 
GLY OXT HXT  sing N N 128 
HIS N   CA   sing N N 129 
HIS N   H    sing N N 130 
HIS N   H2   sing N N 131 
HIS CA  C    sing N N 132 
HIS CA  CB   sing N N 133 
HIS CA  HA   sing N N 134 
HIS C   O    doub N N 135 
HIS C   OXT  sing N N 136 
HIS CB  CG   sing N N 137 
HIS CB  HB2  sing N N 138 
HIS CB  HB3  sing N N 139 
HIS CG  ND1  sing Y N 140 
HIS CG  CD2  doub Y N 141 
HIS ND1 CE1  doub Y N 142 
HIS ND1 HD1  sing N N 143 
HIS CD2 NE2  sing Y N 144 
HIS CD2 HD2  sing N N 145 
HIS CE1 NE2  sing Y N 146 
HIS CE1 HE1  sing N N 147 
HIS NE2 HE2  sing N N 148 
HIS OXT HXT  sing N N 149 
HOH O   H1   sing N N 150 
HOH O   H2   sing N N 151 
ILE N   CA   sing N N 152 
ILE N   H    sing N N 153 
ILE N   H2   sing N N 154 
ILE CA  C    sing N N 155 
ILE CA  CB   sing N N 156 
ILE CA  HA   sing N N 157 
ILE C   O    doub N N 158 
ILE C   OXT  sing N N 159 
ILE CB  CG1  sing N N 160 
ILE CB  CG2  sing N N 161 
ILE CB  HB   sing N N 162 
ILE CG1 CD1  sing N N 163 
ILE CG1 HG12 sing N N 164 
ILE CG1 HG13 sing N N 165 
ILE CG2 HG21 sing N N 166 
ILE CG2 HG22 sing N N 167 
ILE CG2 HG23 sing N N 168 
ILE CD1 HD11 sing N N 169 
ILE CD1 HD12 sing N N 170 
ILE CD1 HD13 sing N N 171 
ILE OXT HXT  sing N N 172 
LEU N   CA   sing N N 173 
LEU N   H    sing N N 174 
LEU N   H2   sing N N 175 
LEU CA  C    sing N N 176 
LEU CA  CB   sing N N 177 
LEU CA  HA   sing N N 178 
LEU C   O    doub N N 179 
LEU C   OXT  sing N N 180 
LEU CB  CG   sing N N 181 
LEU CB  HB2  sing N N 182 
LEU CB  HB3  sing N N 183 
LEU CG  CD1  sing N N 184 
LEU CG  CD2  sing N N 185 
LEU CG  HG   sing N N 186 
LEU CD1 HD11 sing N N 187 
LEU CD1 HD12 sing N N 188 
LEU CD1 HD13 sing N N 189 
LEU CD2 HD21 sing N N 190 
LEU CD2 HD22 sing N N 191 
LEU CD2 HD23 sing N N 192 
LEU OXT HXT  sing N N 193 
LYS N   CA   sing N N 194 
LYS N   H    sing N N 195 
LYS N   H2   sing N N 196 
LYS CA  C    sing N N 197 
LYS CA  CB   sing N N 198 
LYS CA  HA   sing N N 199 
LYS C   O    doub N N 200 
LYS C   OXT  sing N N 201 
LYS CB  CG   sing N N 202 
LYS CB  HB2  sing N N 203 
LYS CB  HB3  sing N N 204 
LYS CG  CD   sing N N 205 
LYS CG  HG2  sing N N 206 
LYS CG  HG3  sing N N 207 
LYS CD  CE   sing N N 208 
LYS CD  HD2  sing N N 209 
LYS CD  HD3  sing N N 210 
LYS CE  NZ   sing N N 211 
LYS CE  HE2  sing N N 212 
LYS CE  HE3  sing N N 213 
LYS NZ  HZ1  sing N N 214 
LYS NZ  HZ2  sing N N 215 
LYS NZ  HZ3  sing N N 216 
LYS OXT HXT  sing N N 217 
MET N   CA   sing N N 218 
MET N   H    sing N N 219 
MET N   H2   sing N N 220 
MET CA  C    sing N N 221 
MET CA  CB   sing N N 222 
MET CA  HA   sing N N 223 
MET C   O    doub N N 224 
MET C   OXT  sing N N 225 
MET CB  CG   sing N N 226 
MET CB  HB2  sing N N 227 
MET CB  HB3  sing N N 228 
MET CG  SD   sing N N 229 
MET CG  HG2  sing N N 230 
MET CG  HG3  sing N N 231 
MET SD  CE   sing N N 232 
MET CE  HE1  sing N N 233 
MET CE  HE2  sing N N 234 
MET CE  HE3  sing N N 235 
MET OXT HXT  sing N N 236 
PHE N   CA   sing N N 237 
PHE N   H    sing N N 238 
PHE N   H2   sing N N 239 
PHE CA  C    sing N N 240 
PHE CA  CB   sing N N 241 
PHE CA  HA   sing N N 242 
PHE C   O    doub N N 243 
PHE C   OXT  sing N N 244 
PHE CB  CG   sing N N 245 
PHE CB  HB2  sing N N 246 
PHE CB  HB3  sing N N 247 
PHE CG  CD1  doub Y N 248 
PHE CG  CD2  sing Y N 249 
PHE CD1 CE1  sing Y N 250 
PHE CD1 HD1  sing N N 251 
PHE CD2 CE2  doub Y N 252 
PHE CD2 HD2  sing N N 253 
PHE CE1 CZ   doub Y N 254 
PHE CE1 HE1  sing N N 255 
PHE CE2 CZ   sing Y N 256 
PHE CE2 HE2  sing N N 257 
PHE CZ  HZ   sing N N 258 
PHE OXT HXT  sing N N 259 
PRO N   CA   sing N N 260 
PRO N   CD   sing N N 261 
PRO N   H    sing N N 262 
PRO CA  C    sing N N 263 
PRO CA  CB   sing N N 264 
PRO CA  HA   sing N N 265 
PRO C   O    doub N N 266 
PRO C   OXT  sing N N 267 
PRO CB  CG   sing N N 268 
PRO CB  HB2  sing N N 269 
PRO CB  HB3  sing N N 270 
PRO CG  CD   sing N N 271 
PRO CG  HG2  sing N N 272 
PRO CG  HG3  sing N N 273 
PRO CD  HD2  sing N N 274 
PRO CD  HD3  sing N N 275 
PRO OXT HXT  sing N N 276 
SER N   CA   sing N N 277 
SER N   H    sing N N 278 
SER N   H2   sing N N 279 
SER CA  C    sing N N 280 
SER CA  CB   sing N N 281 
SER CA  HA   sing N N 282 
SER C   O    doub N N 283 
SER C   OXT  sing N N 284 
SER CB  OG   sing N N 285 
SER CB  HB2  sing N N 286 
SER CB  HB3  sing N N 287 
SER OG  HG   sing N N 288 
SER OXT HXT  sing N N 289 
THR N   CA   sing N N 290 
THR N   H    sing N N 291 
THR N   H2   sing N N 292 
THR CA  C    sing N N 293 
THR CA  CB   sing N N 294 
THR CA  HA   sing N N 295 
THR C   O    doub N N 296 
THR C   OXT  sing N N 297 
THR CB  OG1  sing N N 298 
THR CB  CG2  sing N N 299 
THR CB  HB   sing N N 300 
THR OG1 HG1  sing N N 301 
THR CG2 HG21 sing N N 302 
THR CG2 HG22 sing N N 303 
THR CG2 HG23 sing N N 304 
THR OXT HXT  sing N N 305 
TRP N   CA   sing N N 306 
TRP N   H    sing N N 307 
TRP N   H2   sing N N 308 
TRP CA  C    sing N N 309 
TRP CA  CB   sing N N 310 
TRP CA  HA   sing N N 311 
TRP C   O    doub N N 312 
TRP C   OXT  sing N N 313 
TRP CB  CG   sing N N 314 
TRP CB  HB2  sing N N 315 
TRP CB  HB3  sing N N 316 
TRP CG  CD1  doub Y N 317 
TRP CG  CD2  sing Y N 318 
TRP CD1 NE1  sing Y N 319 
TRP CD1 HD1  sing N N 320 
TRP CD2 CE2  doub Y N 321 
TRP CD2 CE3  sing Y N 322 
TRP NE1 CE2  sing Y N 323 
TRP NE1 HE1  sing N N 324 
TRP CE2 CZ2  sing Y N 325 
TRP CE3 CZ3  doub Y N 326 
TRP CE3 HE3  sing N N 327 
TRP CZ2 CH2  doub Y N 328 
TRP CZ2 HZ2  sing N N 329 
TRP CZ3 CH2  sing Y N 330 
TRP CZ3 HZ3  sing N N 331 
TRP CH2 HH2  sing N N 332 
TRP OXT HXT  sing N N 333 
TYR N   CA   sing N N 334 
TYR N   H    sing N N 335 
TYR N   H2   sing N N 336 
TYR CA  C    sing N N 337 
TYR CA  CB   sing N N 338 
TYR CA  HA   sing N N 339 
TYR C   O    doub N N 340 
TYR C   OXT  sing N N 341 
TYR CB  CG   sing N N 342 
TYR CB  HB2  sing N N 343 
TYR CB  HB3  sing N N 344 
TYR CG  CD1  doub Y N 345 
TYR CG  CD2  sing Y N 346 
TYR CD1 CE1  sing Y N 347 
TYR CD1 HD1  sing N N 348 
TYR CD2 CE2  doub Y N 349 
TYR CD2 HD2  sing N N 350 
TYR CE1 CZ   doub Y N 351 
TYR CE1 HE1  sing N N 352 
TYR CE2 CZ   sing Y N 353 
TYR CE2 HE2  sing N N 354 
TYR CZ  OH   sing N N 355 
TYR OH  HH   sing N N 356 
TYR OXT HXT  sing N N 357 
VAL N   CA   sing N N 358 
VAL N   H    sing N N 359 
VAL N   H2   sing N N 360 
VAL CA  C    sing N N 361 
VAL CA  CB   sing N N 362 
VAL CA  HA   sing N N 363 
VAL C   O    doub N N 364 
VAL C   OXT  sing N N 365 
VAL CB  CG1  sing N N 366 
VAL CB  CG2  sing N N 367 
VAL CB  HB   sing N N 368 
VAL CG1 HG11 sing N N 369 
VAL CG1 HG12 sing N N 370 
VAL CG1 HG13 sing N N 371 
VAL CG2 HG21 sing N N 372 
VAL CG2 HG22 sing N N 373 
VAL CG2 HG23 sing N N 374 
VAL OXT HXT  sing N N 375 
# 
_atom_sites.entry_id                    3A1F 
_atom_sites.fract_transf_matrix[1][1]   0.01704581 
_atom_sites.fract_transf_matrix[1][2]   0.00122059 
_atom_sites.fract_transf_matrix[1][3]   0.00883541 
_atom_sites.fract_transf_matrix[2][1]   0.00830600 
_atom_sites.fract_transf_matrix[2][2]   0.01716439 
_atom_sites.fract_transf_matrix[2][3]   0.00254851 
_atom_sites.fract_transf_matrix[3][1]   -0.00512657 
_atom_sites.fract_transf_matrix[3][2]   0.00103349 
_atom_sites.fract_transf_matrix[3][3]   0.00974772 
_atom_sites.fract_transf_vector[1]      0.143478 
_atom_sites.fract_transf_vector[2]      -0.323584 
_atom_sites.fract_transf_vector[3]      0.112061 
# 
loop_
_atom_type.symbol 
C  
N  
NI 
O  
S  
# 
loop_
_atom_site.group_PDB 
_atom_site.id 
_atom_site.type_symbol 
_atom_site.label_atom_id 
_atom_site.label_alt_id 
_atom_site.label_comp_id 
_atom_site.label_asym_id 
_atom_site.label_entity_id 
_atom_site.label_seq_id 
_atom_site.pdbx_PDB_ins_code 
_atom_site.Cartn_x 
_atom_site.Cartn_y 
_atom_site.Cartn_z 
_atom_site.occupancy 
_atom_site.B_iso_or_equiv 
_atom_site.pdbx_formal_charge 
_atom_site.auth_seq_id 
_atom_site.auth_comp_id 
_atom_site.auth_asym_id 
_atom_site.auth_atom_id 
_atom_site.pdbx_PDB_model_num 
ATOM   1    N  N   . ILE A 1 1   ? 7.372   -20.213 7.115   1.00 28.96  ? 1   ILE A N   1 
ATOM   2    C  CA  . ILE A 1 1   ? 7.333   -18.735 6.932   1.00 28.07  ? 1   ILE A CA  1 
ATOM   3    C  C   . ILE A 1 1   ? 7.096   -18.338 5.469   1.00 31.22  ? 1   ILE A C   1 
ATOM   4    O  O   . ILE A 1 1   ? 7.785   -18.801 4.566   1.00 32.96  ? 1   ILE A O   1 
ATOM   5    C  CB  . ILE A 1 1   ? 8.643   -18.104 7.454   1.00 28.79  ? 1   ILE A CB  1 
ATOM   6    C  CG1 . ILE A 1 1   ? 8.644   -18.159 8.988   1.00 27.41  ? 1   ILE A CG1 1 
ATOM   7    C  CG2 . ILE A 1 1   ? 8.798   -16.670 6.940   1.00 25.95  ? 1   ILE A CG2 1 
ATOM   8    C  CD1 . ILE A 1 1   ? 9.926   -17.637 9.642   1.00 26.55  ? 1   ILE A CD1 1 
ATOM   9    N  N   . ALA A 1 2   ? 6.112   -17.474 5.240   1.00 30.29  ? 2   ALA A N   1 
ATOM   10   C  CA  . ALA A 1 2   ? 5.786   -17.041 3.881   1.00 30.15  ? 2   ALA A CA  1 
ATOM   11   C  C   . ALA A 1 2   ? 6.246   -15.606 3.617   1.00 29.02  ? 2   ALA A C   1 
ATOM   12   O  O   . ALA A 1 2   ? 6.214   -14.765 4.511   1.00 29.51  ? 2   ALA A O   1 
ATOM   13   C  CB  . ALA A 1 2   ? 4.292   -17.159 3.656   1.00 29.31  ? 2   ALA A CB  1 
ATOM   14   N  N   . VAL A 1 3   ? 6.657   -15.328 2.382   1.00 29.37  ? 3   VAL A N   1 
ATOM   15   C  CA  . VAL A 1 3   ? 7.129   -13.994 2.015   1.00 32.07  ? 3   VAL A CA  1 
ATOM   16   C  C   . VAL A 1 3   ? 6.076   -12.938 2.337   1.00 32.27  ? 3   VAL A C   1 
ATOM   17   O  O   . VAL A 1 3   ? 6.405   -11.794 2.661   1.00 34.22  ? 3   VAL A O   1 
ATOM   18   C  CB  . VAL A 1 3   ? 7.467   -13.915 0.505   1.00 32.75  ? 3   VAL A CB  1 
ATOM   19   C  CG1 . VAL A 1 3   ? 6.210   -14.159 -0.318  1.00 32.35  ? 3   VAL A CG1 1 
ATOM   20   C  CG2 . VAL A 1 3   ? 8.074   -12.546 0.170   1.00 33.68  ? 3   VAL A CG2 1 
ATOM   21   N  N   . ASP A 1 4   ? 4.809   -13.337 2.267   1.00 29.78  ? 4   ASP A N   1 
ATOM   22   C  CA  . ASP A 1 4   ? 3.713   -12.416 2.531   1.00 31.71  ? 4   ASP A CA  1 
ATOM   23   C  C   . ASP A 1 4   ? 3.188   -12.570 3.960   1.00 30.04  ? 4   ASP A C   1 
ATOM   24   O  O   . ASP A 1 4   ? 2.161   -12.000 4.315   1.00 26.82  ? 4   ASP A O   1 
ATOM   25   C  CB  . ASP A 1 4   ? 2.583   -12.650 1.514   1.00 31.09  ? 4   ASP A CB  1 
ATOM   26   C  CG  . ASP A 1 4   ? 1.929   -14.012 1.670   1.00 34.70  ? 4   ASP A CG  1 
ATOM   27   O  OD1 . ASP A 1 4   ? 2.618   -14.955 2.112   1.00 35.20  ? 4   ASP A OD1 1 
ATOM   28   O  OD2 . ASP A 1 4   ? 0.729   -14.143 1.334   1.00 38.25  ? 4   ASP A OD2 1 
ATOM   29   N  N   . GLY A 1 5   ? 3.908   -13.340 4.773   1.00 29.61  ? 5   GLY A N   1 
ATOM   30   C  CA  . GLY A 1 5   ? 3.504   -13.549 6.155   1.00 28.15  ? 5   GLY A CA  1 
ATOM   31   C  C   . GLY A 1 5   ? 4.204   -12.619 7.138   1.00 27.91  ? 5   GLY A C   1 
ATOM   32   O  O   . GLY A 1 5   ? 5.090   -11.862 6.748   1.00 27.95  ? 5   GLY A O   1 
ATOM   33   N  N   . PRO A 1 6   ? 3.836   -12.663 8.431   1.00 28.31  ? 6   PRO A N   1 
ATOM   34   C  CA  . PRO A 1 6   ? 4.416   -11.827 9.494   1.00 28.66  ? 6   PRO A CA  1 
ATOM   35   C  C   . PRO A 1 6   ? 5.948   -11.732 9.522   1.00 29.59  ? 6   PRO A C   1 
ATOM   36   O  O   . PRO A 1 6   ? 6.492   -10.692 9.870   1.00 30.15  ? 6   PRO A O   1 
ATOM   37   C  CB  . PRO A 1 6   ? 3.867   -12.461 10.769  1.00 27.84  ? 6   PRO A CB  1 
ATOM   38   C  CG  . PRO A 1 6   ? 2.528   -12.951 10.341  1.00 27.67  ? 6   PRO A CG  1 
ATOM   39   C  CD  . PRO A 1 6   ? 2.803   -13.562 8.980   1.00 28.32  ? 6   PRO A CD  1 
ATOM   40   N  N   . PHE A 1 7   ? 6.637   -12.818 9.176   1.00 27.63  ? 7   PHE A N   1 
ATOM   41   C  CA  . PHE A 1 7   ? 8.100   -12.812 9.185   1.00 28.50  ? 7   PHE A CA  1 
ATOM   42   C  C   . PHE A 1 7   ? 8.688   -12.881 7.780   1.00 27.81  ? 7   PHE A C   1 
ATOM   43   O  O   . PHE A 1 7   ? 9.874   -13.146 7.610   1.00 28.16  ? 7   PHE A O   1 
ATOM   44   C  CB  . PHE A 1 7   ? 8.639   -13.984 10.018  1.00 26.77  ? 7   PHE A CB  1 
ATOM   45   C  CG  . PHE A 1 7   ? 8.244   -13.936 11.461  1.00 26.29  ? 7   PHE A CG  1 
ATOM   46   C  CD1 . PHE A 1 7   ? 7.187   -14.705 11.932  1.00 29.20  ? 7   PHE A CD1 1 
ATOM   47   C  CD2 . PHE A 1 7   ? 8.924   -13.111 12.353  1.00 27.32  ? 7   PHE A CD2 1 
ATOM   48   C  CE1 . PHE A 1 7   ? 6.804   -14.658 13.278  1.00 28.16  ? 7   PHE A CE1 1 
ATOM   49   C  CE2 . PHE A 1 7   ? 8.553   -13.056 13.695  1.00 26.33  ? 7   PHE A CE2 1 
ATOM   50   C  CZ  . PHE A 1 7   ? 7.487   -13.834 14.158  1.00 28.24  ? 7   PHE A CZ  1 
ATOM   51   N  N   . GLY A 1 8   ? 7.847   -12.653 6.774   1.00 28.19  ? 8   GLY A N   1 
ATOM   52   C  CA  . GLY A 1 8   ? 8.306   -12.694 5.397   1.00 27.09  ? 8   GLY A CA  1 
ATOM   53   C  C   . GLY A 1 8   ? 9.068   -11.443 5.007   1.00 28.82  ? 8   GLY A C   1 
ATOM   54   O  O   . GLY A 1 8   ? 8.919   -10.380 5.620   1.00 27.32  ? 8   GLY A O   1 
ATOM   55   N  N   . THR A 1 9   ? 9.897   -11.565 3.977   1.00 29.46  ? 9   THR A N   1 
ATOM   56   C  CA  . THR A 1 9   ? 10.692  -10.444 3.515   1.00 30.51  ? 9   THR A CA  1 
ATOM   57   C  C   . THR A 1 9   ? 9.853   -9.236  3.108   1.00 30.75  ? 9   THR A C   1 
ATOM   58   O  O   . THR A 1 9   ? 10.207  -8.101  3.424   1.00 30.48  ? 9   THR A O   1 
ATOM   59   C  CB  . THR A 1 9   ? 11.578  -10.866 2.336   1.00 31.83  ? 9   THR A CB  1 
ATOM   60   O  OG1 . THR A 1 9   ? 12.552  -11.806 2.804   1.00 33.32  ? 9   THR A OG1 1 
ATOM   61   C  CG2 . THR A 1 9   ? 12.287  -9.666  1.732   1.00 33.57  ? 9   THR A CG2 1 
ATOM   62   N  N   . ALA A 1 10  ? 8.739   -9.478  2.427   1.00 30.67  ? 10  ALA A N   1 
ATOM   63   C  CA  . ALA A 1 10  ? 7.886   -8.381  1.983   1.00 30.82  ? 10  ALA A CA  1 
ATOM   64   C  C   . ALA A 1 10  ? 7.325   -7.596  3.164   1.00 31.71  ? 10  ALA A C   1 
ATOM   65   O  O   . ALA A 1 10  ? 7.306   -6.355  3.156   1.00 29.91  ? 10  ALA A O   1 
ATOM   66   C  CB  . ALA A 1 10  ? 6.744   -8.921  1.110   1.00 31.15  ? 10  ALA A CB  1 
ATOM   67   N  N   . SER A 1 11  ? 6.880   -8.321  4.186   1.00 29.21  ? 11  SER A N   1 
ATOM   68   C  CA  . SER A 1 11  ? 6.319   -7.692  5.373   1.00 31.17  ? 11  SER A CA  1 
ATOM   69   C  C   . SER A 1 11  ? 7.387   -6.876  6.105   1.00 31.91  ? 11  SER A C   1 
ATOM   70   O  O   . SER A 1 11  ? 7.117   -5.774  6.575   1.00 32.95  ? 11  SER A O   1 
ATOM   71   C  CB  . SER A 1 11  ? 5.725   -8.759  6.292   1.00 32.04  ? 11  SER A CB  1 
ATOM   72   O  OG  . SER A 1 11  ? 4.938   -8.168  7.305   1.00 35.22  ? 11  SER A OG  1 
ATOM   73   N  N   . GLU A 1 12  ? 8.602   -7.414  6.195   1.00 31.13  ? 12  GLU A N   1 
ATOM   74   C  CA  . GLU A 1 12  ? 9.700   -6.701  6.845   1.00 30.75  ? 12  GLU A CA  1 
ATOM   75   C  C   . GLU A 1 12  ? 10.042  -5.416  6.089   1.00 30.15  ? 12  GLU A C   1 
ATOM   76   O  O   . GLU A 1 12  ? 10.258  -4.365  6.695   1.00 29.87  ? 12  GLU A O   1 
ATOM   77   C  CB  . GLU A 1 12  ? 10.934  -7.594  6.924   1.00 31.43  ? 12  GLU A CB  1 
ATOM   78   C  CG  . GLU A 1 12  ? 10.875  -8.612  8.042   1.00 34.05  ? 12  GLU A CG  1 
ATOM   79   C  CD  . GLU A 1 12  ? 11.809  -9.781  7.792   1.00 35.11  ? 12  GLU A CD  1 
ATOM   80   O  OE1 . GLU A 1 12  ? 12.867  -9.578  7.159   1.00 34.82  ? 12  GLU A OE1 1 
ATOM   81   O  OE2 . GLU A 1 12  ? 11.474  -10.896 8.232   1.00 36.31  ? 12  GLU A OE2 1 
ATOM   82   N  N   . ASP A 1 13  ? 10.100  -5.510  4.765   1.00 29.88  ? 13  ASP A N   1 
ATOM   83   C  CA  . ASP A 1 13  ? 10.387  -4.347  3.938   1.00 30.13  ? 13  ASP A CA  1 
ATOM   84   C  C   . ASP A 1 13  ? 9.321   -3.265  4.112   1.00 30.73  ? 13  ASP A C   1 
ATOM   85   O  O   . ASP A 1 13  ? 9.637   -2.078  4.258   1.00 29.76  ? 13  ASP A O   1 
ATOM   86   C  CB  . ASP A 1 13  ? 10.466  -4.755  2.469   1.00 29.75  ? 13  ASP A CB  1 
ATOM   87   C  CG  . ASP A 1 13  ? 11.765  -5.449  2.136   1.00 30.57  ? 13  ASP A CG  1 
ATOM   88   O  OD1 . ASP A 1 13  ? 12.706  -5.327  2.945   1.00 31.37  ? 13  ASP A OD1 1 
ATOM   89   O  OD2 . ASP A 1 13  ? 11.850  -6.092  1.071   1.00 29.02  ? 13  ASP A OD2 1 
ATOM   90   N  N   . VAL A 1 14  ? 8.058   -3.677  4.096   1.00 29.86  ? 14  VAL A N   1 
ATOM   91   C  CA  . VAL A 1 14  ? 6.966   -2.726  4.263   1.00 31.61  ? 14  VAL A CA  1 
ATOM   92   C  C   . VAL A 1 14  ? 7.114   -1.989  5.590   1.00 32.07  ? 14  VAL A C   1 
ATOM   93   O  O   . VAL A 1 14  ? 6.956   -0.773  5.646   1.00 32.88  ? 14  VAL A O   1 
ATOM   94   C  CB  . VAL A 1 14  ? 5.582   -3.430  4.210   1.00 30.76  ? 14  VAL A CB  1 
ATOM   95   C  CG1 . VAL A 1 14  ? 4.484   -2.479  4.690   1.00 32.31  ? 14  VAL A CG1 1 
ATOM   96   C  CG2 . VAL A 1 14  ? 5.286   -3.886  2.786   1.00 30.27  ? 14  VAL A CG2 1 
ATOM   97   N  N   . PHE A 1 15  ? 7.450   -2.715  6.651   1.00 34.82  ? 15  PHE A N   1 
ATOM   98   C  CA  . PHE A 1 15  ? 7.588   -2.095  7.965   1.00 36.76  ? 15  PHE A CA  1 
ATOM   99   C  C   . PHE A 1 15  ? 8.845   -1.243  8.147   1.00 37.22  ? 15  PHE A C   1 
ATOM   100  O  O   . PHE A 1 15  ? 9.008   -0.591  9.177   1.00 40.15  ? 15  PHE A O   1 
ATOM   101  C  CB  . PHE A 1 15  ? 7.520   -3.155  9.075   1.00 39.88  ? 15  PHE A CB  1 
ATOM   102  C  CG  . PHE A 1 15  ? 6.697   -2.725  10.262  1.00 42.79  ? 15  PHE A CG  1 
ATOM   103  C  CD1 . PHE A 1 15  ? 5.304   -2.785  10.217  1.00 44.89  ? 15  PHE A CD1 1 
ATOM   104  C  CD2 . PHE A 1 15  ? 7.306   -2.209  11.401  1.00 45.06  ? 15  PHE A CD2 1 
ATOM   105  C  CE1 . PHE A 1 15  ? 4.532   -2.334  11.285  1.00 44.62  ? 15  PHE A CE1 1 
ATOM   106  C  CE2 . PHE A 1 15  ? 6.541   -1.752  12.480  1.00 46.52  ? 15  PHE A CE2 1 
ATOM   107  C  CZ  . PHE A 1 15  ? 5.150   -1.815  12.420  1.00 46.57  ? 15  PHE A CZ  1 
ATOM   108  N  N   . SER A 1 16  ? 9.727   -1.233  7.154   1.00 36.22  ? 16  SER A N   1 
ATOM   109  C  CA  . SER A 1 16  ? 10.947  -0.439  7.257   1.00 36.41  ? 16  SER A CA  1 
ATOM   110  C  C   . SER A 1 16  ? 10.747  1.002   6.787   1.00 36.95  ? 16  SER A C   1 
ATOM   111  O  O   . SER A 1 16  ? 11.646  1.840   6.920   1.00 35.97  ? 16  SER A O   1 
ATOM   112  C  CB  . SER A 1 16  ? 12.084  -1.095  6.465   1.00 37.35  ? 16  SER A CB  1 
ATOM   113  O  OG  . SER A 1 16  ? 11.821  -1.115  5.075   1.00 37.37  ? 16  SER A OG  1 
ATOM   114  N  N   . TYR A 1 17  ? 9.572   1.297   6.240   1.00 35.07  ? 17  TYR A N   1 
ATOM   115  C  CA  . TYR A 1 17  ? 9.282   2.653   5.783   1.00 33.68  ? 17  TYR A CA  1 
ATOM   116  C  C   . TYR A 1 17  ? 8.276   3.338   6.689   1.00 33.87  ? 17  TYR A C   1 
ATOM   117  O  O   . TYR A 1 17  ? 7.427   2.681   7.294   1.00 31.25  ? 17  TYR A O   1 
ATOM   118  C  CB  . TYR A 1 17  ? 8.733   2.646   4.358   1.00 33.63  ? 17  TYR A CB  1 
ATOM   119  C  CG  . TYR A 1 17  ? 9.718   2.141   3.339   1.00 31.92  ? 17  TYR A CG  1 
ATOM   120  C  CD1 . TYR A 1 17  ? 9.781   0.788   3.010   1.00 30.44  ? 17  TYR A CD1 1 
ATOM   121  C  CD2 . TYR A 1 17  ? 10.595  3.016   2.711   1.00 32.20  ? 17  TYR A CD2 1 
ATOM   122  C  CE1 . TYR A 1 17  ? 10.694  0.317   2.074   1.00 32.70  ? 17  TYR A CE1 1 
ATOM   123  C  CE2 . TYR A 1 17  ? 11.517  2.556   1.774   1.00 34.00  ? 17  TYR A CE2 1 
ATOM   124  C  CZ  . TYR A 1 17  ? 11.560  1.210   1.460   1.00 31.58  ? 17  TYR A CZ  1 
ATOM   125  O  OH  . TYR A 1 17  ? 12.467  0.765   0.532   1.00 35.27  ? 17  TYR A OH  1 
ATOM   126  N  N   . GLU A 1 18  ? 8.377   4.661   6.784   1.00 31.39  ? 18  GLU A N   1 
ATOM   127  C  CA  . GLU A 1 18  ? 7.454   5.426   7.605   1.00 31.42  ? 18  GLU A CA  1 
ATOM   128  C  C   . GLU A 1 18  ? 6.104   5.478   6.896   1.00 29.32  ? 18  GLU A C   1 
ATOM   129  O  O   . GLU A 1 18  ? 5.055   5.447   7.533   1.00 28.56  ? 18  GLU A O   1 
ATOM   130  C  CB  . GLU A 1 18  ? 7.973   6.848   7.812   1.00 32.29  ? 18  GLU A CB  1 
ATOM   131  C  CG  . GLU A 1 18  ? 7.071   7.689   8.693   1.00 35.75  ? 18  GLU A CG  1 
ATOM   132  C  CD  . GLU A 1 18  ? 7.578   9.104   8.878   1.00 37.52  ? 18  GLU A CD  1 
ATOM   133  O  OE1 . GLU A 1 18  ? 6.918   9.872   9.602   1.00 38.54  ? 18  GLU A OE1 1 
ATOM   134  O  OE2 . GLU A 1 18  ? 8.631   9.450   8.299   1.00 40.41  ? 18  GLU A OE2 1 
ATOM   135  N  N   . VAL A 1 19  ? 6.146   5.562   5.570   1.00 27.53  ? 19  VAL A N   1 
ATOM   136  C  CA  . VAL A 1 19  ? 4.935   5.613   4.753   1.00 27.38  ? 19  VAL A CA  1 
ATOM   137  C  C   . VAL A 1 19  ? 5.089   4.670   3.563   1.00 27.97  ? 19  VAL A C   1 
ATOM   138  O  O   . VAL A 1 19  ? 6.181   4.534   3.009   1.00 27.10  ? 19  VAL A O   1 
ATOM   139  C  CB  . VAL A 1 19  ? 4.674   7.037   4.198   1.00 27.91  ? 19  VAL A CB  1 
ATOM   140  C  CG1 . VAL A 1 19  ? 3.370   7.053   3.390   1.00 27.77  ? 19  VAL A CG1 1 
ATOM   141  C  CG2 . VAL A 1 19  ? 4.620   8.042   5.331   1.00 24.75  ? 19  VAL A CG2 1 
ATOM   142  N  N   . VAL A 1 20  ? 4.003   4.012   3.173   1.00 24.36  ? 20  VAL A N   1 
ATOM   143  C  CA  . VAL A 1 20  ? 4.064   3.114   2.039   1.00 23.56  ? 20  VAL A CA  1 
ATOM   144  C  C   . VAL A 1 20  ? 2.859   3.221   1.127   1.00 23.57  ? 20  VAL A C   1 
ATOM   145  O  O   . VAL A 1 20  ? 1.780   3.664   1.534   1.00 24.27  ? 20  VAL A O   1 
ATOM   146  C  CB  . VAL A 1 20  ? 4.185   1.624   2.479   1.00 23.11  ? 20  VAL A CB  1 
ATOM   147  C  CG1 . VAL A 1 20  ? 5.417   1.430   3.346   1.00 20.51  ? 20  VAL A CG1 1 
ATOM   148  C  CG2 . VAL A 1 20  ? 2.928   1.194   3.227   1.00 21.62  ? 20  VAL A CG2 1 
ATOM   149  N  N   . MET A 1 21  ? 3.068   2.816   -0.117  1.00 20.98  ? 21  MET A N   1 
ATOM   150  C  CA  . MET A 1 21  ? 2.026   2.784   -1.129  1.00 25.16  ? 21  MET A CA  1 
ATOM   151  C  C   . MET A 1 21  ? 1.982   1.324   -1.563  1.00 25.72  ? 21  MET A C   1 
ATOM   152  O  O   . MET A 1 21  ? 2.949   0.814   -2.130  1.00 26.99  ? 21  MET A O   1 
ATOM   153  C  CB  . MET A 1 21  ? 2.390   3.668   -2.325  1.00 24.57  ? 21  MET A CB  1 
ATOM   154  C  CG  . MET A 1 21  ? 2.324   5.164   -2.060  1.00 28.52  ? 21  MET A CG  1 
ATOM   155  S  SD  . MET A 1 21  ? 2.871   6.103   -3.517  1.00 33.01  ? 21  MET A SD  1 
ATOM   156  C  CE  . MET A 1 21  ? 1.633   5.626   -4.749  1.00 26.71  ? 21  MET A CE  1 
ATOM   157  N  N   . LEU A 1 22  ? 0.874   0.648   -1.284  1.00 24.91  ? 22  LEU A N   1 
ATOM   158  C  CA  . LEU A 1 22  ? 0.747   -0.758  -1.630  1.00 23.12  ? 22  LEU A CA  1 
ATOM   159  C  C   . LEU A 1 22  ? -0.254  -0.882  -2.756  1.00 23.28  ? 22  LEU A C   1 
ATOM   160  O  O   . LEU A 1 22  ? -1.384  -0.388  -2.647  1.00 22.02  ? 22  LEU A O   1 
ATOM   161  C  CB  . LEU A 1 22  ? 0.277   -1.564  -0.405  1.00 22.27  ? 22  LEU A CB  1 
ATOM   162  C  CG  . LEU A 1 22  ? 1.044   -1.337  0.910   1.00 23.91  ? 22  LEU A CG  1 
ATOM   163  C  CD1 . LEU A 1 22  ? 0.469   -2.220  2.029   1.00 19.38  ? 22  LEU A CD1 1 
ATOM   164  C  CD2 . LEU A 1 22  ? 2.514   -1.662  0.706   1.00 20.05  ? 22  LEU A CD2 1 
ATOM   165  N  N   . VAL A 1 23  ? 0.161   -1.527  -3.843  1.00 23.32  ? 23  VAL A N   1 
ATOM   166  C  CA  . VAL A 1 23  ? -0.714  -1.700  -4.995  1.00 24.91  ? 23  VAL A CA  1 
ATOM   167  C  C   . VAL A 1 23  ? -0.909  -3.159  -5.337  1.00 26.13  ? 23  VAL A C   1 
ATOM   168  O  O   . VAL A 1 23  ? 0.059   -3.887  -5.600  1.00 25.72  ? 23  VAL A O   1 
ATOM   169  C  CB  . VAL A 1 23  ? -0.164  -0.973  -6.245  1.00 24.21  ? 23  VAL A CB  1 
ATOM   170  C  CG1 . VAL A 1 23  ? -1.154  -1.114  -7.397  1.00 24.41  ? 23  VAL A CG1 1 
ATOM   171  C  CG2 . VAL A 1 23  ? 0.090   0.494   -5.931  1.00 21.53  ? 23  VAL A CG2 1 
ATOM   172  N  N   . GLY A 1 24  ? -2.168  -3.585  -5.326  1.00 25.04  ? 24  GLY A N   1 
ATOM   173  C  CA  . GLY A 1 24  ? -2.490  -4.961  -5.644  1.00 27.08  ? 24  GLY A CA  1 
ATOM   174  C  C   . GLY A 1 24  ? -3.566  -5.004  -6.712  1.00 27.90  ? 24  GLY A C   1 
ATOM   175  O  O   . GLY A 1 24  ? -4.650  -4.450  -6.523  1.00 26.54  ? 24  GLY A O   1 
ATOM   176  N  N   . ALA A 1 25  ? -3.267  -5.650  -7.833  1.00 29.62  ? 25  ALA A N   1 
ATOM   177  C  CA  . ALA A 1 25  ? -4.221  -5.753  -8.936  1.00 31.10  ? 25  ALA A CA  1 
ATOM   178  C  C   . ALA A 1 25  ? -4.618  -7.198  -9.193  1.00 33.37  ? 25  ALA A C   1 
ATOM   179  O  O   . ALA A 1 25  ? -3.773  -8.101  -9.163  1.00 33.67  ? 25  ALA A O   1 
ATOM   180  C  CB  . ALA A 1 25  ? -3.630  -5.143  -10.190 1.00 31.96  ? 25  ALA A CB  1 
ATOM   181  N  N   . GLY A 1 26  ? -5.907  -7.421  -9.437  1.00 31.23  ? 26  GLY A N   1 
ATOM   182  C  CA  . GLY A 1 26  ? -6.384  -8.769  -9.693  1.00 30.86  ? 26  GLY A CA  1 
ATOM   183  C  C   . GLY A 1 26  ? -6.057  -9.725  -8.561  1.00 32.48  ? 26  GLY A C   1 
ATOM   184  O  O   . GLY A 1 26  ? -6.306  -9.429  -7.388  1.00 32.63  ? 26  GLY A O   1 
ATOM   185  N  N   . ILE A 1 27  ? -5.503  -10.885 -8.894  1.00 31.14  ? 27  ILE A N   1 
ATOM   186  C  CA  . ILE A 1 27  ? -5.168  -11.845 -7.849  1.00 32.14  ? 27  ILE A CA  1 
ATOM   187  C  C   . ILE A 1 27  ? -3.994  -11.336 -7.016  1.00 29.57  ? 27  ILE A C   1 
ATOM   188  O  O   . ILE A 1 27  ? -3.706  -11.869 -5.951  1.00 31.54  ? 27  ILE A O   1 
ATOM   189  C  CB  . ILE A 1 27  ? -4.816  -13.235 -8.438  1.00 33.59  ? 27  ILE A CB  1 
ATOM   190  C  CG1 . ILE A 1 27  ? -3.594  -13.134 -9.350  1.00 33.67  ? 27  ILE A CG1 1 
ATOM   191  C  CG2 . ILE A 1 27  ? -6.012  -13.782 -9.218  1.00 33.04  ? 27  ILE A CG2 1 
ATOM   192  C  CD1 . ILE A 1 27  ? -3.087  -14.497 -9.839  1.00 35.91  ? 27  ILE A CD1 1 
ATOM   193  N  N   . GLY A 1 28  ? -3.334  -10.292 -7.508  1.00 30.22  ? 28  GLY A N   1 
ATOM   194  C  CA  . GLY A 1 28  ? -2.197  -9.715  -6.803  1.00 31.95  ? 28  GLY A CA  1 
ATOM   195  C  C   . GLY A 1 28  ? -2.572  -9.064  -5.482  1.00 32.58  ? 28  GLY A C   1 
ATOM   196  O  O   . GLY A 1 28  ? -1.708  -8.630  -4.716  1.00 31.36  ? 28  GLY A O   1 
ATOM   197  N  N   . VAL A 1 29  ? -3.871  -8.995  -5.210  1.00 33.34  ? 29  VAL A N   1 
ATOM   198  C  CA  . VAL A 1 29  ? -4.361  -8.401  -3.979  1.00 32.12  ? 29  VAL A CA  1 
ATOM   199  C  C   . VAL A 1 29  ? -4.185  -9.405  -2.842  1.00 32.68  ? 29  VAL A C   1 
ATOM   200  O  O   . VAL A 1 29  ? -4.037  -9.039  -1.670  1.00 29.90  ? 29  VAL A O   1 
ATOM   201  C  CB  . VAL A 1 29  ? -5.863  -8.021  -4.133  1.00 33.61  ? 29  VAL A CB  1 
ATOM   202  C  CG1 . VAL A 1 29  ? -6.757  -9.240  -3.934  1.00 34.07  ? 29  VAL A CG1 1 
ATOM   203  C  CG2 . VAL A 1 29  ? -6.216  -6.935  -3.176  1.00 35.81  ? 29  VAL A CG2 1 
ATOM   204  N  N   . THR A 1 30  ? -4.175  -10.679 -3.212  1.00 29.62  ? 30  THR A N   1 
ATOM   205  C  CA  . THR A 1 30  ? -4.056  -11.775 -2.263  1.00 30.29  ? 30  THR A CA  1 
ATOM   206  C  C   . THR A 1 30  ? -2.888  -11.699 -1.279  1.00 28.30  ? 30  THR A C   1 
ATOM   207  O  O   . THR A 1 30  ? -3.078  -11.856 -0.083  1.00 29.52  ? 30  THR A O   1 
ATOM   208  C  CB  . THR A 1 30  ? -3.998  -13.121 -3.020  1.00 31.32  ? 30  THR A CB  1 
ATOM   209  O  OG1 . THR A 1 30  ? -5.152  -13.226 -3.857  1.00 35.51  ? 30  THR A OG1 1 
ATOM   210  C  CG2 . THR A 1 30  ? -3.986  -14.285 -2.058  1.00 33.13  ? 30  THR A CG2 1 
ATOM   211  N  N   . PRO A 1 31  ? -1.663  -11.455 -1.766  1.00 28.86  ? 31  PRO A N   1 
ATOM   212  C  CA  . PRO A 1 31  ? -0.543  -11.380 -0.823  1.00 28.10  ? 31  PRO A CA  1 
ATOM   213  C  C   . PRO A 1 31  ? -0.733  -10.240 0.169   1.00 26.89  ? 31  PRO A C   1 
ATOM   214  O  O   . PRO A 1 31  ? -0.374  -10.347 1.338   1.00 25.52  ? 31  PRO A O   1 
ATOM   215  C  CB  . PRO A 1 31  ? 0.665   -11.145 -1.731  1.00 28.68  ? 31  PRO A CB  1 
ATOM   216  C  CG  . PRO A 1 31  ? 0.241   -11.756 -3.038  1.00 31.92  ? 31  PRO A CG  1 
ATOM   217  C  CD  . PRO A 1 31  ? -1.193  -11.333 -3.157  1.00 29.62  ? 31  PRO A CD  1 
ATOM   218  N  N   . PHE A 1 32  ? -1.326  -9.146  -0.296  1.00 25.60  ? 32  PHE A N   1 
ATOM   219  C  CA  . PHE A 1 32  ? -1.510  -8.009  0.582   1.00 25.20  ? 32  PHE A CA  1 
ATOM   220  C  C   . PHE A 1 32  ? -2.449  -8.274  1.728   1.00 23.94  ? 32  PHE A C   1 
ATOM   221  O  O   . PHE A 1 32  ? -2.387  -7.598  2.753   1.00 25.58  ? 32  PHE A O   1 
ATOM   222  C  CB  . PHE A 1 32  ? -1.935  -6.785  -0.219  1.00 25.75  ? 32  PHE A CB  1 
ATOM   223  C  CG  . PHE A 1 32  ? -0.835  -6.240  -1.073  1.00 28.04  ? 32  PHE A CG  1 
ATOM   224  C  CD1 . PHE A 1 32  ? -0.851  -6.424  -2.454  1.00 26.99  ? 32  PHE A CD1 1 
ATOM   225  C  CD2 . PHE A 1 32  ? 0.248   -5.588  -0.488  1.00 27.79  ? 32  PHE A CD2 1 
ATOM   226  C  CE1 . PHE A 1 32  ? 0.198   -5.966  -3.239  1.00 27.84  ? 32  PHE A CE1 1 
ATOM   227  C  CE2 . PHE A 1 32  ? 1.305   -5.126  -1.260  1.00 29.32  ? 32  PHE A CE2 1 
ATOM   228  C  CZ  . PHE A 1 32  ? 1.281   -5.314  -2.641  1.00 31.00  ? 32  PHE A CZ  1 
ATOM   229  N  N   . ALA A 1 33  ? -3.308  -9.275  1.573   1.00 25.20  ? 33  ALA A N   1 
ATOM   230  C  CA  . ALA A 1 33  ? -4.231  -9.633  2.632   1.00 24.46  ? 33  ALA A CA  1 
ATOM   231  C  C   . ALA A 1 33  ? -3.423  -10.055 3.872   1.00 25.86  ? 33  ALA A C   1 
ATOM   232  O  O   . ALA A 1 33  ? -3.671  -9.588  4.984   1.00 22.34  ? 33  ALA A O   1 
ATOM   233  C  CB  . ALA A 1 33  ? -5.139  -10.784 2.169   1.00 27.62  ? 33  ALA A CB  1 
ATOM   234  N  N   . SER A 1 34  ? -2.457  -10.948 3.675   1.00 25.84  ? 34  SER A N   1 
ATOM   235  C  CA  . SER A 1 34  ? -1.633  -11.407 4.786   1.00 26.84  ? 34  SER A CA  1 
ATOM   236  C  C   . SER A 1 34  ? -0.719  -10.290 5.303   1.00 24.51  ? 34  SER A C   1 
ATOM   237  O  O   . SER A 1 34  ? -0.484  -10.156 6.509   1.00 23.65  ? 34  SER A O   1 
ATOM   238  C  CB  . SER A 1 34  ? -0.795  -12.610 4.351   1.00 29.14  ? 34  SER A CB  1 
ATOM   239  O  OG  . SER A 1 34  ? 0.058   -13.019 5.405   1.00 34.60  ? 34  SER A OG  1 
ATOM   240  N  N   . ILE A 1 35  ? -0.217  -9.478  4.386   1.00 23.11  ? 35  ILE A N   1 
ATOM   241  C  CA  . ILE A 1 35  ? 0.659   -8.374  4.754   1.00 25.53  ? 35  ILE A CA  1 
ATOM   242  C  C   . ILE A 1 35  ? -0.067  -7.321  5.615   1.00 24.71  ? 35  ILE A C   1 
ATOM   243  O  O   . ILE A 1 35  ? 0.455   -6.873  6.641   1.00 23.76  ? 35  ILE A O   1 
ATOM   244  C  CB  . ILE A 1 35  ? 1.251   -7.734  3.480   1.00 24.53  ? 35  ILE A CB  1 
ATOM   245  C  CG1 . ILE A 1 35  ? 2.190   -8.739  2.806   1.00 28.39  ? 35  ILE A CG1 1 
ATOM   246  C  CG2 . ILE A 1 35  ? 1.984   -6.443  3.819   1.00 27.03  ? 35  ILE A CG2 1 
ATOM   247  C  CD1 . ILE A 1 35  ? 2.823   -8.231  1.521   1.00 28.29  ? 35  ILE A CD1 1 
ATOM   248  N  N   . LEU A 1 36  ? -1.276  -6.943  5.210   1.00 24.07  ? 36  LEU A N   1 
ATOM   249  C  CA  . LEU A 1 36  ? -2.039  -5.947  5.959   1.00 23.25  ? 36  LEU A CA  1 
ATOM   250  C  C   . LEU A 1 36  ? -2.360  -6.467  7.360   1.00 24.16  ? 36  LEU A C   1 
ATOM   251  O  O   . LEU A 1 36  ? -2.294  -5.723  8.346   1.00 23.49  ? 36  LEU A O   1 
ATOM   252  C  CB  . LEU A 1 36  ? -3.327  -5.589  5.201   1.00 21.23  ? 36  LEU A CB  1 
ATOM   253  C  CG  . LEU A 1 36  ? -3.081  -4.739  3.955   1.00 21.21  ? 36  LEU A CG  1 
ATOM   254  C  CD1 . LEU A 1 36  ? -4.350  -4.641  3.104   1.00 23.48  ? 36  LEU A CD1 1 
ATOM   255  C  CD2 . LEU A 1 36  ? -2.614  -3.350  4.392   1.00 19.07  ? 36  LEU A CD2 1 
ATOM   256  N  N   . LYS A 1 37  ? -2.700  -7.750  7.447   1.00 24.98  ? 37  LYS A N   1 
ATOM   257  C  CA  . LYS A 1 37  ? -3.007  -8.366  8.733   1.00 24.15  ? 37  LYS A CA  1 
ATOM   258  C  C   . LYS A 1 37  ? -1.768  -8.327  9.639   1.00 25.79  ? 37  LYS A C   1 
ATOM   259  O  O   . LYS A 1 37  ? -1.851  -7.943  10.811  1.00 22.99  ? 37  LYS A O   1 
ATOM   260  C  CB  . LYS A 1 37  ? -3.461  -9.817  8.524   1.00 25.76  ? 37  LYS A CB  1 
ATOM   261  N  N   . SER A 1 38  ? -0.625  -8.736  9.092   1.00 25.98  ? 38  SER A N   1 
ATOM   262  C  CA  . SER A 1 38  ? 0.615   -8.751  9.855   1.00 28.47  ? 38  SER A CA  1 
ATOM   263  C  C   . SER A 1 38  ? 1.024   -7.345  10.294  1.00 29.34  ? 38  SER A C   1 
ATOM   264  O  O   . SER A 1 38  ? 1.490   -7.159  11.421  1.00 27.19  ? 38  SER A O   1 
ATOM   265  C  CB  . SER A 1 38  ? 1.744   -9.408  9.042   1.00 29.28  ? 38  SER A CB  1 
ATOM   266  O  OG  . SER A 1 38  ? 2.068   -8.646  7.894   1.00 37.13  ? 38  SER A OG  1 
ATOM   267  N  N   . VAL A 1 39  ? 0.840   -6.354  9.425   1.00 28.70  ? 39  VAL A N   1 
ATOM   268  C  CA  . VAL A 1 39  ? 1.195   -4.985  9.789   1.00 31.70  ? 39  VAL A CA  1 
ATOM   269  C  C   . VAL A 1 39  ? 0.297   -4.478  10.915  1.00 31.39  ? 39  VAL A C   1 
ATOM   270  O  O   . VAL A 1 39  ? 0.757   -3.786  11.832  1.00 30.93  ? 39  VAL A O   1 
ATOM   271  C  CB  . VAL A 1 39  ? 1.087   -4.025  8.587   1.00 34.32  ? 39  VAL A CB  1 
ATOM   272  C  CG1 . VAL A 1 39  ? 1.108   -2.581  9.073   1.00 36.74  ? 39  VAL A CG1 1 
ATOM   273  C  CG2 . VAL A 1 39  ? 2.251   -4.264  7.637   1.00 35.63  ? 39  VAL A CG2 1 
ATOM   274  N  N   . TRP A 1 40  ? -0.984  -4.816  10.854  1.00 31.29  ? 40  TRP A N   1 
ATOM   275  C  CA  . TRP A 1 40  ? -1.900  -4.395  11.899  1.00 30.94  ? 40  TRP A CA  1 
ATOM   276  C  C   . TRP A 1 40  ? -1.508  -5.096  13.205  1.00 31.88  ? 40  TRP A C   1 
ATOM   277  O  O   . TRP A 1 40  ? -1.567  -4.493  14.282  1.00 31.75  ? 40  TRP A O   1 
ATOM   278  C  CB  . TRP A 1 40  ? -3.344  -4.738  11.511  1.00 31.94  ? 40  TRP A CB  1 
ATOM   279  C  CG  . TRP A 1 40  ? -4.366  -4.336  12.526  1.00 30.33  ? 40  TRP A CG  1 
ATOM   280  C  CD1 . TRP A 1 40  ? -5.384  -5.109  13.012  1.00 30.56  ? 40  TRP A CD1 1 
ATOM   281  C  CD2 . TRP A 1 40  ? -4.461  -3.075  13.209  1.00 31.50  ? 40  TRP A CD2 1 
ATOM   282  N  NE1 . TRP A 1 40  ? -6.099  -4.414  13.960  1.00 33.39  ? 40  TRP A NE1 1 
ATOM   283  C  CE2 . TRP A 1 40  ? -5.556  -3.163  14.101  1.00 31.68  ? 40  TRP A CE2 1 
ATOM   284  C  CE3 . TRP A 1 40  ? -3.725  -1.883  13.158  1.00 30.48  ? 40  TRP A CE3 1 
ATOM   285  C  CZ2 . TRP A 1 40  ? -5.934  -2.101  14.938  1.00 33.38  ? 40  TRP A CZ2 1 
ATOM   286  C  CZ3 . TRP A 1 40  ? -4.101  -0.825  13.993  1.00 32.61  ? 40  TRP A CZ3 1 
ATOM   287  C  CH2 . TRP A 1 40  ? -5.196  -0.945  14.871  1.00 31.30  ? 40  TRP A CH2 1 
ATOM   288  N  N   . TYR A 1 41  ? -1.099  -6.364  13.116  1.00 30.57  ? 41  TYR A N   1 
ATOM   289  C  CA  . TYR A 1 41  ? -0.707  -7.105  14.318  1.00 31.02  ? 41  TYR A CA  1 
ATOM   290  C  C   . TYR A 1 41  ? 0.514   -6.451  14.951  1.00 31.76  ? 41  TYR A C   1 
ATOM   291  O  O   . TYR A 1 41  ? 0.536   -6.192  16.154  1.00 31.42  ? 41  TYR A O   1 
ATOM   292  C  CB  . TYR A 1 41  ? -0.364  -8.574  14.004  1.00 30.47  ? 41  TYR A CB  1 
ATOM   293  C  CG  . TYR A 1 41  ? 0.125   -9.342  15.229  1.00 29.15  ? 41  TYR A CG  1 
ATOM   294  C  CD1 . TYR A 1 41  ? -0.775  -10.001 16.073  1.00 30.53  ? 41  TYR A CD1 1 
ATOM   295  C  CD2 . TYR A 1 41  ? 1.477   -9.336  15.586  1.00 29.80  ? 41  TYR A CD2 1 
ATOM   296  C  CE1 . TYR A 1 41  ? -0.338  -10.637 17.254  1.00 29.96  ? 41  TYR A CE1 1 
ATOM   297  C  CE2 . TYR A 1 41  ? 1.927   -9.959  16.762  1.00 30.22  ? 41  TYR A CE2 1 
ATOM   298  C  CZ  . TYR A 1 41  ? 1.016   -10.605 17.590  1.00 32.49  ? 41  TYR A CZ  1 
ATOM   299  O  OH  . TYR A 1 41  ? 1.455   -11.199 18.756  1.00 30.10  ? 41  TYR A OH  1 
ATOM   300  N  N   . LYS A 1 42  ? 1.523   -6.189  14.130  1.00 32.65  ? 42  LYS A N   1 
ATOM   301  C  CA  . LYS A 1 42  ? 2.753   -5.573  14.605  1.00 36.65  ? 42  LYS A CA  1 
ATOM   302  C  C   . LYS A 1 42  ? 2.475   -4.223  15.250  1.00 38.84  ? 42  LYS A C   1 
ATOM   303  O  O   . LYS A 1 42  ? 2.988   -3.918  16.325  1.00 38.76  ? 42  LYS A O   1 
ATOM   304  C  CB  . LYS A 1 42  ? 3.742   -5.401  13.448  1.00 36.66  ? 42  LYS A CB  1 
ATOM   305  C  CG  . LYS A 1 42  ? 4.249   -6.717  12.851  1.00 37.29  ? 42  LYS A CG  1 
ATOM   306  C  CD  . LYS A 1 42  ? 5.309   -6.445  11.790  1.00 39.51  ? 42  LYS A CD  1 
ATOM   307  C  CE  . LYS A 1 42  ? 5.805   -7.722  11.139  1.00 40.15  ? 42  LYS A CE  1 
ATOM   308  N  NZ  . LYS A 1 42  ? 6.841   -7.458  10.084  1.00 40.93  ? 42  LYS A NZ  1 
ATOM   309  N  N   . TYR A 1 43  ? 1.649   -3.420  14.585  1.00 40.13  ? 43  TYR A N   1 
ATOM   310  C  CA  . TYR A 1 43  ? 1.296   -2.098  15.079  1.00 41.25  ? 43  TYR A CA  1 
ATOM   311  C  C   . TYR A 1 43  ? 0.722   -2.153  16.493  1.00 40.75  ? 43  TYR A C   1 
ATOM   312  O  O   . TYR A 1 43  ? 1.001   -1.284  17.317  1.00 40.96  ? 43  TYR A O   1 
ATOM   313  C  CB  . TYR A 1 43  ? 0.273   -1.469  14.143  1.00 44.45  ? 43  TYR A CB  1 
ATOM   314  C  CG  . TYR A 1 43  ? 0.197   0.032   14.222  1.00 46.98  ? 43  TYR A CG  1 
ATOM   315  C  CD1 . TYR A 1 43  ? 1.158   0.833   13.596  1.00 47.47  ? 43  TYR A CD1 1 
ATOM   316  C  CD2 . TYR A 1 43  ? -0.858  0.659   14.884  1.00 47.34  ? 43  TYR A CD2 1 
ATOM   317  C  CE1 . TYR A 1 43  ? 1.062   2.220   13.619  1.00 48.67  ? 43  TYR A CE1 1 
ATOM   318  C  CE2 . TYR A 1 43  ? -0.961  2.038   14.917  1.00 49.20  ? 43  TYR A CE2 1 
ATOM   319  C  CZ  . TYR A 1 43  ? -0.004  2.812   14.281  1.00 50.19  ? 43  TYR A CZ  1 
ATOM   320  O  OH  . TYR A 1 43  ? -0.133  4.179   14.284  1.00 53.03  ? 43  TYR A OH  1 
ATOM   321  N  N   . CYS A 1 44  ? -0.085  -3.176  16.762  1.00 40.20  ? 44  CYS A N   1 
ATOM   322  C  CA  . CYS A 1 44  ? -0.718  -3.355  18.065  1.00 42.07  ? 44  CYS A CA  1 
ATOM   323  C  C   . CYS A 1 44  ? 0.145   -4.054  19.117  1.00 43.26  ? 44  CYS A C   1 
ATOM   324  O  O   . CYS A 1 44  ? -0.107  -3.900  20.313  1.00 42.85  ? 44  CYS A O   1 
ATOM   325  C  CB  . CYS A 1 44  ? -2.011  -4.165  17.929  1.00 41.38  ? 44  CYS A CB  1 
ATOM   326  S  SG  . CYS A 1 44  ? -3.343  -3.404  16.988  1.00 45.31  ? 44  CYS A SG  1 
ATOM   327  N  N   . ASN A 1 45  ? 1.141   -4.830  18.689  1.00 43.86  ? 45  ASN A N   1 
ATOM   328  C  CA  . ASN A 1 45  ? 1.967   -5.566  19.650  1.00 45.42  ? 45  ASN A CA  1 
ATOM   329  C  C   . ASN A 1 45  ? 3.489   -5.398  19.575  1.00 45.45  ? 45  ASN A C   1 
ATOM   330  O  O   . ASN A 1 45  ? 4.188   -5.769  20.516  1.00 46.21  ? 45  ASN A O   1 
ATOM   331  C  CB  . ASN A 1 45  ? 1.661   -7.069  19.561  1.00 44.09  ? 45  ASN A CB  1 
ATOM   332  C  CG  . ASN A 1 45  ? 0.177   -7.377  19.609  1.00 45.59  ? 45  ASN A CG  1 
ATOM   333  O  OD1 . ASN A 1 45  ? -0.526  -7.268  18.599  1.00 50.06  ? 45  ASN A OD1 1 
ATOM   334  N  ND2 . ASN A 1 45  ? -0.311  -7.769  20.780  1.00 43.21  ? 45  ASN A ND2 1 
ATOM   335  N  N   . ASN A 1 46  ? 4.004   -4.863  18.473  1.00 45.34  ? 46  ASN A N   1 
ATOM   336  C  CA  . ASN A 1 46  ? 5.453   -4.708  18.309  1.00 46.02  ? 46  ASN A CA  1 
ATOM   337  C  C   . ASN A 1 46  ? 6.060   -3.412  18.837  1.00 47.99  ? 46  ASN A C   1 
ATOM   338  O  O   . ASN A 1 46  ? 6.349   -2.493  18.066  1.00 47.39  ? 46  ASN A O   1 
ATOM   339  C  CB  . ASN A 1 46  ? 5.828   -4.871  16.834  1.00 44.16  ? 46  ASN A CB  1 
ATOM   340  C  CG  . ASN A 1 46  ? 5.941   -6.325  16.420  1.00 42.34  ? 46  ASN A CG  1 
ATOM   341  O  OD1 . ASN A 1 46  ? 5.350   -7.212  17.045  1.00 39.39  ? 46  ASN A OD1 1 
ATOM   342  N  ND2 . ASN A 1 46  ? 6.692   -6.576  15.353  1.00 40.38  ? 46  ASN A ND2 1 
ATOM   343  N  N   . ALA A 1 47  ? 6.276   -3.356  20.150  1.00 48.68  ? 47  ALA A N   1 
ATOM   344  C  CA  . ALA A 1 47  ? 6.858   -2.178  20.785  1.00 49.37  ? 47  ALA A CA  1 
ATOM   345  C  C   . ALA A 1 47  ? 8.235   -1.810  20.229  1.00 50.33  ? 47  ALA A C   1 
ATOM   346  O  O   . ALA A 1 47  ? 8.529   -0.638  20.007  1.00 49.10  ? 47  ALA A O   1 
ATOM   347  C  CB  . ALA A 1 47  ? 6.957   -2.405  22.281  1.00 50.06  ? 47  ALA A CB  1 
ATOM   348  N  N   . THR A 1 48  ? 9.070   -2.820  19.992  1.00 52.42  ? 48  THR A N   1 
ATOM   349  C  CA  . THR A 1 48  ? 10.435  -2.611  19.497  1.00 53.61  ? 48  THR A CA  1 
ATOM   350  C  C   . THR A 1 48  ? 10.590  -1.924  18.138  1.00 54.35  ? 48  THR A C   1 
ATOM   351  O  O   . THR A 1 48  ? 11.675  -1.432  17.815  1.00 54.22  ? 48  THR A O   1 
ATOM   352  C  CB  . THR A 1 48  ? 11.217  -3.953  19.447  1.00 54.59  ? 48  THR A CB  1 
ATOM   353  O  OG1 . THR A 1 48  ? 12.477  -3.753  18.792  1.00 56.56  ? 48  THR A OG1 1 
ATOM   354  C  CG2 . THR A 1 48  ? 10.427  -5.005  18.691  1.00 54.08  ? 48  THR A CG2 1 
ATOM   355  N  N   . ASN A 1 49  ? 9.524   -1.892  17.346  1.00 54.24  ? 49  ASN A N   1 
ATOM   356  C  CA  . ASN A 1 49  ? 9.581   -1.272  16.022  1.00 55.48  ? 49  ASN A CA  1 
ATOM   357  C  C   . ASN A 1 49  ? 8.312   -0.453  15.791  1.00 54.31  ? 49  ASN A C   1 
ATOM   358  O  O   . ASN A 1 49  ? 7.211   -1.007  15.739  1.00 55.45  ? 49  ASN A O   1 
ATOM   359  C  CB  . ASN A 1 49  ? 9.707   -2.359  14.948  1.00 57.58  ? 49  ASN A CB  1 
ATOM   360  C  CG  . ASN A 1 49  ? 10.198  -1.815  13.617  1.00 60.18  ? 49  ASN A CG  1 
ATOM   361  O  OD1 . ASN A 1 49  ? 9.681   -0.816  13.110  1.00 60.56  ? 49  ASN A OD1 1 
ATOM   362  N  ND2 . ASN A 1 49  ? 11.199  -2.476  13.042  1.00 60.42  ? 49  ASN A ND2 1 
ATOM   363  N  N   . LEU A 1 50  ? 8.463   0.860   15.653  1.00 51.65  ? 50  LEU A N   1 
ATOM   364  C  CA  . LEU A 1 50  ? 7.308   1.734   15.451  1.00 49.89  ? 50  LEU A CA  1 
ATOM   365  C  C   . LEU A 1 50  ? 7.441   2.586   14.183  1.00 47.82  ? 50  LEU A C   1 
ATOM   366  O  O   . LEU A 1 50  ? 6.815   3.641   14.073  1.00 47.74  ? 50  LEU A O   1 
ATOM   367  C  CB  . LEU A 1 50  ? 7.157   2.656   16.664  1.00 51.18  ? 50  LEU A CB  1 
ATOM   368  C  CG  . LEU A 1 50  ? 7.420   2.054   18.052  1.00 52.28  ? 50  LEU A CG  1 
ATOM   369  C  CD1 . LEU A 1 50  ? 7.311   3.147   19.109  1.00 53.33  ? 50  LEU A CD1 1 
ATOM   370  C  CD2 . LEU A 1 50  ? 6.436   0.936   18.335  1.00 51.32  ? 50  LEU A CD2 1 
ATOM   371  N  N   . LYS A 1 51  ? 8.236   2.117   13.223  1.00 44.83  ? 51  LYS A N   1 
ATOM   372  C  CA  . LYS A 1 51  ? 8.494   2.852   11.981  1.00 40.95  ? 51  LYS A CA  1 
ATOM   373  C  C   . LYS A 1 51  ? 7.301   3.179   11.080  1.00 38.78  ? 51  LYS A C   1 
ATOM   374  O  O   . LYS A 1 51  ? 7.077   4.346   10.754  1.00 35.56  ? 51  LYS A O   1 
ATOM   375  C  CB  . LYS A 1 51  ? 9.564   2.125   11.164  1.00 39.67  ? 51  LYS A CB  1 
ATOM   376  N  N   . LEU A 1 52  ? 6.549   2.162   10.665  1.00 36.16  ? 52  LEU A N   1 
ATOM   377  C  CA  . LEU A 1 52  ? 5.410   2.390   9.777   1.00 35.64  ? 52  LEU A CA  1 
ATOM   378  C  C   . LEU A 1 52  ? 4.311   3.196   10.463  1.00 34.32  ? 52  LEU A C   1 
ATOM   379  O  O   . LEU A 1 52  ? 3.785   2.790   11.501  1.00 34.17  ? 52  LEU A O   1 
ATOM   380  C  CB  . LEU A 1 52  ? 4.835   1.057   9.290   1.00 35.06  ? 52  LEU A CB  1 
ATOM   381  C  CG  . LEU A 1 52  ? 4.391   0.963   7.830   1.00 36.47  ? 52  LEU A CG  1 
ATOM   382  C  CD1 . LEU A 1 52  ? 3.376   -0.158  7.713   1.00 33.10  ? 52  LEU A CD1 1 
ATOM   383  C  CD2 . LEU A 1 52  ? 3.789   2.272   7.341   1.00 36.10  ? 52  LEU A CD2 1 
ATOM   384  N  N   . LYS A 1 53  ? 3.960   4.332   9.861   1.00 33.39  ? 53  LYS A N   1 
ATOM   385  C  CA  . LYS A 1 53  ? 2.939   5.231   10.395  1.00 31.55  ? 53  LYS A CA  1 
ATOM   386  C  C   . LYS A 1 53  ? 1.747   5.424   9.452   1.00 29.65  ? 53  LYS A C   1 
ATOM   387  O  O   . LYS A 1 53  ? 0.657   5.790   9.898   1.00 26.83  ? 53  LYS A O   1 
ATOM   388  C  CB  . LYS A 1 53  ? 3.543   6.615   10.656  1.00 34.36  ? 53  LYS A CB  1 
ATOM   389  C  CG  . LYS A 1 53  ? 4.712   6.660   11.624  1.00 36.76  ? 53  LYS A CG  1 
ATOM   390  C  CD  . LYS A 1 53  ? 4.252   6.366   13.031  1.00 42.37  ? 53  LYS A CD  1 
ATOM   391  C  CE  . LYS A 1 53  ? 5.378   6.563   14.043  1.00 43.92  ? 53  LYS A CE  1 
ATOM   392  N  NZ  . LYS A 1 53  ? 4.847   6.382   15.423  1.00 45.93  ? 53  LYS A NZ  1 
ATOM   393  N  N   . LYS A 1 54  ? 1.950   5.190   8.158   1.00 27.72  ? 54  LYS A N   1 
ATOM   394  C  CA  . LYS A 1 54  ? 0.878   5.419   7.186   1.00 27.44  ? 54  LYS A CA  1 
ATOM   395  C  C   . LYS A 1 54  ? 0.885   4.488   5.989   1.00 26.53  ? 54  LYS A C   1 
ATOM   396  O  O   . LYS A 1 54  ? 1.931   4.257   5.377   1.00 25.78  ? 54  LYS A O   1 
ATOM   397  C  CB  . LYS A 1 54  ? 0.965   6.860   6.673   1.00 27.69  ? 54  LYS A CB  1 
ATOM   398  C  CG  . LYS A 1 54  ? -0.064  7.231   5.627   1.00 26.91  ? 54  LYS A CG  1 
ATOM   399  C  CD  . LYS A 1 54  ? -1.455  7.270   6.236   1.00 28.75  ? 54  LYS A CD  1 
ATOM   400  C  CE  . LYS A 1 54  ? -2.490  7.751   5.237   1.00 30.56  ? 54  LYS A CE  1 
ATOM   401  N  NZ  . LYS A 1 54  ? -3.842  7.861   5.859   1.00 30.57  ? 54  LYS A NZ  1 
ATOM   402  N  N   . ILE A 1 55  ? -0.296  3.988   5.636   1.00 24.97  ? 55  ILE A N   1 
ATOM   403  C  CA  . ILE A 1 55  ? -0.443  3.088   4.493   1.00 25.16  ? 55  ILE A CA  1 
ATOM   404  C  C   . ILE A 1 55  ? -1.423  3.634   3.469   1.00 26.04  ? 55  ILE A C   1 
ATOM   405  O  O   . ILE A 1 55  ? -2.554  4.004   3.810   1.00 25.19  ? 55  ILE A O   1 
ATOM   406  C  CB  . ILE A 1 55  ? -0.979  1.696   4.911   1.00 24.33  ? 55  ILE A CB  1 
ATOM   407  C  CG1 . ILE A 1 55  ? -0.007  1.030   5.879   1.00 28.26  ? 55  ILE A CG1 1 
ATOM   408  C  CG2 . ILE A 1 55  ? -1.187  0.819   3.684   1.00 24.45  ? 55  ILE A CG2 1 
ATOM   409  C  CD1 . ILE A 1 55  ? -0.483  -0.298  6.406   1.00 28.93  ? 55  ILE A CD1 1 
ATOM   410  N  N   . TYR A 1 56  ? -0.979  3.694   2.219   1.00 23.55  ? 56  TYR A N   1 
ATOM   411  C  CA  . TYR A 1 56  ? -1.832  4.124   1.129   1.00 23.44  ? 56  TYR A CA  1 
ATOM   412  C  C   . TYR A 1 56  ? -2.025  2.867   0.306   1.00 22.93  ? 56  TYR A C   1 
ATOM   413  O  O   . TYR A 1 56  ? -1.084  2.404   -0.346  1.00 20.68  ? 56  TYR A O   1 
ATOM   414  C  CB  . TYR A 1 56  ? -1.161  5.190   0.264   1.00 25.88  ? 56  TYR A CB  1 
ATOM   415  C  CG  . TYR A 1 56  ? -1.061  6.539   0.927   1.00 28.72  ? 56  TYR A CG  1 
ATOM   416  C  CD1 . TYR A 1 56  ? 0.110   6.937   1.564   1.00 28.85  ? 56  TYR A CD1 1 
ATOM   417  C  CD2 . TYR A 1 56  ? -2.149  7.415   0.929   1.00 29.93  ? 56  TYR A CD2 1 
ATOM   418  C  CE1 . TYR A 1 56  ? 0.199   8.185   2.192   1.00 33.54  ? 56  TYR A CE1 1 
ATOM   419  C  CE2 . TYR A 1 56  ? -2.072  8.659   1.551   1.00 30.46  ? 56  TYR A CE2 1 
ATOM   420  C  CZ  . TYR A 1 56  ? -0.896  9.036   2.181   1.00 33.43  ? 56  TYR A CZ  1 
ATOM   421  O  OH  . TYR A 1 56  ? -0.819  10.254  2.817   1.00 31.86  ? 56  TYR A OH  1 
ATOM   422  N  N   . PHE A 1 57  ? -3.226  2.301   0.343   1.00 20.61  ? 57  PHE A N   1 
ATOM   423  C  CA  . PHE A 1 57  ? -3.488  1.094   -0.425  1.00 21.85  ? 57  PHE A CA  1 
ATOM   424  C  C   . PHE A 1 57  ? -4.316  1.347   -1.679  1.00 23.37  ? 57  PHE A C   1 
ATOM   425  O  O   . PHE A 1 57  ? -5.330  2.063   -1.648  1.00 23.84  ? 57  PHE A O   1 
ATOM   426  C  CB  . PHE A 1 57  ? -4.208  0.046   0.420   1.00 21.90  ? 57  PHE A CB  1 
ATOM   427  C  CG  . PHE A 1 57  ? -4.227  -1.310  -0.210  1.00 23.14  ? 57  PHE A CG  1 
ATOM   428  C  CD1 . PHE A 1 57  ? -3.166  -2.188  -0.027  1.00 27.33  ? 57  PHE A CD1 1 
ATOM   429  C  CD2 . PHE A 1 57  ? -5.269  -1.692  -1.042  1.00 26.23  ? 57  PHE A CD2 1 
ATOM   430  C  CE1 . PHE A 1 57  ? -3.142  -3.419  -0.670  1.00 27.16  ? 57  PHE A CE1 1 
ATOM   431  C  CE2 . PHE A 1 57  ? -5.253  -2.927  -1.690  1.00 26.59  ? 57  PHE A CE2 1 
ATOM   432  C  CZ  . PHE A 1 57  ? -4.185  -3.787  -1.503  1.00 27.07  ? 57  PHE A CZ  1 
ATOM   433  N  N   . TYR A 1 58  ? -3.880  0.739   -2.775  1.00 21.77  ? 58  TYR A N   1 
ATOM   434  C  CA  . TYR A 1 58  ? -4.566  0.841   -4.049  1.00 23.06  ? 58  TYR A CA  1 
ATOM   435  C  C   . TYR A 1 58  ? -4.980  -0.545  -4.514  1.00 24.37  ? 58  TYR A C   1 
ATOM   436  O  O   . TYR A 1 58  ? -4.136  -1.440  -4.668  1.00 22.25  ? 58  TYR A O   1 
ATOM   437  C  CB  . TYR A 1 58  ? -3.655  1.480   -5.104  1.00 25.59  ? 58  TYR A CB  1 
ATOM   438  C  CG  . TYR A 1 58  ? -3.325  2.918   -4.824  1.00 26.58  ? 58  TYR A CG  1 
ATOM   439  C  CD1 . TYR A 1 58  ? -2.310  3.257   -3.936  1.00 28.95  ? 58  TYR A CD1 1 
ATOM   440  C  CD2 . TYR A 1 58  ? -4.055  3.949   -5.418  1.00 30.37  ? 58  TYR A CD2 1 
ATOM   441  C  CE1 . TYR A 1 58  ? -2.025  4.581   -3.645  1.00 31.45  ? 58  TYR A CE1 1 
ATOM   442  C  CE2 . TYR A 1 58  ? -3.780  5.286   -5.129  1.00 30.70  ? 58  TYR A CE2 1 
ATOM   443  C  CZ  . TYR A 1 58  ? -2.762  5.590   -4.243  1.00 33.68  ? 58  TYR A CZ  1 
ATOM   444  O  OH  . TYR A 1 58  ? -2.472  6.901   -3.950  1.00 36.24  ? 58  TYR A OH  1 
ATOM   445  N  N   . TRP A 1 59  ? -6.280  -0.729  -4.731  1.00 23.74  ? 59  TRP A N   1 
ATOM   446  C  CA  . TRP A 1 59  ? -6.796  -2.013  -5.197  1.00 24.07  ? 59  TRP A CA  1 
ATOM   447  C  C   . TRP A 1 59  ? -7.423  -1.887  -6.581  1.00 24.17  ? 59  TRP A C   1 
ATOM   448  O  O   . TRP A 1 59  ? -8.443  -1.222  -6.741  1.00 24.30  ? 59  TRP A O   1 
ATOM   449  C  CB  . TRP A 1 59  ? -7.827  -2.560  -4.200  1.00 21.79  ? 59  TRP A CB  1 
ATOM   450  C  CG  . TRP A 1 59  ? -8.461  -3.887  -4.577  1.00 22.12  ? 59  TRP A CG  1 
ATOM   451  C  CD1 . TRP A 1 59  ? -8.067  -4.744  -5.566  1.00 25.23  ? 59  TRP A CD1 1 
ATOM   452  C  CD2 . TRP A 1 59  ? -9.608  -4.487  -3.965  1.00 23.73  ? 59  TRP A CD2 1 
ATOM   453  N  NE1 . TRP A 1 59  ? -8.901  -5.839  -5.613  1.00 23.52  ? 59  TRP A NE1 1 
ATOM   454  C  CE2 . TRP A 1 59  ? -9.856  -5.707  -4.640  1.00 25.80  ? 59  TRP A CE2 1 
ATOM   455  C  CE3 . TRP A 1 59  ? -10.453 -4.112  -2.912  1.00 24.49  ? 59  TRP A CE3 1 
ATOM   456  C  CZ2 . TRP A 1 59  ? -10.920 -6.557  -4.298  1.00 25.27  ? 59  TRP A CZ2 1 
ATOM   457  C  CZ3 . TRP A 1 59  ? -11.511 -4.955  -2.568  1.00 26.54  ? 59  TRP A CZ3 1 
ATOM   458  C  CH2 . TRP A 1 59  ? -11.734 -6.167  -3.265  1.00 26.17  ? 59  TRP A CH2 1 
ATOM   459  N  N   . LEU A 1 60  ? -6.797  -2.509  -7.581  1.00 25.85  ? 60  LEU A N   1 
ATOM   460  C  CA  . LEU A 1 60  ? -7.312  -2.495  -8.957  1.00 29.27  ? 60  LEU A CA  1 
ATOM   461  C  C   . LEU A 1 60  ? -8.087  -3.804  -9.093  1.00 30.61  ? 60  LEU A C   1 
ATOM   462  O  O   . LEU A 1 60  ? -7.508  -4.894  -9.070  1.00 30.92  ? 60  LEU A O   1 
ATOM   463  C  CB  . LEU A 1 60  ? -6.173  -2.465  -9.974  1.00 30.20  ? 60  LEU A CB  1 
ATOM   464  C  CG  . LEU A 1 60  ? -5.124  -1.355  -9.896  1.00 35.28  ? 60  LEU A CG  1 
ATOM   465  C  CD1 . LEU A 1 60  ? -4.216  -1.477  -11.116 1.00 36.80  ? 60  LEU A CD1 1 
ATOM   466  C  CD2 . LEU A 1 60  ? -5.774  0.020   -9.870  1.00 35.62  ? 60  LEU A CD2 1 
ATOM   467  N  N   . CYS A 1 61  ? -9.397  -3.686  -9.238  1.00 31.14  ? 61  CYS A N   1 
ATOM   468  C  CA  . CYS A 1 61  ? -10.267 -4.851  -9.294  1.00 34.17  ? 61  CYS A CA  1 
ATOM   469  C  C   . CYS A 1 61  ? -11.162 -4.912  -10.534 1.00 36.03  ? 61  CYS A C   1 
ATOM   470  O  O   . CYS A 1 61  ? -11.661 -3.888  -11.003 1.00 33.20  ? 61  CYS A O   1 
ATOM   471  C  CB  . CYS A 1 61  ? -11.127 -4.843  -8.027  1.00 33.45  ? 61  CYS A CB  1 
ATOM   472  S  SG  . CYS A 1 61  ? -12.401 -6.097  -7.903  1.00 36.26  ? 61  CYS A SG  1 
ATOM   473  N  N   . ARG A 1 62  ? -11.359 -6.118  -11.058 1.00 37.53  ? 62  ARG A N   1 
ATOM   474  C  CA  . ARG A 1 62  ? -12.227 -6.294  -12.217 1.00 41.58  ? 62  ARG A CA  1 
ATOM   475  C  C   . ARG A 1 62  ? -13.501 -6.960  -11.740 1.00 41.92  ? 62  ARG A C   1 
ATOM   476  O  O   . ARG A 1 62  ? -14.597 -6.454  -11.958 1.00 43.53  ? 62  ARG A O   1 
ATOM   477  C  CB  . ARG A 1 62  ? -11.578 -7.182  -13.275 1.00 44.41  ? 62  ARG A CB  1 
ATOM   478  C  CG  . ARG A 1 62  ? -10.146 -6.834  -13.595 1.00 47.64  ? 62  ARG A CG  1 
ATOM   479  C  CD  . ARG A 1 62  ? -9.712  -7.528  -14.874 1.00 54.23  ? 62  ARG A CD  1 
ATOM   480  N  NE  . ARG A 1 62  ? -10.313 -6.918  -16.061 1.00 55.80  ? 62  ARG A NE  1 
ATOM   481  C  CZ  . ARG A 1 62  ? -10.016 -5.702  -16.513 1.00 56.95  ? 62  ARG A CZ  1 
ATOM   482  N  NH1 . ARG A 1 62  ? -9.122  -4.950  -15.884 1.00 56.92  ? 62  ARG A NH1 1 
ATOM   483  N  NH2 . ARG A 1 62  ? -10.611 -5.237  -17.605 1.00 57.60  ? 62  ARG A NH2 1 
ATOM   484  N  N   . ASP A 1 63  ? -13.336 -8.098  -11.075 1.00 42.12  ? 63  ASP A N   1 
ATOM   485  C  CA  . ASP A 1 63  ? -14.445 -8.885  -10.551 1.00 41.57  ? 63  ASP A CA  1 
ATOM   486  C  C   . ASP A 1 63  ? -14.593 -8.583  -9.061  1.00 41.30  ? 63  ASP A C   1 
ATOM   487  O  O   . ASP A 1 63  ? -13.723 -8.937  -8.269  1.00 39.80  ? 63  ASP A O   1 
ATOM   488  C  CB  . ASP A 1 63  ? -14.136 -10.368 -10.759 1.00 42.60  ? 63  ASP A CB  1 
ATOM   489  C  CG  . ASP A 1 63  ? -15.334 -11.254 -10.546 1.00 42.00  ? 63  ASP A CG  1 
ATOM   490  O  OD1 . ASP A 1 63  ? -16.050 -11.080 -9.537  1.00 44.14  ? 63  ASP A OD1 1 
ATOM   491  O  OD2 . ASP A 1 63  ? -15.549 -12.145 -11.393 1.00 46.06  ? 63  ASP A OD2 1 
ATOM   492  N  N   . THR A 1 64  ? -15.696 -7.946  -8.677  1.00 41.97  ? 64  THR A N   1 
ATOM   493  C  CA  . THR A 1 64  ? -15.895 -7.586  -7.272  1.00 43.09  ? 64  THR A CA  1 
ATOM   494  C  C   . THR A 1 64  ? -16.280 -8.750  -6.365  1.00 43.06  ? 64  THR A C   1 
ATOM   495  O  O   . THR A 1 64  ? -16.034 -8.707  -5.160  1.00 44.62  ? 64  THR A O   1 
ATOM   496  C  CB  . THR A 1 64  ? -16.972 -6.480  -7.104  1.00 43.35  ? 64  THR A CB  1 
ATOM   497  O  OG1 . THR A 1 64  ? -18.282 -7.056  -7.208  1.00 43.26  ? 64  THR A OG1 1 
ATOM   498  C  CG2 . THR A 1 64  ? -16.799 -5.399  -8.167  1.00 43.99  ? 64  THR A CG2 1 
ATOM   499  N  N   . HIS A 1 65  ? -16.884 -9.784  -6.936  1.00 43.11  ? 65  HIS A N   1 
ATOM   500  C  CA  . HIS A 1 65  ? -17.297 -10.934 -6.142  1.00 42.85  ? 65  HIS A CA  1 
ATOM   501  C  C   . HIS A 1 65  ? -16.160 -11.935 -5.922  1.00 41.14  ? 65  HIS A C   1 
ATOM   502  O  O   . HIS A 1 65  ? -16.018 -12.485 -4.832  1.00 40.49  ? 65  HIS A O   1 
ATOM   503  C  CB  . HIS A 1 65  ? -18.479 -11.639 -6.811  1.00 45.01  ? 65  HIS A CB  1 
ATOM   504  C  CG  . HIS A 1 65  ? -19.051 -12.753 -5.992  1.00 47.08  ? 65  HIS A CG  1 
ATOM   505  N  ND1 . HIS A 1 65  ? -19.712 -12.534 -4.802  1.00 49.74  ? 65  HIS A ND1 1 
ATOM   506  C  CD2 . HIS A 1 65  ? -19.023 -14.095 -6.165  1.00 47.99  ? 65  HIS A CD2 1 
ATOM   507  C  CE1 . HIS A 1 65  ? -20.064 -13.692 -4.277  1.00 49.23  ? 65  HIS A CE1 1 
ATOM   508  N  NE2 . HIS A 1 65  ? -19.657 -14.656 -5.083  1.00 50.05  ? 65  HIS A NE2 1 
ATOM   509  N  N   . ALA A 1 66  ? -15.358 -12.155 -6.960  1.00 40.71  ? 66  ALA A N   1 
ATOM   510  C  CA  . ALA A 1 66  ? -14.235 -13.086 -6.912  1.00 40.83  ? 66  ALA A CA  1 
ATOM   511  C  C   . ALA A 1 66  ? -13.350 -12.891 -5.682  1.00 41.40  ? 66  ALA A C   1 
ATOM   512  O  O   . ALA A 1 66  ? -12.867 -13.858 -5.103  1.00 41.79  ? 66  ALA A O   1 
ATOM   513  C  CB  . ALA A 1 66  ? -13.402 -12.946 -8.168  1.00 40.21  ? 66  ALA A CB  1 
ATOM   514  N  N   . PHE A 1 67  ? -13.132 -11.639 -5.290  1.00 41.22  ? 67  PHE A N   1 
ATOM   515  C  CA  . PHE A 1 67  ? -12.313 -11.337 -4.123  1.00 41.16  ? 67  PHE A CA  1 
ATOM   516  C  C   . PHE A 1 67  ? -13.110 -10.537 -3.107  1.00 41.04  ? 67  PHE A C   1 
ATOM   517  O  O   . PHE A 1 67  ? -12.590 -9.625  -2.458  1.00 41.05  ? 67  PHE A O   1 
ATOM   518  C  CB  . PHE A 1 67  ? -11.064 -10.564 -4.542  1.00 42.89  ? 67  PHE A CB  1 
ATOM   519  C  CG  . PHE A 1 67  ? -10.199 -11.307 -5.511  1.00 42.53  ? 67  PHE A CG  1 
ATOM   520  C  CD1 . PHE A 1 67  ? -10.211 -10.983 -6.861  1.00 44.51  ? 67  PHE A CD1 1 
ATOM   521  C  CD2 . PHE A 1 67  ? -9.389  -12.351 -5.079  1.00 44.99  ? 67  PHE A CD2 1 
ATOM   522  C  CE1 . PHE A 1 67  ? -9.425  -11.689 -7.771  1.00 45.74  ? 67  PHE A CE1 1 
ATOM   523  C  CE2 . PHE A 1 67  ? -8.600  -13.066 -5.980  1.00 45.14  ? 67  PHE A CE2 1 
ATOM   524  C  CZ  . PHE A 1 67  ? -8.618  -12.734 -7.328  1.00 44.68  ? 67  PHE A CZ  1 
ATOM   525  N  N   . GLU A 1 68  ? -14.383 -10.899 -2.981  1.00 39.49  ? 68  GLU A N   1 
ATOM   526  C  CA  . GLU A 1 68  ? -15.310 -10.261 -2.055  1.00 37.83  ? 68  GLU A CA  1 
ATOM   527  C  C   . GLU A 1 68  ? -14.719 -10.301 -0.654  1.00 35.89  ? 68  GLU A C   1 
ATOM   528  O  O   . GLU A 1 68  ? -14.896 -9.379  0.138   1.00 33.56  ? 68  GLU A O   1 
ATOM   529  C  CB  . GLU A 1 68  ? -16.640 -11.025 -2.060  1.00 38.93  ? 68  GLU A CB  1 
ATOM   530  C  CG  . GLU A 1 68  ? -17.884 -10.219 -1.706  1.00 41.84  ? 68  GLU A CG  1 
ATOM   531  C  CD  . GLU A 1 68  ? -17.765 -9.434  -0.412  1.00 41.26  ? 68  GLU A CD  1 
ATOM   532  O  OE1 . GLU A 1 68  ? -17.214 -8.310  -0.446  1.00 39.16  ? 68  GLU A OE1 1 
ATOM   533  O  OE2 . GLU A 1 68  ? -18.226 -9.941  0.634   1.00 40.27  ? 68  GLU A OE2 1 
ATOM   534  N  N   . TRP A 1 69  ? -14.014 -11.385 -0.352  1.00 34.53  ? 69  TRP A N   1 
ATOM   535  C  CA  . TRP A 1 69  ? -13.413 -11.553 0.960   1.00 32.61  ? 69  TRP A CA  1 
ATOM   536  C  C   . TRP A 1 69  ? -12.376 -10.476 1.251   1.00 30.16  ? 69  TRP A C   1 
ATOM   537  O  O   . TRP A 1 69  ? -12.177 -10.097 2.403   1.00 30.25  ? 69  TRP A O   1 
ATOM   538  C  CB  . TRP A 1 69  ? -12.756 -12.934 1.070   1.00 32.44  ? 69  TRP A CB  1 
ATOM   539  C  CG  . TRP A 1 69  ? -11.655 -13.146 0.088   1.00 31.55  ? 69  TRP A CG  1 
ATOM   540  C  CD1 . TRP A 1 69  ? -11.766 -13.636 -1.182  1.00 32.44  ? 69  TRP A CD1 1 
ATOM   541  C  CD2 . TRP A 1 69  ? -10.263 -12.856 0.287   1.00 32.18  ? 69  TRP A CD2 1 
ATOM   542  N  NE1 . TRP A 1 69  ? -10.529 -13.672 -1.787  1.00 32.02  ? 69  TRP A NE1 1 
ATOM   543  C  CE2 . TRP A 1 69  ? -9.590  -13.198 -0.907  1.00 31.45  ? 69  TRP A CE2 1 
ATOM   544  C  CE3 . TRP A 1 69  ? -9.521  -12.340 1.356   1.00 29.76  ? 69  TRP A CE3 1 
ATOM   545  C  CZ2 . TRP A 1 69  ? -8.209  -13.040 -1.058  1.00 31.83  ? 69  TRP A CZ2 1 
ATOM   546  C  CZ3 . TRP A 1 69  ? -8.147  -12.184 1.207   1.00 31.07  ? 69  TRP A CZ3 1 
ATOM   547  C  CH2 . TRP A 1 69  ? -7.507  -12.534 0.009   1.00 32.02  ? 69  TRP A CH2 1 
ATOM   548  N  N   . PHE A 1 70  ? -11.707 -9.979  0.217   1.00 28.24  ? 70  PHE A N   1 
ATOM   549  C  CA  . PHE A 1 70  ? -10.703 -8.953  0.449   1.00 27.35  ? 70  PHE A CA  1 
ATOM   550  C  C   . PHE A 1 70  ? -11.349 -7.635  0.873   1.00 27.28  ? 70  PHE A C   1 
ATOM   551  O  O   . PHE A 1 70  ? -10.805 -6.906  1.711   1.00 26.22  ? 70  PHE A O   1 
ATOM   552  C  CB  . PHE A 1 70  ? -9.837  -8.728  -0.790  1.00 26.19  ? 70  PHE A CB  1 
ATOM   553  C  CG  . PHE A 1 70  ? -8.672  -7.800  -0.538  1.00 26.38  ? 70  PHE A CG  1 
ATOM   554  C  CD1 . PHE A 1 70  ? -7.617  -8.200  0.284   1.00 29.07  ? 70  PHE A CD1 1 
ATOM   555  C  CD2 . PHE A 1 70  ? -8.665  -6.509  -1.054  1.00 25.22  ? 70  PHE A CD2 1 
ATOM   556  C  CE1 . PHE A 1 70  ? -6.575  -7.319  0.592   1.00 28.00  ? 70  PHE A CE1 1 
ATOM   557  C  CE2 . PHE A 1 70  ? -7.632  -5.621  -0.754  1.00 27.93  ? 70  PHE A CE2 1 
ATOM   558  C  CZ  . PHE A 1 70  ? -6.584  -6.028  0.073   1.00 28.53  ? 70  PHE A CZ  1 
ATOM   559  N  N   . ALA A 1 71  ? -12.508 -7.324  0.300   1.00 27.10  ? 71  ALA A N   1 
ATOM   560  C  CA  . ALA A 1 71  ? -13.211 -6.094  0.657   1.00 27.31  ? 71  ALA A CA  1 
ATOM   561  C  C   . ALA A 1 71  ? -13.648 -6.182  2.119   1.00 26.29  ? 71  ALA A C   1 
ATOM   562  O  O   . ALA A 1 71  ? -13.580 -5.202  2.866   1.00 27.26  ? 71  ALA A O   1 
ATOM   563  C  CB  . ALA A 1 71  ? -14.441 -5.885  -0.270  1.00 25.13  ? 71  ALA A CB  1 
ATOM   564  N  N   . ASP A 1 72  ? -14.092 -7.363  2.534   1.00 27.27  ? 72  ASP A N   1 
ATOM   565  C  CA  . ASP A 1 72  ? -14.527 -7.543  3.910   1.00 25.88  ? 72  ASP A CA  1 
ATOM   566  C  C   . ASP A 1 72  ? -13.342 -7.375  4.836   1.00 25.02  ? 72  ASP A C   1 
ATOM   567  O  O   . ASP A 1 72  ? -13.479 -6.854  5.939   1.00 23.84  ? 72  ASP A O   1 
ATOM   568  C  CB  . ASP A 1 72  ? -15.146 -8.927  4.103   1.00 29.17  ? 72  ASP A CB  1 
ATOM   569  C  CG  . ASP A 1 72  ? -16.397 -9.111  3.278   1.00 30.83  ? 72  ASP A CG  1 
ATOM   570  O  OD1 . ASP A 1 72  ? -16.996 -8.081  2.928   1.00 28.89  ? 72  ASP A OD1 1 
ATOM   571  O  OD2 . ASP A 1 72  ? -16.776 -10.257 2.988   1.00 33.15  ? 72  ASP A OD2 1 
ATOM   572  N  N   . LEU A 1 73  ? -12.173 -7.818  4.385   1.00 23.53  ? 73  LEU A N   1 
ATOM   573  C  CA  . LEU A 1 73  ? -10.975 -7.689  5.206   1.00 25.79  ? 73  LEU A CA  1 
ATOM   574  C  C   . LEU A 1 73  ? -10.647 -6.215  5.405   1.00 24.93  ? 73  LEU A C   1 
ATOM   575  O  O   . LEU A 1 73  ? -10.334 -5.790  6.519   1.00 25.64  ? 73  LEU A O   1 
ATOM   576  C  CB  . LEU A 1 73  ? -9.802  -8.418  4.547   1.00 25.29  ? 73  LEU A CB  1 
ATOM   577  C  CG  . LEU A 1 73  ? -8.441  -8.312  5.237   1.00 24.59  ? 73  LEU A CG  1 
ATOM   578  C  CD1 . LEU A 1 73  ? -8.562  -8.740  6.686   1.00 25.66  ? 73  LEU A CD1 1 
ATOM   579  C  CD2 . LEU A 1 73  ? -7.438  -9.205  4.505   1.00 23.98  ? 73  LEU A CD2 1 
ATOM   580  N  N   . LEU A 1 74  ? -10.740 -5.428  4.334   1.00 25.83  ? 74  LEU A N   1 
ATOM   581  C  CA  . LEU A 1 74  ? -10.456 -3.998  4.414   1.00 25.78  ? 74  LEU A CA  1 
ATOM   582  C  C   . LEU A 1 74  ? -11.391 -3.307  5.400   1.00 27.21  ? 74  LEU A C   1 
ATOM   583  O  O   . LEU A 1 74  ? -10.953 -2.495  6.214   1.00 27.75  ? 74  LEU A O   1 
ATOM   584  C  CB  . LEU A 1 74  ? -10.584 -3.337  3.034   1.00 25.73  ? 74  LEU A CB  1 
ATOM   585  C  CG  . LEU A 1 74  ? -9.432  -3.514  2.044   1.00 27.68  ? 74  LEU A CG  1 
ATOM   586  C  CD1 . LEU A 1 74  ? -9.788  -2.875  0.698   1.00 28.55  ? 74  LEU A CD1 1 
ATOM   587  C  CD2 . LEU A 1 74  ? -8.181  -2.853  2.618   1.00 29.06  ? 74  LEU A CD2 1 
ATOM   588  N  N   . GLN A 1 75  ? -12.680 -3.620  5.325   1.00 26.19  ? 75  GLN A N   1 
ATOM   589  C  CA  . GLN A 1 75  ? -13.636 -3.020  6.241   1.00 28.29  ? 75  GLN A CA  1 
ATOM   590  C  C   . GLN A 1 75  ? -13.302 -3.454  7.662   1.00 28.74  ? 75  GLN A C   1 
ATOM   591  O  O   . GLN A 1 75  ? -13.338 -2.647  8.587   1.00 32.49  ? 75  GLN A O   1 
ATOM   592  C  CB  . GLN A 1 75  ? -15.057 -3.454  5.890   1.00 28.23  ? 75  GLN A CB  1 
ATOM   593  C  CG  . GLN A 1 75  ? -15.417 -3.217  4.436   1.00 33.06  ? 75  GLN A CG  1 
ATOM   594  C  CD  . GLN A 1 75  ? -16.823 -3.672  4.110   1.00 35.98  ? 75  GLN A CD  1 
ATOM   595  O  OE1 . GLN A 1 75  ? -17.800 -2.963  4.382   1.00 38.02  ? 75  GLN A OE1 1 
ATOM   596  N  NE2 . GLN A 1 75  ? -16.940 -4.868  3.539   1.00 34.66  ? 75  GLN A NE2 1 
ATOM   597  N  N   . LEU A 1 76  ? -12.972 -4.730  7.836   1.00 28.88  ? 76  LEU A N   1 
ATOM   598  C  CA  . LEU A 1 76  ? -12.635 -5.229  9.169   1.00 30.42  ? 76  LEU A CA  1 
ATOM   599  C  C   . LEU A 1 76  ? -11.467 -4.445  9.759   1.00 29.32  ? 76  LEU A C   1 
ATOM   600  O  O   . LEU A 1 76  ? -11.548 -3.938  10.883  1.00 31.10  ? 76  LEU A O   1 
ATOM   601  C  CB  . LEU A 1 76  ? -12.284 -6.723  9.116   1.00 31.38  ? 76  LEU A CB  1 
ATOM   602  C  CG  . LEU A 1 76  ? -11.750 -7.307  10.437  1.00 32.14  ? 76  LEU A CG  1 
ATOM   603  C  CD1 . LEU A 1 76  ? -12.777 -7.099  11.540  1.00 32.75  ? 76  LEU A CD1 1 
ATOM   604  C  CD2 . LEU A 1 76  ? -11.435 -8.791  10.276  1.00 32.79  ? 76  LEU A CD2 1 
ATOM   605  N  N   . LEU A 1 77  ? -10.382 -4.349  8.993   1.00 28.43  ? 77  LEU A N   1 
ATOM   606  C  CA  . LEU A 1 77  ? -9.189  -3.622  9.416   1.00 29.00  ? 77  LEU A CA  1 
ATOM   607  C  C   . LEU A 1 77  ? -9.521  -2.174  9.730   1.00 29.66  ? 77  LEU A C   1 
ATOM   608  O  O   . LEU A 1 77  ? -9.114  -1.627  10.755  1.00 27.95  ? 77  LEU A O   1 
ATOM   609  C  CB  . LEU A 1 77  ? -8.135  -3.664  8.306   1.00 27.02  ? 77  LEU A CB  1 
ATOM   610  C  CG  . LEU A 1 77  ? -7.506  -5.038  8.073   1.00 27.59  ? 77  LEU A CG  1 
ATOM   611  C  CD1 . LEU A 1 77  ? -6.702  -5.014  6.792   1.00 30.11  ? 77  LEU A CD1 1 
ATOM   612  C  CD2 . LEU A 1 77  ? -6.629  -5.419  9.269   1.00 27.64  ? 77  LEU A CD2 1 
ATOM   613  N  N   . GLU A 1 78  ? -10.261 -1.557  8.818   1.00 28.81  ? 78  GLU A N   1 
ATOM   614  C  CA  . GLU A 1 78  ? -10.673 -0.177  8.947   1.00 30.74  ? 78  GLU A CA  1 
ATOM   615  C  C   . GLU A 1 78  ? -11.438 -0.007  10.257  1.00 31.13  ? 78  GLU A C   1 
ATOM   616  O  O   . GLU A 1 78  ? -11.222 0.952   10.999  1.00 31.15  ? 78  GLU A O   1 
ATOM   617  C  CB  . GLU A 1 78  ? -11.558 0.174   7.751   1.00 32.51  ? 78  GLU A CB  1 
ATOM   618  C  CG  . GLU A 1 78  ? -11.857 1.636   7.559   1.00 37.12  ? 78  GLU A CG  1 
ATOM   619  C  CD  . GLU A 1 78  ? -12.779 1.872   6.374   1.00 37.56  ? 78  GLU A CD  1 
ATOM   620  O  OE1 . GLU A 1 78  ? -12.924 3.036   5.967   1.00 38.57  ? 78  GLU A OE1 1 
ATOM   621  O  OE2 . GLU A 1 78  ? -13.365 0.892   5.855   1.00 40.33  ? 78  GLU A OE2 1 
ATOM   622  N  N   . SER A 1 79  ? -12.328 -0.953  10.544  1.00 33.32  ? 79  SER A N   1 
ATOM   623  C  CA  . SER A 1 79  ? -13.125 -0.898  11.765  1.00 36.33  ? 79  SER A CA  1 
ATOM   624  C  C   . SER A 1 79  ? -12.258 -0.994  13.017  1.00 36.96  ? 79  SER A C   1 
ATOM   625  O  O   . SER A 1 79  ? -12.379 -0.170  13.924  1.00 36.45  ? 79  SER A O   1 
ATOM   626  C  CB  . SER A 1 79  ? -14.160 -2.022  11.768  1.00 38.44  ? 79  SER A CB  1 
ATOM   627  O  OG  . SER A 1 79  ? -14.834 -2.070  13.014  1.00 43.47  ? 79  SER A OG  1 
ATOM   628  N  N   . GLN A 1 80  ? -11.387 -1.999  13.064  1.00 37.70  ? 80  GLN A N   1 
ATOM   629  C  CA  . GLN A 1 80  ? -10.499 -2.187  14.208  1.00 39.03  ? 80  GLN A CA  1 
ATOM   630  C  C   . GLN A 1 80  ? -9.656  -0.936  14.424  1.00 38.78  ? 80  GLN A C   1 
ATOM   631  O  O   . GLN A 1 80  ? -9.429  -0.512  15.558  1.00 38.36  ? 80  GLN A O   1 
ATOM   632  C  CB  . GLN A 1 80  ? -9.569  -3.382  13.975  1.00 42.14  ? 80  GLN A CB  1 
ATOM   633  C  CG  . GLN A 1 80  ? -10.271 -4.714  13.770  1.00 47.42  ? 80  GLN A CG  1 
ATOM   634  C  CD  . GLN A 1 80  ? -10.988 -5.198  15.015  1.00 51.98  ? 80  GLN A CD  1 
ATOM   635  O  OE1 . GLN A 1 80  ? -10.387 -5.312  16.086  1.00 54.23  ? 80  GLN A OE1 1 
ATOM   636  N  NE2 . GLN A 1 80  ? -12.278 -5.492  14.883  1.00 54.20  ? 80  GLN A NE2 1 
ATOM   637  N  N   . MET A 1 81  ? -9.193  -0.344  13.328  1.00 38.30  ? 81  MET A N   1 
ATOM   638  C  CA  . MET A 1 81  ? -8.368  0.854   13.405  1.00 37.90  ? 81  MET A CA  1 
ATOM   639  C  C   . MET A 1 81  ? -9.118  2.053   13.973  1.00 40.29  ? 81  MET A C   1 
ATOM   640  O  O   . MET A 1 81  ? -8.571  2.799   14.791  1.00 39.10  ? 81  MET A O   1 
ATOM   641  C  CB  . MET A 1 81  ? -7.800  1.188   12.022  1.00 36.80  ? 81  MET A CB  1 
ATOM   642  C  CG  . MET A 1 81  ? -6.718  0.212   11.573  1.00 33.97  ? 81  MET A CG  1 
ATOM   643  S  SD  . MET A 1 81  ? -6.237  0.384   9.844   1.00 32.46  ? 81  MET A SD  1 
ATOM   644  C  CE  . MET A 1 81  ? -5.636  -1.290  9.516   1.00 34.95  ? 81  MET A CE  1 
ATOM   645  N  N   . GLN A 1 82  ? -10.362 2.245   13.541  1.00 42.11  ? 82  GLN A N   1 
ATOM   646  C  CA  . GLN A 1 82  ? -11.163 3.359   14.047  1.00 45.68  ? 82  GLN A CA  1 
ATOM   647  C  C   . GLN A 1 82  ? -11.377 3.137   15.540  1.00 48.35  ? 82  GLN A C   1 
ATOM   648  O  O   . GLN A 1 82  ? -11.404 4.086   16.325  1.00 48.13  ? 82  GLN A O   1 
ATOM   649  C  CB  . GLN A 1 82  ? -12.505 3.421   13.325  1.00 44.33  ? 82  GLN A CB  1 
ATOM   650  N  N   . GLU A 1 83  ? -11.519 1.870   15.921  1.00 51.77  ? 83  GLU A N   1 
ATOM   651  C  CA  . GLU A 1 83  ? -11.717 1.483   17.313  1.00 54.61  ? 83  GLU A CA  1 
ATOM   652  C  C   . GLU A 1 83  ? -10.541 1.858   18.215  1.00 55.53  ? 83  GLU A C   1 
ATOM   653  O  O   . GLU A 1 83  ? -10.682 2.677   19.123  1.00 57.15  ? 83  GLU A O   1 
ATOM   654  C  CB  . GLU A 1 83  ? -11.931 -0.030  17.419  1.00 56.44  ? 83  GLU A CB  1 
ATOM   655  C  CG  . GLU A 1 83  ? -13.286 -0.536  16.969  1.00 60.19  ? 83  GLU A CG  1 
ATOM   656  C  CD  . GLU A 1 83  ? -13.356 -2.057  16.971  1.00 63.44  ? 83  GLU A CD  1 
ATOM   657  O  OE1 . GLU A 1 83  ? -12.989 -2.673  17.996  1.00 63.96  ? 83  GLU A OE1 1 
ATOM   658  O  OE2 . GLU A 1 83  ? -13.782 -2.641  15.950  1.00 66.51  ? 83  GLU A OE2 1 
ATOM   659  N  N   . ARG A 1 84  ? -9.383  1.256   17.951  1.00 55.23  ? 84  ARG A N   1 
ATOM   660  C  CA  . ARG A 1 84  ? -8.184  1.465   18.753  1.00 54.63  ? 84  ARG A CA  1 
ATOM   661  C  C   . ARG A 1 84  ? -7.456  2.738   18.333  1.00 54.39  ? 84  ARG A C   1 
ATOM   662  O  O   . ARG A 1 84  ? -6.226  2.782   18.309  1.00 53.94  ? 84  ARG A O   1 
ATOM   663  C  CB  . ARG A 1 84  ? -7.259  0.263   18.648  1.00 53.85  ? 84  ARG A CB  1 
ATOM   664  N  N   . ASN A 1 85  ? -8.223  3.772   18.003  1.00 55.17  ? 85  ASN A N   1 
ATOM   665  C  CA  . ASN A 1 85  ? -7.730  5.143   18.063  1.00 55.63  ? 85  ASN A CA  1 
ATOM   666  C  C   . ASN A 1 85  ? -6.666  5.391   17.000  1.00 55.76  ? 85  ASN A C   1 
ATOM   667  O  O   . ASN A 1 85  ? -5.620  5.978   17.278  1.00 56.78  ? 85  ASN A O   1 
ATOM   668  C  CB  . ASN A 1 85  ? -7.180  5.449   19.447  1.00 56.19  ? 85  ASN A CB  1 
ATOM   669  N  N   . ASN A 1 86  ? -6.939  4.941   15.779  1.00 53.89  ? 86  ASN A N   1 
ATOM   670  C  CA  . ASN A 1 86  ? -5.906  4.823   14.757  1.00 51.88  ? 86  ASN A CA  1 
ATOM   671  C  C   . ASN A 1 86  ? -6.483  4.870   13.346  1.00 50.84  ? 86  ASN A C   1 
ATOM   672  O  O   . ASN A 1 86  ? -5.805  4.530   12.376  1.00 48.80  ? 86  ASN A O   1 
ATOM   673  C  CB  . ASN A 1 86  ? -5.103  3.535   14.953  1.00 53.12  ? 86  ASN A CB  1 
ATOM   674  C  CG  . ASN A 1 86  ? -3.728  3.603   14.318  1.00 54.98  ? 86  ASN A CG  1 
ATOM   675  O  OD1 . ASN A 1 86  ? -2.976  4.551   14.540  1.00 54.42  ? 86  ASN A OD1 1 
ATOM   676  N  ND2 . ASN A 1 86  ? -3.394  2.595   13.522  1.00 58.28  ? 86  ASN A ND2 1 
ATOM   677  N  N   . ALA A 1 87  ? -7.680  5.444   13.237  1.00 42.14  ? 87  ALA A N   1 
ATOM   678  C  CA  . ALA A 1 87  ? -8.298  5.648   11.935  1.00 40.99  ? 87  ALA A CA  1 
ATOM   679  C  C   . ALA A 1 87  ? -7.331  6.638   11.274  1.00 40.87  ? 87  ALA A C   1 
ATOM   680  O  O   . ALA A 1 87  ? -6.885  7.595   11.910  1.00 41.50  ? 87  ALA A O   1 
ATOM   681  C  CB  . ALA A 1 87  ? -9.673  6.280   12.095  1.00 41.36  ? 87  ALA A CB  1 
ATOM   682  N  N   . GLY A 1 88  ? -6.992  6.414   10.011  1.00 39.77  ? 88  GLY A N   1 
ATOM   683  C  CA  . GLY A 1 88  ? -6.051  7.312   9.363   1.00 39.18  ? 88  GLY A CA  1 
ATOM   684  C  C   . GLY A 1 88  ? -4.734  6.596   9.127   1.00 36.61  ? 88  GLY A C   1 
ATOM   685  O  O   . GLY A 1 88  ? -3.884  7.061   8.373   1.00 36.72  ? 88  GLY A O   1 
ATOM   686  N  N   . PHE A 1 89  ? -4.565  5.458   9.793   1.00 34.38  ? 89  PHE A N   1 
ATOM   687  C  CA  . PHE A 1 89  ? -3.369  4.651   9.629   1.00 31.29  ? 89  PHE A CA  1 
ATOM   688  C  C   . PHE A 1 89  ? -3.416  4.097   8.204   1.00 29.95  ? 89  PHE A C   1 
ATOM   689  O  O   . PHE A 1 89  ? -2.408  4.048   7.500   1.00 27.59  ? 89  PHE A O   1 
ATOM   690  C  CB  . PHE A 1 89  ? -3.376  3.488   10.623  1.00 31.94  ? 89  PHE A CB  1 
ATOM   691  C  CG  . PHE A 1 89  ? -2.209  2.553   10.479  1.00 34.49  ? 89  PHE A CG  1 
ATOM   692  C  CD1 . PHE A 1 89  ? -2.364  1.190   10.713  1.00 36.26  ? 89  PHE A CD1 1 
ATOM   693  C  CD2 . PHE A 1 89  ? -0.946  3.033   10.137  1.00 35.89  ? 89  PHE A CD2 1 
ATOM   694  C  CE1 . PHE A 1 89  ? -1.281  0.322   10.612  1.00 36.90  ? 89  PHE A CE1 1 
ATOM   695  C  CE2 . PHE A 1 89  ? 0.142   2.171   10.036  1.00 35.82  ? 89  PHE A CE2 1 
ATOM   696  C  CZ  . PHE A 1 89  ? -0.026  0.820   10.272  1.00 37.34  ? 89  PHE A CZ  1 
ATOM   697  N  N   . LEU A 1 90  ? -4.612  3.685   7.795   1.00 26.85  ? 90  LEU A N   1 
ATOM   698  C  CA  . LEU A 1 90  ? -4.831  3.111   6.475   1.00 25.43  ? 90  LEU A CA  1 
ATOM   699  C  C   . LEU A 1 90  ? -5.803  3.914   5.611   1.00 26.86  ? 90  LEU A C   1 
ATOM   700  O  O   . LEU A 1 90  ? -6.917  4.243   6.032   1.00 24.46  ? 90  LEU A O   1 
ATOM   701  C  CB  . LEU A 1 90  ? -5.359  1.678   6.623   1.00 24.21  ? 90  LEU A CB  1 
ATOM   702  C  CG  . LEU A 1 90  ? -5.897  0.961   5.379   1.00 26.04  ? 90  LEU A CG  1 
ATOM   703  C  CD1 . LEU A 1 90  ? -4.740  0.655   4.404   1.00 22.98  ? 90  LEU A CD1 1 
ATOM   704  C  CD2 . LEU A 1 90  ? -6.601  -0.338  5.808   1.00 26.60  ? 90  LEU A CD2 1 
ATOM   705  N  N   . SER A 1 91  ? -5.372  4.243   4.401   1.00 25.97  ? 91  SER A N   1 
ATOM   706  C  CA  . SER A 1 91  ? -6.241  4.938   3.461   1.00 26.36  ? 91  SER A CA  1 
ATOM   707  C  C   . SER A 1 91  ? -6.227  4.015   2.258   1.00 26.59  ? 91  SER A C   1 
ATOM   708  O  O   . SER A 1 91  ? -5.159  3.590   1.823   1.00 25.62  ? 91  SER A O   1 
ATOM   709  C  CB  . SER A 1 91  ? -5.682  6.308   3.079   1.00 25.62  ? 91  SER A CB  1 
ATOM   710  O  OG  . SER A 1 91  ? -5.745  7.193   4.180   1.00 31.40  ? 91  SER A OG  1 
ATOM   711  N  N   . TYR A 1 92  ? -7.397  3.666   1.744   1.00 24.99  ? 92  TYR A N   1 
ATOM   712  C  CA  . TYR A 1 92  ? -7.433  2.789   0.588   1.00 25.53  ? 92  TYR A CA  1 
ATOM   713  C  C   . TYR A 1 92  ? -8.350  3.321   -0.499  1.00 26.89  ? 92  TYR A C   1 
ATOM   714  O  O   . TYR A 1 92  ? -9.371  3.959   -0.217  1.00 23.98  ? 92  TYR A O   1 
ATOM   715  C  CB  . TYR A 1 92  ? -7.844  1.363   0.991   1.00 24.87  ? 92  TYR A CB  1 
ATOM   716  C  CG  . TYR A 1 92  ? -9.234  1.204   1.584   1.00 24.80  ? 92  TYR A CG  1 
ATOM   717  C  CD1 . TYR A 1 92  ? -9.423  1.134   2.972   1.00 26.53  ? 92  TYR A CD1 1 
ATOM   718  C  CD2 . TYR A 1 92  ? -10.356 1.087   0.758   1.00 26.84  ? 92  TYR A CD2 1 
ATOM   719  C  CE1 . TYR A 1 92  ? -10.704 0.942   3.526   1.00 25.38  ? 92  TYR A CE1 1 
ATOM   720  C  CE2 . TYR A 1 92  ? -11.642 0.902   1.295   1.00 25.24  ? 92  TYR A CE2 1 
ATOM   721  C  CZ  . TYR A 1 92  ? -11.806 0.828   2.675   1.00 27.73  ? 92  TYR A CZ  1 
ATOM   722  O  OH  . TYR A 1 92  ? -13.062 0.631   3.204   1.00 27.78  ? 92  TYR A OH  1 
ATOM   723  N  N   . ASN A 1 93  ? -7.949  3.085   -1.741  1.00 24.98  ? 93  ASN A N   1 
ATOM   724  C  CA  . ASN A 1 93  ? -8.716  3.506   -2.900  1.00 26.10  ? 93  ASN A CA  1 
ATOM   725  C  C   . ASN A 1 93  ? -8.952  2.253   -3.719  1.00 26.51  ? 93  ASN A C   1 
ATOM   726  O  O   . ASN A 1 93  ? -8.012  1.509   -4.010  1.00 27.62  ? 93  ASN A O   1 
ATOM   727  C  CB  . ASN A 1 93  ? -7.922  4.513   -3.733  1.00 30.52  ? 93  ASN A CB  1 
ATOM   728  C  CG  . ASN A 1 93  ? -7.493  5.728   -2.930  1.00 34.39  ? 93  ASN A CG  1 
ATOM   729  O  OD1 . ASN A 1 93  ? -8.293  6.326   -2.216  1.00 36.28  ? 93  ASN A OD1 1 
ATOM   730  N  ND2 . ASN A 1 93  ? -6.228  6.102   -3.056  1.00 39.09  ? 93  ASN A ND2 1 
ATOM   731  N  N   . ILE A 1 94  ? -10.202 2.008   -4.077  1.00 23.79  ? 94  ILE A N   1 
ATOM   732  C  CA  . ILE A 1 94  ? -10.533 0.840   -4.868  1.00 25.41  ? 94  ILE A CA  1 
ATOM   733  C  C   . ILE A 1 94  ? -10.931 1.312   -6.257  1.00 25.77  ? 94  ILE A C   1 
ATOM   734  O  O   . ILE A 1 94  ? -11.775 2.194   -6.400  1.00 26.31  ? 94  ILE A O   1 
ATOM   735  C  CB  . ILE A 1 94  ? -11.702 0.050   -4.239  1.00 25.05  ? 94  ILE A CB  1 
ATOM   736  C  CG1 . ILE A 1 94  ? -11.348 -0.326  -2.798  1.00 27.21  ? 94  ILE A CG1 1 
ATOM   737  C  CG2 . ILE A 1 94  ? -12.001 -1.192  -5.071  1.00 26.12  ? 94  ILE A CG2 1 
ATOM   738  C  CD1 . ILE A 1 94  ? -12.467 -1.040  -2.037  1.00 26.91  ? 94  ILE A CD1 1 
ATOM   739  N  N   . TYR A 1 95  ? -10.297 0.734   -7.272  1.00 24.60  ? 95  TYR A N   1 
ATOM   740  C  CA  . TYR A 1 95  ? -10.584 1.075   -8.658  1.00 26.30  ? 95  TYR A CA  1 
ATOM   741  C  C   . TYR A 1 95  ? -11.153 -0.114  -9.404  1.00 27.24  ? 95  TYR A C   1 
ATOM   742  O  O   . TYR A 1 95  ? -10.489 -1.144  -9.518  1.00 26.94  ? 95  TYR A O   1 
ATOM   743  C  CB  . TYR A 1 95  ? -9.311  1.544   -9.362  1.00 26.99  ? 95  TYR A CB  1 
ATOM   744  C  CG  . TYR A 1 95  ? -8.772  2.843   -8.819  1.00 29.57  ? 95  TYR A CG  1 
ATOM   745  C  CD1 . TYR A 1 95  ? -7.967  2.870   -7.679  1.00 31.33  ? 95  TYR A CD1 1 
ATOM   746  C  CD2 . TYR A 1 95  ? -9.093  4.056   -9.430  1.00 32.00  ? 95  TYR A CD2 1 
ATOM   747  C  CE1 . TYR A 1 95  ? -7.494  4.079   -7.162  1.00 32.86  ? 95  TYR A CE1 1 
ATOM   748  C  CE2 . TYR A 1 95  ? -8.631  5.263   -8.923  1.00 33.56  ? 95  TYR A CE2 1 
ATOM   749  C  CZ  . TYR A 1 95  ? -7.833  5.270   -7.795  1.00 35.20  ? 95  TYR A CZ  1 
ATOM   750  O  OH  . TYR A 1 95  ? -7.364  6.469   -7.315  1.00 40.33  ? 95  TYR A OH  1 
ATOM   751  N  N   . LEU A 1 96  ? -12.387 0.021   -9.892  1.00 26.21  ? 96  LEU A N   1 
ATOM   752  C  CA  . LEU A 1 96  ? -13.031 -1.044  -10.655 1.00 28.81  ? 96  LEU A CA  1 
ATOM   753  C  C   . LEU A 1 96  ? -12.639 -0.766  -12.109 1.00 31.22  ? 96  LEU A C   1 
ATOM   754  O  O   . LEU A 1 96  ? -13.170 0.138   -12.758 1.00 32.46  ? 96  LEU A O   1 
ATOM   755  C  CB  . LEU A 1 96  ? -14.552 -0.995  -10.467 1.00 28.45  ? 96  LEU A CB  1 
ATOM   756  C  CG  . LEU A 1 96  ? -15.046 -1.207  -9.028  1.00 29.61  ? 96  LEU A CG  1 
ATOM   757  C  CD1 . LEU A 1 96  ? -16.564 -1.024  -8.955  1.00 30.72  ? 96  LEU A CD1 1 
ATOM   758  C  CD2 . LEU A 1 96  ? -14.655 -2.598  -8.557  1.00 31.13  ? 96  LEU A CD2 1 
ATOM   759  N  N   . THR A 1 97  ? -11.687 -1.549  -12.595 1.00 30.94  ? 97  THR A N   1 
ATOM   760  C  CA  . THR A 1 97  ? -11.130 -1.386  -13.928 1.00 32.85  ? 97  THR A CA  1 
ATOM   761  C  C   . THR A 1 97  ? -11.869 -2.100  -15.054 1.00 35.68  ? 97  THR A C   1 
ATOM   762  O  O   . THR A 1 97  ? -11.433 -2.047  -16.200 1.00 38.21  ? 97  THR A O   1 
ATOM   763  C  CB  . THR A 1 97  ? -9.665  -1.856  -13.925 1.00 30.82  ? 97  THR A CB  1 
ATOM   764  O  OG1 . THR A 1 97  ? -9.627  -3.270  -13.706 1.00 29.67  ? 97  THR A OG1 1 
ATOM   765  C  CG2 . THR A 1 97  ? -8.893  -1.174  -12.805 1.00 29.88  ? 97  THR A CG2 1 
ATOM   766  N  N   . GLY A 1 98  ? -12.980 -2.751  -14.729 1.00 37.57  ? 98  GLY A N   1 
ATOM   767  C  CA  . GLY A 1 98  ? -13.749 -3.475  -15.728 1.00 41.09  ? 98  GLY A CA  1 
ATOM   768  C  C   . GLY A 1 98  ? -14.200 -2.696  -16.958 1.00 43.17  ? 98  GLY A C   1 
ATOM   769  O  O   . GLY A 1 98  ? -14.401 -3.288  -18.021 1.00 44.56  ? 98  GLY A O   1 
ATOM   770  N  N   . TRP A 1 99  ? -14.368 -1.382  -16.831 1.00 43.84  ? 99  TRP A N   1 
ATOM   771  C  CA  . TRP A 1 99  ? -14.796 -0.572  -17.969 1.00 44.57  ? 99  TRP A CA  1 
ATOM   772  C  C   . TRP A 1 99  ? -13.666 0.315   -18.490 1.00 46.65  ? 99  TRP A C   1 
ATOM   773  O  O   . TRP A 1 99  ? -12.970 0.979   -17.716 1.00 48.94  ? 99  TRP A O   1 
ATOM   774  C  CB  . TRP A 1 99  ? -16.006 0.304   -17.596 1.00 42.29  ? 99  TRP A CB  1 
ATOM   775  C  CG  . TRP A 1 99  ? -17.314 -0.440  -17.374 1.00 38.64  ? 99  TRP A CG  1 
ATOM   776  C  CD1 . TRP A 1 99  ? -17.749 -1.562  -18.028 1.00 38.39  ? 99  TRP A CD1 1 
ATOM   777  C  CD2 . TRP A 1 99  ? -18.388 -0.045  -16.508 1.00 33.68  ? 99  TRP A CD2 1 
ATOM   778  N  NE1 . TRP A 1 99  ? -19.028 -1.883  -17.626 1.00 35.89  ? 99  TRP A NE1 1 
ATOM   779  C  CE2 . TRP A 1 99  ? -19.443 -0.968  -16.695 1.00 33.78  ? 99  TRP A CE2 1 
ATOM   780  C  CE3 . TRP A 1 99  ? -18.562 1.003   -15.594 1.00 32.23  ? 99  TRP A CE3 1 
ATOM   781  C  CZ2 . TRP A 1 99  ? -20.656 -0.874  -16.000 1.00 32.77  ? 99  TRP A CZ2 1 
ATOM   782  C  CZ3 . TRP A 1 99  ? -19.770 1.095   -14.902 1.00 30.03  ? 99  TRP A CZ3 1 
ATOM   783  C  CH2 . TRP A 1 99  ? -20.799 0.161   -15.111 1.00 32.03  ? 99  TRP A CH2 1 
ATOM   784  N  N   . GLN A 1 123 ? -12.334 6.931   1.624   1.00 53.72  ? 123 GLN A N   1 
ATOM   785  C  CA  . GLN A 1 123 ? -12.063 5.587   1.123   1.00 54.42  ? 123 GLN A CA  1 
ATOM   786  C  C   . GLN A 1 123 ? -13.130 5.220   0.093   1.00 54.21  ? 123 GLN A C   1 
ATOM   787  O  O   . GLN A 1 123 ? -13.737 4.148   0.173   1.00 55.35  ? 123 GLN A O   1 
ATOM   788  C  CB  . GLN A 1 123 ? -12.106 4.572   2.271   1.00 53.11  ? 123 GLN A CB  1 
ATOM   789  C  CG  . GLN A 1 123 ? -11.413 5.022   3.552   1.00 52.73  ? 123 GLN A CG  1 
ATOM   790  C  CD  . GLN A 1 123 ? -9.900  4.948   3.474   1.00 50.07  ? 123 GLN A CD  1 
ATOM   791  O  OE1 . GLN A 1 123 ? -9.283  5.508   2.573   1.00 48.21  ? 123 GLN A OE1 1 
ATOM   792  N  NE2 . GLN A 1 123 ? -9.296  4.261   4.432   1.00 52.55  ? 123 GLN A NE2 1 
ATOM   793  N  N   . LYS A 1 124 ? -13.364 6.111   -0.865  1.00 53.22  ? 124 LYS A N   1 
ATOM   794  C  CA  . LYS A 1 124 ? -14.374 5.874   -1.895  1.00 50.57  ? 124 LYS A CA  1 
ATOM   795  C  C   . LYS A 1 124 ? -13.925 4.857   -2.943  1.00 47.67  ? 124 LYS A C   1 
ATOM   796  O  O   . LYS A 1 124 ? -12.729 4.607   -3.123  1.00 48.42  ? 124 LYS A O   1 
ATOM   797  C  CB  . LYS A 1 124 ? -14.751 7.193   -2.574  1.00 50.76  ? 124 LYS A CB  1 
ATOM   798  N  N   . THR A 1 125 ? -14.902 4.253   -3.612  1.00 43.74  ? 125 THR A N   1 
ATOM   799  C  CA  . THR A 1 125 ? -14.636 3.276   -4.658  1.00 38.52  ? 125 THR A CA  1 
ATOM   800  C  C   . THR A 1 125 ? -14.876 3.985   -5.983  1.00 36.25  ? 125 THR A C   1 
ATOM   801  O  O   . THR A 1 125 ? -15.933 4.573   -6.193  1.00 34.02  ? 125 THR A O   1 
ATOM   802  C  CB  . THR A 1 125 ? -15.575 2.060   -4.530  1.00 38.14  ? 125 THR A CB  1 
ATOM   803  O  OG1 . THR A 1 125 ? -15.303 1.384   -3.297  1.00 36.73  ? 125 THR A OG1 1 
ATOM   804  C  CG2 . THR A 1 125 ? -15.363 1.089   -5.684  1.00 34.83  ? 125 THR A CG2 1 
ATOM   805  N  N   . LEU A 1 126 ? -13.893 3.932   -6.871  1.00 32.86  ? 126 LEU A N   1 
ATOM   806  C  CA  . LEU A 1 126 ? -14.007 4.605   -8.152  1.00 32.72  ? 126 LEU A CA  1 
ATOM   807  C  C   . LEU A 1 126 ? -14.028 3.644   -9.328  1.00 32.34  ? 126 LEU A C   1 
ATOM   808  O  O   . LEU A 1 126 ? -13.516 2.535   -9.233  1.00 29.83  ? 126 LEU A O   1 
ATOM   809  C  CB  . LEU A 1 126 ? -12.837 5.574   -8.327  1.00 33.54  ? 126 LEU A CB  1 
ATOM   810  C  CG  . LEU A 1 126 ? -12.630 6.617   -7.223  1.00 35.43  ? 126 LEU A CG  1 
ATOM   811  C  CD1 . LEU A 1 126 ? -11.410 7.469   -7.527  1.00 36.53  ? 126 LEU A CD1 1 
ATOM   812  C  CD2 . LEU A 1 126 ? -13.862 7.486   -7.108  1.00 37.60  ? 126 LEU A CD2 1 
ATOM   813  N  N   . TYR A 1 127 ? -14.625 4.079   -10.434 1.00 31.76  ? 127 TYR A N   1 
ATOM   814  C  CA  . TYR A 1 127 ? -14.667 3.273   -11.648 1.00 32.50  ? 127 TYR A CA  1 
ATOM   815  C  C   . TYR A 1 127 ? -13.571 3.808   -12.572 1.00 33.17  ? 127 TYR A C   1 
ATOM   816  O  O   . TYR A 1 127 ? -13.456 5.022   -12.769 1.00 34.15  ? 127 TYR A O   1 
ATOM   817  C  CB  . TYR A 1 127 ? -16.029 3.383   -12.342 1.00 31.40  ? 127 TYR A CB  1 
ATOM   818  C  CG  . TYR A 1 127 ? -17.170 2.777   -11.562 1.00 28.48  ? 127 TYR A CG  1 
ATOM   819  C  CD1 . TYR A 1 127 ? -17.850 3.516   -10.595 1.00 27.83  ? 127 TYR A CD1 1 
ATOM   820  C  CD2 . TYR A 1 127 ? -17.563 1.462   -11.781 1.00 26.23  ? 127 TYR A CD2 1 
ATOM   821  C  CE1 . TYR A 1 127 ? -18.905 2.951   -9.865  1.00 29.87  ? 127 TYR A CE1 1 
ATOM   822  C  CE2 . TYR A 1 127 ? -18.610 0.886   -11.057 1.00 27.87  ? 127 TYR A CE2 1 
ATOM   823  C  CZ  . TYR A 1 127 ? -19.280 1.637   -10.101 1.00 27.81  ? 127 TYR A CZ  1 
ATOM   824  O  OH  . TYR A 1 127 ? -20.314 1.075   -9.382  1.00 28.79  ? 127 TYR A OH  1 
ATOM   825  N  N   . GLY A 1 128 ? -12.769 2.911   -13.135 1.00 33.19  ? 128 GLY A N   1 
ATOM   826  C  CA  . GLY A 1 128 ? -11.688 3.343   -14.003 1.00 31.86  ? 128 GLY A CA  1 
ATOM   827  C  C   . GLY A 1 128 ? -10.343 3.135   -13.324 1.00 32.57  ? 128 GLY A C   1 
ATOM   828  O  O   . GLY A 1 128 ? -10.261 2.463   -12.297 1.00 33.10  ? 128 GLY A O   1 
ATOM   829  N  N   . ARG A 1 129 ? -9.289  3.707   -13.891 1.00 32.30  ? 129 ARG A N   1 
ATOM   830  C  CA  . ARG A 1 129 ? -7.947  3.567   -13.336 1.00 31.52  ? 129 ARG A CA  1 
ATOM   831  C  C   . ARG A 1 129 ? -7.461  4.888   -12.756 1.00 31.26  ? 129 ARG A C   1 
ATOM   832  O  O   . ARG A 1 129 ? -7.946  5.951   -13.127 1.00 30.71  ? 129 ARG A O   1 
ATOM   833  C  CB  . ARG A 1 129 ? -7.004  3.053   -14.423 1.00 32.43  ? 129 ARG A CB  1 
ATOM   834  C  CG  . ARG A 1 129 ? -7.303  1.603   -14.796 1.00 32.82  ? 129 ARG A CG  1 
ATOM   835  C  CD  . ARG A 1 129 ? -6.502  1.106   -15.984 1.00 34.52  ? 129 ARG A CD  1 
ATOM   836  N  NE  . ARG A 1 129 ? -6.622  -0.341  -16.121 1.00 35.22  ? 129 ARG A NE  1 
ATOM   837  C  CZ  . ARG A 1 129 ? -5.901  -1.219  -15.425 1.00 36.80  ? 129 ARG A CZ  1 
ATOM   838  N  NH1 . ARG A 1 129 ? -4.998  -0.797  -14.541 1.00 37.46  ? 129 ARG A NH1 1 
ATOM   839  N  NH2 . ARG A 1 129 ? -6.086  -2.520  -15.606 1.00 36.45  ? 129 ARG A NH2 1 
ATOM   840  N  N   . PRO A 1 130 ? -6.506  4.842   -11.818 1.00 30.43  ? 130 PRO A N   1 
ATOM   841  C  CA  . PRO A 1 130 ? -6.044  6.112   -11.253 1.00 31.14  ? 130 PRO A CA  1 
ATOM   842  C  C   . PRO A 1 130 ? -5.093  6.845   -12.174 1.00 32.41  ? 130 PRO A C   1 
ATOM   843  O  O   . PRO A 1 130 ? -4.555  6.260   -13.111 1.00 33.40  ? 130 PRO A O   1 
ATOM   844  C  CB  . PRO A 1 130 ? -5.329  5.677   -9.984  1.00 30.31  ? 130 PRO A CB  1 
ATOM   845  C  CG  . PRO A 1 130 ? -4.702  4.388   -10.415 1.00 29.09  ? 130 PRO A CG  1 
ATOM   846  C  CD  . PRO A 1 130 ? -5.831  3.705   -11.168 1.00 29.60  ? 130 PRO A CD  1 
ATOM   847  N  N   . ASN A 1 131 ? -4.913  8.132   -11.912 1.00 33.89  ? 131 ASN A N   1 
ATOM   848  C  CA  . ASN A 1 131 ? -3.947  8.914   -12.662 1.00 36.38  ? 131 ASN A CA  1 
ATOM   849  C  C   . ASN A 1 131 ? -2.759  8.873   -11.709 1.00 34.49  ? 131 ASN A C   1 
ATOM   850  O  O   . ASN A 1 131 ? -2.680  9.661   -10.767 1.00 34.47  ? 131 ASN A O   1 
ATOM   851  C  CB  . ASN A 1 131 ? -4.401  10.360  -12.843 1.00 39.47  ? 131 ASN A CB  1 
ATOM   852  C  CG  . ASN A 1 131 ? -3.394  11.177  -13.625 1.00 42.29  ? 131 ASN A CG  1 
ATOM   853  O  OD1 . ASN A 1 131 ? -2.224  11.263  -13.250 1.00 43.14  ? 131 ASN A OD1 1 
ATOM   854  N  ND2 . ASN A 1 131 ? -3.839  11.774  -14.729 1.00 45.34  ? 131 ASN A ND2 1 
ATOM   855  N  N   . TRP A 1 132 ? -1.850  7.936   -11.939 1.00 34.57  ? 132 TRP A N   1 
ATOM   856  C  CA  . TRP A 1 132 ? -0.702  7.779   -11.055 1.00 36.12  ? 132 TRP A CA  1 
ATOM   857  C  C   . TRP A 1 132 ? 0.134   9.027   -10.844 1.00 37.25  ? 132 TRP A C   1 
ATOM   858  O  O   . TRP A 1 132 ? 0.613   9.264   -9.738  1.00 37.42  ? 132 TRP A O   1 
ATOM   859  C  CB  . TRP A 1 132 ? 0.170   6.624   -11.537 1.00 33.60  ? 132 TRP A CB  1 
ATOM   860  C  CG  . TRP A 1 132 ? -0.503  5.311   -11.348 1.00 32.29  ? 132 TRP A CG  1 
ATOM   861  C  CD1 . TRP A 1 132 ? -0.943  4.469   -12.318 1.00 31.21  ? 132 TRP A CD1 1 
ATOM   862  C  CD2 . TRP A 1 132 ? -0.808  4.680   -10.097 1.00 30.75  ? 132 TRP A CD2 1 
ATOM   863  N  NE1 . TRP A 1 132 ? -1.501  3.348   -11.757 1.00 28.95  ? 132 TRP A NE1 1 
ATOM   864  C  CE2 . TRP A 1 132 ? -1.431  3.451   -10.393 1.00 30.07  ? 132 TRP A CE2 1 
ATOM   865  C  CE3 . TRP A 1 132 ? -0.614  5.035   -8.760  1.00 31.26  ? 132 TRP A CE3 1 
ATOM   866  C  CZ2 . TRP A 1 132 ? -1.859  2.567   -9.399  1.00 29.12  ? 132 TRP A CZ2 1 
ATOM   867  C  CZ3 . TRP A 1 132 ? -1.041  4.154   -7.764  1.00 34.26  ? 132 TRP A CZ3 1 
ATOM   868  C  CH2 . TRP A 1 132 ? -1.655  2.934   -8.094  1.00 31.16  ? 132 TRP A CH2 1 
ATOM   869  N  N   . ASP A 1 133 ? 0.305   9.831   -11.891 1.00 41.48  ? 133 ASP A N   1 
ATOM   870  C  CA  . ASP A 1 133 ? 1.078   11.061  -11.757 1.00 42.72  ? 133 ASP A CA  1 
ATOM   871  C  C   . ASP A 1 133 ? 0.400   11.907  -10.678 1.00 42.07  ? 133 ASP A C   1 
ATOM   872  O  O   . ASP A 1 133 ? 1.063   12.479  -9.810  1.00 42.34  ? 133 ASP A O   1 
ATOM   873  C  CB  . ASP A 1 133 ? 1.119   11.825  -13.088 1.00 48.82  ? 133 ASP A CB  1 
ATOM   874  C  CG  . ASP A 1 133 ? 2.211   12.892  -13.121 1.00 53.82  ? 133 ASP A CG  1 
ATOM   875  O  OD1 . ASP A 1 133 ? 3.409   12.528  -13.086 1.00 56.42  ? 133 ASP A OD1 1 
ATOM   876  O  OD2 . ASP A 1 133 ? 1.869   14.097  -13.179 1.00 56.70  ? 133 ASP A OD2 1 
ATOM   877  N  N   . ASN A 1 134 ? -0.927  11.974  -10.723 1.00 39.64  ? 134 ASN A N   1 
ATOM   878  C  CA  . ASN A 1 134 ? -1.675  12.737  -9.727  1.00 37.98  ? 134 ASN A CA  1 
ATOM   879  C  C   . ASN A 1 134 ? -1.536  12.131  -8.325  1.00 35.67  ? 134 ASN A C   1 
ATOM   880  O  O   . ASN A 1 134 ? -1.393  12.853  -7.337  1.00 33.66  ? 134 ASN A O   1 
ATOM   881  C  CB  . ASN A 1 134 ? -3.164  12.786  -10.096 1.00 41.45  ? 134 ASN A CB  1 
ATOM   882  C  CG  . ASN A 1 134 ? -3.441  13.624  -11.338 1.00 45.33  ? 134 ASN A CG  1 
ATOM   883  O  OD1 . ASN A 1 134 ? -4.569  13.657  -11.836 1.00 47.86  ? 134 ASN A OD1 1 
ATOM   884  N  ND2 . ASN A 1 134 ? -2.416  14.310  -11.840 1.00 45.42  ? 134 ASN A ND2 1 
ATOM   885  N  N   . GLU A 1 135 ? -1.591  10.803  -8.236  1.00 33.64  ? 135 GLU A N   1 
ATOM   886  C  CA  . GLU A 1 135 ? -1.489  10.132  -6.939  1.00 32.89  ? 135 GLU A CA  1 
ATOM   887  C  C   . GLU A 1 135 ? -0.139  10.373  -6.273  1.00 31.34  ? 135 GLU A C   1 
ATOM   888  O  O   . GLU A 1 135 ? -0.081  10.729  -5.093  1.00 30.32  ? 135 GLU A O   1 
ATOM   889  C  CB  . GLU A 1 135 ? -1.752  8.626   -7.089  1.00 32.07  ? 135 GLU A CB  1 
ATOM   890  C  CG  . GLU A 1 135 ? -3.132  8.296   -7.676  1.00 35.36  ? 135 GLU A CG  1 
ATOM   891  C  CD  . GLU A 1 135 ? -4.286  8.726   -6.771  1.00 37.02  ? 135 GLU A CD  1 
ATOM   892  O  OE1 . GLU A 1 135 ? -5.327  9.156   -7.309  1.00 40.21  ? 135 GLU A OE1 1 
ATOM   893  O  OE2 . GLU A 1 135 ? -4.164  8.624   -5.531  1.00 34.69  ? 135 GLU A OE2 1 
ATOM   894  N  N   . PHE A 1 136 ? 0.947   10.176  -7.016  1.00 32.02  ? 136 PHE A N   1 
ATOM   895  C  CA  . PHE A 1 136 ? 2.274   10.404  -6.446  1.00 34.31  ? 136 PHE A CA  1 
ATOM   896  C  C   . PHE A 1 136 ? 2.442   11.854  -5.990  1.00 34.98  ? 136 PHE A C   1 
ATOM   897  O  O   . PHE A 1 136 ? 3.014   12.114  -4.930  1.00 34.71  ? 136 PHE A O   1 
ATOM   898  C  CB  . PHE A 1 136 ? 3.376   10.032  -7.454  1.00 33.55  ? 136 PHE A CB  1 
ATOM   899  C  CG  . PHE A 1 136 ? 3.645   8.548   -7.543  1.00 30.54  ? 136 PHE A CG  1 
ATOM   900  C  CD1 . PHE A 1 136 ? 2.768   7.705   -8.211  1.00 28.11  ? 136 PHE A CD1 1 
ATOM   901  C  CD2 . PHE A 1 136 ? 4.765   7.992   -6.924  1.00 28.76  ? 136 PHE A CD2 1 
ATOM   902  C  CE1 . PHE A 1 136 ? 2.991   6.329   -8.268  1.00 30.34  ? 136 PHE A CE1 1 
ATOM   903  C  CE2 . PHE A 1 136 ? 4.998   6.614   -6.976  1.00 31.45  ? 136 PHE A CE2 1 
ATOM   904  C  CZ  . PHE A 1 136 ? 4.106   5.779   -7.651  1.00 27.94  ? 136 PHE A CZ  1 
ATOM   905  N  N   . LYS A 1 137 ? 1.926   12.800  -6.772  1.00 37.20  ? 137 LYS A N   1 
ATOM   906  C  CA  . LYS A 1 137 ? 2.044   14.210  -6.406  1.00 37.52  ? 137 LYS A CA  1 
ATOM   907  C  C   . LYS A 1 137 ? 1.319   14.503  -5.097  1.00 36.85  ? 137 LYS A C   1 
ATOM   908  O  O   . LYS A 1 137 ? 1.864   15.152  -4.204  1.00 38.19  ? 137 LYS A O   1 
ATOM   909  C  CB  . LYS A 1 137 ? 1.502   15.108  -7.526  1.00 39.99  ? 137 LYS A CB  1 
ATOM   910  C  CG  . LYS A 1 137 ? 2.275   14.979  -8.822  1.00 44.96  ? 137 LYS A CG  1 
ATOM   911  C  CD  . LYS A 1 137 ? 2.033   16.140  -9.774  1.00 47.06  ? 137 LYS A CD  1 
ATOM   912  C  CE  . LYS A 1 137 ? 2.734   15.891  -11.104 1.00 49.56  ? 137 LYS A CE  1 
ATOM   913  N  NZ  . LYS A 1 137 ? 4.190   15.573  -10.951 1.00 51.19  ? 137 LYS A NZ  1 
ATOM   914  N  N   . THR A 1 138 ? 0.091   14.017  -4.981  1.00 36.25  ? 138 THR A N   1 
ATOM   915  C  CA  . THR A 1 138 ? -0.690  14.214  -3.768  1.00 36.28  ? 138 THR A CA  1 
ATOM   916  C  C   . THR A 1 138 ? 0.024   13.635  -2.552  1.00 35.22  ? 138 THR A C   1 
ATOM   917  O  O   . THR A 1 138 ? 0.205   14.316  -1.543  1.00 33.36  ? 138 THR A O   1 
ATOM   918  C  CB  . THR A 1 138 ? -2.066  13.546  -3.890  1.00 35.22  ? 138 THR A CB  1 
ATOM   919  O  OG1 . THR A 1 138 ? -2.829  14.227  -4.890  1.00 38.31  ? 138 THR A OG1 1 
ATOM   920  C  CG2 . THR A 1 138 ? -2.810  13.596  -2.564  1.00 40.30  ? 138 THR A CG2 1 
ATOM   921  N  N   . ILE A 1 139 ? 0.414   12.365  -2.644  1.00 34.71  ? 139 ILE A N   1 
ATOM   922  C  CA  . ILE A 1 139 ? 1.108   11.717  -1.539  1.00 34.51  ? 139 ILE A CA  1 
ATOM   923  C  C   . ILE A 1 139 ? 2.394   12.471  -1.221  1.00 35.34  ? 139 ILE A C   1 
ATOM   924  O  O   . ILE A 1 139 ? 2.722   12.699  -0.056  1.00 35.60  ? 139 ILE A O   1 
ATOM   925  C  CB  . ILE A 1 139 ? 1.448   10.247  -1.883  1.00 34.94  ? 139 ILE A CB  1 
ATOM   926  C  CG1 . ILE A 1 139 ? 0.154   9.435   -2.010  1.00 32.89  ? 139 ILE A CG1 1 
ATOM   927  C  CG2 . ILE A 1 139 ? 2.387   9.665   -0.825  1.00 32.94  ? 139 ILE A CG2 1 
ATOM   928  C  CD1 . ILE A 1 139 ? 0.356   8.038   -2.524  1.00 36.12  ? 139 ILE A CD1 1 
ATOM   929  N  N   . ALA A 1 140 ? 3.120   12.858  -2.262  1.00 36.59  ? 140 ALA A N   1 
ATOM   930  C  CA  . ALA A 1 140 ? 4.367   13.589  -2.087  1.00 38.06  ? 140 ALA A CA  1 
ATOM   931  C  C   . ALA A 1 140 ? 4.131   14.877  -1.295  1.00 40.18  ? 140 ALA A C   1 
ATOM   932  O  O   . ALA A 1 140 ? 4.819   15.152  -0.305  1.00 40.66  ? 140 ALA A O   1 
ATOM   933  C  CB  . ALA A 1 140 ? 4.974   13.915  -3.448  1.00 37.76  ? 140 ALA A CB  1 
ATOM   934  N  N   . SER A 1 141 ? 3.141   15.657  -1.719  1.00 40.41  ? 141 SER A N   1 
ATOM   935  C  CA  . SER A 1 141 ? 2.851   16.922  -1.058  1.00 41.14  ? 141 SER A CA  1 
ATOM   936  C  C   . SER A 1 141 ? 2.424   16.755  0.396   1.00 41.15  ? 141 SER A C   1 
ATOM   937  O  O   . SER A 1 141 ? 2.552   17.680  1.193   1.00 41.15  ? 141 SER A O   1 
ATOM   938  C  CB  . SER A 1 141 ? 1.769   17.684  -1.828  1.00 42.30  ? 141 SER A CB  1 
ATOM   939  O  OG  . SER A 1 141 ? 0.525   17.012  -1.750  1.00 46.04  ? 141 SER A OG  1 
ATOM   940  N  N   . GLN A 1 142 ? 1.929   15.575  0.748   1.00 41.65  ? 142 GLN A N   1 
ATOM   941  C  CA  . GLN A 1 142 ? 1.489   15.329  2.116   1.00 40.87  ? 142 GLN A CA  1 
ATOM   942  C  C   . GLN A 1 142 ? 2.606   14.822  3.027   1.00 39.09  ? 142 GLN A C   1 
ATOM   943  O  O   . GLN A 1 142 ? 2.454   14.804  4.248   1.00 36.02  ? 142 GLN A O   1 
ATOM   944  C  CB  . GLN A 1 142 ? 0.336   14.319  2.115   1.00 43.26  ? 142 GLN A CB  1 
ATOM   945  C  CG  . GLN A 1 142 ? -0.921  14.812  1.403   1.00 46.68  ? 142 GLN A CG  1 
ATOM   946  C  CD  . GLN A 1 142 ? -1.944  13.709  1.157   1.00 49.96  ? 142 GLN A CD  1 
ATOM   947  O  OE1 . GLN A 1 142 ? -3.073  13.979  0.743   1.00 52.94  ? 142 GLN A OE1 1 
ATOM   948  N  NE2 . GLN A 1 142 ? -1.549  12.462  1.401   1.00 49.47  ? 142 GLN A NE2 1 
ATOM   949  N  N   . HIS A 1 143 ? 3.731   14.424  2.443   1.00 36.86  ? 143 HIS A N   1 
ATOM   950  C  CA  . HIS A 1 143 ? 4.829   13.888  3.240   1.00 37.60  ? 143 HIS A CA  1 
ATOM   951  C  C   . HIS A 1 143 ? 6.212   14.380  2.828   1.00 38.19  ? 143 HIS A C   1 
ATOM   952  O  O   . HIS A 1 143 ? 7.028   13.610  2.321   1.00 39.62  ? 143 HIS A O   1 
ATOM   953  C  CB  . HIS A 1 143 ? 4.784   12.360  3.177   1.00 36.78  ? 143 HIS A CB  1 
ATOM   954  C  CG  . HIS A 1 143 ? 3.472   11.786  3.609   1.00 35.31  ? 143 HIS A CG  1 
ATOM   955  N  ND1 . HIS A 1 143 ? 3.151   11.579  4.933   1.00 34.05  ? 143 HIS A ND1 1 
ATOM   956  C  CD2 . HIS A 1 143 ? 2.371   11.446  2.898   1.00 34.69  ? 143 HIS A CD2 1 
ATOM   957  C  CE1 . HIS A 1 143 ? 1.909   11.136  5.019   1.00 35.70  ? 143 HIS A CE1 1 
ATOM   958  N  NE2 . HIS A 1 143 ? 1.413   11.048  3.799   1.00 32.32  ? 143 HIS A NE2 1 
ATOM   959  N  N   . PRO A 1 144 ? 6.497   15.677  3.041   1.00 39.44  ? 144 PRO A N   1 
ATOM   960  C  CA  . PRO A 1 144 ? 7.817   16.190  2.663   1.00 38.81  ? 144 PRO A CA  1 
ATOM   961  C  C   . PRO A 1 144 ? 8.917   15.522  3.494   1.00 38.82  ? 144 PRO A C   1 
ATOM   962  O  O   . PRO A 1 144 ? 8.665   15.039  4.595   1.00 38.74  ? 144 PRO A O   1 
ATOM   963  C  CB  . PRO A 1 144 ? 7.693   17.694  2.927   1.00 39.93  ? 144 PRO A CB  1 
ATOM   964  C  CG  . PRO A 1 144 ? 6.702   17.759  4.064   1.00 38.71  ? 144 PRO A CG  1 
ATOM   965  C  CD  . PRO A 1 144 ? 5.665   16.734  3.647   1.00 39.16  ? 144 PRO A CD  1 
ATOM   966  N  N   . ASN A 1 145 ? 10.133  15.492  2.959   1.00 40.17  ? 145 ASN A N   1 
ATOM   967  C  CA  . ASN A 1 145 ? 11.259  14.873  3.650   1.00 40.28  ? 145 ASN A CA  1 
ATOM   968  C  C   . ASN A 1 145 ? 10.867  13.489  4.176   1.00 39.18  ? 145 ASN A C   1 
ATOM   969  O  O   . ASN A 1 145 ? 11.055  13.182  5.353   1.00 38.11  ? 145 ASN A O   1 
ATOM   970  C  CB  . ASN A 1 145 ? 11.735  15.746  4.819   1.00 43.33  ? 145 ASN A CB  1 
ATOM   971  C  CG  . ASN A 1 145 ? 13.087  15.290  5.380   1.00 47.09  ? 145 ASN A CG  1 
ATOM   972  O  OD1 . ASN A 1 145 ? 13.482  15.678  6.488   1.00 49.76  ? 145 ASN A OD1 1 
ATOM   973  N  ND2 . ASN A 1 145 ? 13.803  14.472  4.611   1.00 46.47  ? 145 ASN A ND2 1 
ATOM   974  N  N   . THR A 1 146 ? 10.315  12.656  3.304   1.00 35.82  ? 146 THR A N   1 
ATOM   975  C  CA  . THR A 1 146 ? 9.921   11.324  3.718   1.00 35.14  ? 146 THR A CA  1 
ATOM   976  C  C   . THR A 1 146 ? 10.331  10.281  2.695   1.00 33.81  ? 146 THR A C   1 
ATOM   977  O  O   . THR A 1 146 ? 10.246  10.507  1.485   1.00 33.63  ? 146 THR A O   1 
ATOM   978  C  CB  . THR A 1 146 ? 8.389   11.226  3.951   1.00 35.94  ? 146 THR A CB  1 
ATOM   979  O  OG1 . THR A 1 146 ? 8.011   12.077  5.043   1.00 34.91  ? 146 THR A OG1 1 
ATOM   980  C  CG2 . THR A 1 146 ? 7.993   9.792   4.284   1.00 35.53  ? 146 THR A CG2 1 
ATOM   981  N  N   . ARG A 1 147 ? 10.788  9.141   3.194   1.00 31.38  ? 147 ARG A N   1 
ATOM   982  C  CA  . ARG A 1 147 ? 11.190  8.035   2.337   1.00 32.67  ? 147 ARG A CA  1 
ATOM   983  C  C   . ARG A 1 147 ? 9.970   7.115   2.259   1.00 31.10  ? 147 ARG A C   1 
ATOM   984  O  O   . ARG A 1 147 ? 9.596   6.477   3.243   1.00 31.09  ? 147 ARG A O   1 
ATOM   985  C  CB  . ARG A 1 147 ? 12.396  7.325   2.954   1.00 33.55  ? 147 ARG A CB  1 
ATOM   986  C  CG  . ARG A 1 147 ? 13.095  6.352   2.036   1.00 40.28  ? 147 ARG A CG  1 
ATOM   987  C  CD  . ARG A 1 147 ? 14.565  6.196   2.420   1.00 44.07  ? 147 ARG A CD  1 
ATOM   988  N  NE  . ARG A 1 147 ? 15.178  5.077   1.712   1.00 49.89  ? 147 ARG A NE  1 
ATOM   989  C  CZ  . ARG A 1 147 ? 15.026  3.804   2.063   1.00 52.68  ? 147 ARG A CZ  1 
ATOM   990  N  NH1 . ARG A 1 147 ? 15.611  2.843   1.358   1.00 53.99  ? 147 ARG A NH1 1 
ATOM   991  N  NH2 . ARG A 1 147 ? 14.303  3.493   3.135   1.00 54.07  ? 147 ARG A NH2 1 
ATOM   992  N  N   . ILE A 1 148 ? 9.341   7.089   1.088   1.00 30.73  ? 148 ILE A N   1 
ATOM   993  C  CA  . ILE A 1 148 ? 8.134   6.301   0.840   1.00 30.20  ? 148 ILE A CA  1 
ATOM   994  C  C   . ILE A 1 148 ? 8.380   5.002   0.094   1.00 28.94  ? 148 ILE A C   1 
ATOM   995  O  O   . ILE A 1 148 ? 8.875   5.012   -1.035  1.00 28.35  ? 148 ILE A O   1 
ATOM   996  C  CB  . ILE A 1 148 ? 7.107   7.120   0.020   1.00 30.60  ? 148 ILE A CB  1 
ATOM   997  C  CG1 . ILE A 1 148 ? 6.703   8.370   0.801   1.00 30.54  ? 148 ILE A CG1 1 
ATOM   998  C  CG2 . ILE A 1 148 ? 5.881   6.256   -0.317  1.00 30.00  ? 148 ILE A CG2 1 
ATOM   999  C  CD1 . ILE A 1 148 ? 5.810   9.311   0.032   1.00 33.66  ? 148 ILE A CD1 1 
ATOM   1000 N  N   . GLY A 1 149 ? 8.018   3.888   0.722   1.00 27.46  ? 149 GLY A N   1 
ATOM   1001 C  CA  . GLY A 1 149 ? 8.191   2.598   0.080   1.00 26.23  ? 149 GLY A CA  1 
ATOM   1002 C  C   . GLY A 1 149 ? 6.996   2.288   -0.802  1.00 28.61  ? 149 GLY A C   1 
ATOM   1003 O  O   . GLY A 1 149 ? 5.843   2.399   -0.359  1.00 25.49  ? 149 GLY A O   1 
ATOM   1004 N  N   . VAL A 1 150 ? 7.264   1.902   -2.049  1.00 25.76  ? 150 VAL A N   1 
ATOM   1005 C  CA  . VAL A 1 150 ? 6.216   1.566   -3.004  1.00 26.95  ? 150 VAL A CA  1 
ATOM   1006 C  C   . VAL A 1 150 ? 6.285   0.074   -3.300  1.00 28.31  ? 150 VAL A C   1 
ATOM   1007 O  O   . VAL A 1 150 ? 7.358   -0.452  -3.625  1.00 27.84  ? 150 VAL A O   1 
ATOM   1008 C  CB  . VAL A 1 150 ? 6.388   2.349   -4.332  1.00 27.21  ? 150 VAL A CB  1 
ATOM   1009 C  CG1 . VAL A 1 150 ? 5.259   1.994   -5.298  1.00 27.35  ? 150 VAL A CG1 1 
ATOM   1010 C  CG2 . VAL A 1 150 ? 6.398   3.863   -4.051  1.00 26.54  ? 150 VAL A CG2 1 
ATOM   1011 N  N   . PHE A 1 151 ? 5.148   -0.612  -3.186  1.00 27.36  ? 151 PHE A N   1 
ATOM   1012 C  CA  . PHE A 1 151 ? 5.113   -2.051  -3.431  1.00 27.84  ? 151 PHE A CA  1 
ATOM   1013 C  C   . PHE A 1 151 ? 4.011   -2.445  -4.402  1.00 28.09  ? 151 PHE A C   1 
ATOM   1014 O  O   . PHE A 1 151 ? 2.956   -1.810  -4.462  1.00 29.03  ? 151 PHE A O   1 
ATOM   1015 C  CB  . PHE A 1 151 ? 4.928   -2.817  -2.115  1.00 27.63  ? 151 PHE A CB  1 
ATOM   1016 C  CG  . PHE A 1 151 ? 5.986   -2.522  -1.086  1.00 28.77  ? 151 PHE A CG  1 
ATOM   1017 C  CD1 . PHE A 1 151 ? 5.982   -1.315  -0.392  1.00 26.78  ? 151 PHE A CD1 1 
ATOM   1018 C  CD2 . PHE A 1 151 ? 6.977   -3.460  -0.800  1.00 28.37  ? 151 PHE A CD2 1 
ATOM   1019 C  CE1 . PHE A 1 151 ? 6.945   -1.045  0.573   1.00 28.61  ? 151 PHE A CE1 1 
ATOM   1020 C  CE2 . PHE A 1 151 ? 7.946   -3.200  0.167   1.00 29.25  ? 151 PHE A CE2 1 
ATOM   1021 C  CZ  . PHE A 1 151 ? 7.930   -1.990  0.854   1.00 29.98  ? 151 PHE A CZ  1 
ATOM   1022 N  N   . LEU A 1 152 ? 4.241   -3.522  -5.142  1.00 27.95  ? 152 LEU A N   1 
ATOM   1023 C  CA  . LEU A 1 152 ? 3.268   -3.957  -6.125  1.00 29.75  ? 152 LEU A CA  1 
ATOM   1024 C  C   . LEU A 1 152 ? 3.204   -5.449  -6.375  1.00 31.87  ? 152 LEU A C   1 
ATOM   1025 O  O   . LEU A 1 152 ? 4.205   -6.154  -6.290  1.00 30.80  ? 152 LEU A O   1 
ATOM   1026 C  CB  . LEU A 1 152 ? 3.558   -3.263  -7.463  1.00 32.40  ? 152 LEU A CB  1 
ATOM   1027 C  CG  . LEU A 1 152 ? 2.841   -3.815  -8.700  1.00 34.09  ? 152 LEU A CG  1 
ATOM   1028 C  CD1 . LEU A 1 152 ? 1.358   -3.486  -8.612  1.00 36.74  ? 152 LEU A CD1 1 
ATOM   1029 C  CD2 . LEU A 1 152 ? 3.437   -3.208  -9.961  1.00 37.22  ? 152 LEU A CD2 1 
ATOM   1030 N  N   . CYS A 1 153 ? 1.998   -5.923  -6.663  1.00 33.20  ? 153 CYS A N   1 
ATOM   1031 C  CA  . CYS A 1 153 ? 1.790   -7.310  -7.040  1.00 33.52  ? 153 CYS A CA  1 
ATOM   1032 C  C   . CYS A 1 153 ? 0.714   -7.203  -8.102  1.00 35.08  ? 153 CYS A C   1 
ATOM   1033 O  O   . CYS A 1 153 ? -0.472  -7.039  -7.795  1.00 33.37  ? 153 CYS A O   1 
ATOM   1034 C  CB  . CYS A 1 153 ? 1.303   -8.205  -5.899  1.00 32.61  ? 153 CYS A CB  1 
ATOM   1035 S  SG  . CYS A 1 153 ? 1.273   -9.970  -6.415  1.00 34.02  ? 153 CYS A SG  1 
ATOM   1036 N  N   . GLY A 1 154 ? 1.153   -7.257  -9.356  1.00 36.45  ? 154 GLY A N   1 
ATOM   1037 C  CA  . GLY A 1 154 ? 0.242   -7.160  -10.480 1.00 37.00  ? 154 GLY A CA  1 
ATOM   1038 C  C   . GLY A 1 154 ? 1.021   -7.191  -11.784 1.00 38.97  ? 154 GLY A C   1 
ATOM   1039 O  O   . GLY A 1 154 ? 2.231   -7.429  -11.768 1.00 37.80  ? 154 GLY A O   1 
ATOM   1040 N  N   . PRO A 1 155 ? 0.358   -6.945  -12.930 1.00 40.13  ? 155 PRO A N   1 
ATOM   1041 C  CA  . PRO A 1 155 ? 0.964   -6.942  -14.269 1.00 40.26  ? 155 PRO A CA  1 
ATOM   1042 C  C   . PRO A 1 155 ? 2.298   -6.213  -14.371 1.00 41.47  ? 155 PRO A C   1 
ATOM   1043 O  O   . PRO A 1 155 ? 2.497   -5.168  -13.752 1.00 41.55  ? 155 PRO A O   1 
ATOM   1044 C  CB  . PRO A 1 155 ? -0.112  -6.295  -15.132 1.00 39.75  ? 155 PRO A CB  1 
ATOM   1045 C  CG  . PRO A 1 155 ? -1.382  -6.794  -14.481 1.00 41.40  ? 155 PRO A CG  1 
ATOM   1046 C  CD  . PRO A 1 155 ? -1.080  -6.619  -13.002 1.00 38.88  ? 155 PRO A CD  1 
ATOM   1047 N  N   . GLU A 1 156 ? 3.203   -6.774  -15.172 1.00 42.96  ? 156 GLU A N   1 
ATOM   1048 C  CA  . GLU A 1 156 ? 4.536   -6.209  -15.378 1.00 43.63  ? 156 GLU A CA  1 
ATOM   1049 C  C   . GLU A 1 156 ? 4.507   -4.771  -15.891 1.00 44.02  ? 156 GLU A C   1 
ATOM   1050 O  O   . GLU A 1 156 ? 5.439   -4.004  -15.648 1.00 45.21  ? 156 GLU A O   1 
ATOM   1051 C  CB  . GLU A 1 156 ? 5.336   -7.093  -16.343 1.00 44.79  ? 156 GLU A CB  1 
ATOM   1052 N  N   . ALA A 1 157 ? 3.446   -4.400  -16.599 1.00 44.21  ? 157 ALA A N   1 
ATOM   1053 C  CA  . ALA A 1 157 ? 3.340   -3.039  -17.117 1.00 45.23  ? 157 ALA A CA  1 
ATOM   1054 C  C   . ALA A 1 157 ? 3.171   -2.045  -15.971 1.00 46.05  ? 157 ALA A C   1 
ATOM   1055 O  O   . ALA A 1 157 ? 3.886   -1.043  -15.886 1.00 46.72  ? 157 ALA A O   1 
ATOM   1056 C  CB  . ALA A 1 157 ? 2.159   -2.931  -18.081 1.00 46.49  ? 157 ALA A CB  1 
ATOM   1057 N  N   . LEU A 1 158 ? 2.217   -2.328  -15.089 1.00 44.11  ? 158 LEU A N   1 
ATOM   1058 C  CA  . LEU A 1 158 ? 1.950   -1.467  -13.951 1.00 42.22  ? 158 LEU A CA  1 
ATOM   1059 C  C   . LEU A 1 158 ? 3.255   -1.267  -13.181 1.00 42.29  ? 158 LEU A C   1 
ATOM   1060 O  O   . LEU A 1 158 ? 3.492   -0.209  -12.601 1.00 41.93  ? 158 LEU A O   1 
ATOM   1061 C  CB  . LEU A 1 158 ? 0.869   -2.107  -13.069 1.00 40.31  ? 158 LEU A CB  1 
ATOM   1062 C  CG  . LEU A 1 158 ? 0.309   -1.369  -11.847 1.00 39.26  ? 158 LEU A CG  1 
ATOM   1063 C  CD1 . LEU A 1 158 ? -0.135  0.032   -12.212 1.00 39.53  ? 158 LEU A CD1 1 
ATOM   1064 C  CD2 . LEU A 1 158 ? -0.855  -2.167  -11.295 1.00 38.36  ? 158 LEU A CD2 1 
ATOM   1065 N  N   . ALA A 1 159 ? 4.113   -2.283  -13.194 1.00 42.21  ? 159 ALA A N   1 
ATOM   1066 C  CA  . ALA A 1 159 ? 5.396   -2.184  -12.507 1.00 43.05  ? 159 ALA A CA  1 
ATOM   1067 C  C   . ALA A 1 159 ? 6.227   -1.085  -13.161 1.00 43.77  ? 159 ALA A C   1 
ATOM   1068 O  O   . ALA A 1 159 ? 6.866   -0.285  -12.476 1.00 43.90  ? 159 ALA A O   1 
ATOM   1069 C  CB  . ALA A 1 159 ? 6.135   -3.514  -12.568 1.00 43.21  ? 159 ALA A CB  1 
ATOM   1070 N  N   . GLU A 1 160 ? 6.208   -1.041  -14.490 1.00 43.56  ? 160 GLU A N   1 
ATOM   1071 C  CA  . GLU A 1 160 ? 6.955   -0.027  -15.224 1.00 42.98  ? 160 GLU A CA  1 
ATOM   1072 C  C   . GLU A 1 160 ? 6.478   1.360   -14.815 1.00 42.62  ? 160 GLU A C   1 
ATOM   1073 O  O   . GLU A 1 160 ? 7.278   2.221   -14.450 1.00 42.88  ? 160 GLU A O   1 
ATOM   1074 C  CB  . GLU A 1 160 ? 6.769   -0.223  -16.730 1.00 44.10  ? 160 GLU A CB  1 
ATOM   1075 N  N   . THR A 1 161 ? 5.166   1.569   -14.881 1.00 42.19  ? 161 THR A N   1 
ATOM   1076 C  CA  . THR A 1 161 ? 4.570   2.847   -14.521 1.00 41.25  ? 161 THR A CA  1 
ATOM   1077 C  C   . THR A 1 161 ? 4.975   3.280   -13.120 1.00 40.35  ? 161 THR A C   1 
ATOM   1078 O  O   . THR A 1 161 ? 5.472   4.388   -12.933 1.00 41.97  ? 161 THR A O   1 
ATOM   1079 C  CB  . THR A 1 161 ? 3.028   2.776   -14.606 1.00 42.21  ? 161 THR A CB  1 
ATOM   1080 O  OG1 . THR A 1 161 ? 2.644   2.509   -15.958 1.00 44.12  ? 161 THR A OG1 1 
ATOM   1081 C  CG2 . THR A 1 161 ? 2.393   4.086   -14.155 1.00 41.08  ? 161 THR A CG2 1 
ATOM   1082 N  N   . LEU A 1 162 ? 4.771   2.406   -12.136 1.00 39.86  ? 162 LEU A N   1 
ATOM   1083 C  CA  . LEU A 1 162 ? 5.120   2.746   -10.760 1.00 37.64  ? 162 LEU A CA  1 
ATOM   1084 C  C   . LEU A 1 162 ? 6.605   3.081   -10.650 1.00 37.93  ? 162 LEU A C   1 
ATOM   1085 O  O   . LEU A 1 162 ? 6.973   4.036   -9.977  1.00 34.63  ? 162 LEU A O   1 
ATOM   1086 C  CB  . LEU A 1 162 ? 4.750   1.599   -9.813  1.00 37.78  ? 162 LEU A CB  1 
ATOM   1087 C  CG  . LEU A 1 162 ? 3.258   1.247   -9.731  1.00 37.28  ? 162 LEU A CG  1 
ATOM   1088 C  CD1 . LEU A 1 162 ? 3.047   0.114   -8.729  1.00 36.67  ? 162 LEU A CD1 1 
ATOM   1089 C  CD2 . LEU A 1 162 ? 2.458   2.478   -9.326  1.00 36.06  ? 162 LEU A CD2 1 
ATOM   1090 N  N   . SER A 1 163 ? 7.453   2.304   -11.323 1.00 41.09  ? 163 SER A N   1 
ATOM   1091 C  CA  . SER A 1 163 ? 8.897   2.546   -11.306 1.00 43.31  ? 163 SER A CA  1 
ATOM   1092 C  C   . SER A 1 163 ? 9.208   3.951   -11.828 1.00 44.30  ? 163 SER A C   1 
ATOM   1093 O  O   . SER A 1 163 ? 9.899   4.736   -11.172 1.00 45.34  ? 163 SER A O   1 
ATOM   1094 C  CB  . SER A 1 163 ? 9.623   1.516   -12.179 1.00 45.95  ? 163 SER A CB  1 
ATOM   1095 O  OG  . SER A 1 163 ? 9.437   0.195   -11.697 1.00 48.87  ? 163 SER A OG  1 
ATOM   1096 N  N   . LYS A 1 164 ? 8.692   4.264   -13.013 1.00 43.86  ? 164 LYS A N   1 
ATOM   1097 C  CA  . LYS A 1 164 ? 8.908   5.572   -13.622 1.00 44.33  ? 164 LYS A CA  1 
ATOM   1098 C  C   . LYS A 1 164 ? 8.416   6.696   -12.715 1.00 44.34  ? 164 LYS A C   1 
ATOM   1099 O  O   . LYS A 1 164 ? 9.145   7.655   -12.449 1.00 44.41  ? 164 LYS A O   1 
ATOM   1100 C  CB  . LYS A 1 164 ? 8.203   5.643   -14.972 1.00 46.51  ? 164 LYS A CB  1 
ATOM   1101 N  N   . GLN A 1 165 ? 7.176   6.572   -12.246 1.00 43.75  ? 165 GLN A N   1 
ATOM   1102 C  CA  . GLN A 1 165 ? 6.587   7.573   -11.362 1.00 42.67  ? 165 GLN A CA  1 
ATOM   1103 C  C   . GLN A 1 165 ? 7.405   7.728   -10.086 1.00 40.66  ? 165 GLN A C   1 
ATOM   1104 O  O   . GLN A 1 165 ? 7.664   8.842   -9.646  1.00 38.76  ? 165 GLN A O   1 
ATOM   1105 C  CB  . GLN A 1 165 ? 5.150   7.185   -11.002 1.00 43.83  ? 165 GLN A CB  1 
ATOM   1106 C  CG  . GLN A 1 165 ? 4.184   7.171   -12.176 1.00 47.66  ? 165 GLN A CG  1 
ATOM   1107 C  CD  . GLN A 1 165 ? 3.845   8.562   -12.681 1.00 49.18  ? 165 GLN A CD  1 
ATOM   1108 O  OE1 . GLN A 1 165 ? 3.062   8.716   -13.619 1.00 50.54  ? 165 GLN A OE1 1 
ATOM   1109 N  NE2 . GLN A 1 165 ? 4.430   9.583   -12.059 1.00 50.38  ? 165 GLN A NE2 1 
ATOM   1110 N  N   . SER A 1 166 ? 7.806   6.608   -9.491  1.00 40.10  ? 166 SER A N   1 
ATOM   1111 C  CA  . SER A 1 166 ? 8.592   6.645   -8.262  1.00 40.57  ? 166 SER A CA  1 
ATOM   1112 C  C   . SER A 1 166 ? 9.828   7.519   -8.451  1.00 40.74  ? 166 SER A C   1 
ATOM   1113 O  O   . SER A 1 166 ? 10.099  8.414   -7.652  1.00 40.59  ? 166 SER A O   1 
ATOM   1114 C  CB  . SER A 1 166 ? 9.017   5.231   -7.858  1.00 41.14  ? 166 SER A CB  1 
ATOM   1115 O  OG  . SER A 1 166 ? 7.888   4.409   -7.596  1.00 40.36  ? 166 SER A OG  1 
ATOM   1116 N  N   . ILE A 1 167 ? 10.574  7.258   -9.519  1.00 41.29  ? 167 ILE A N   1 
ATOM   1117 C  CA  . ILE A 1 167 ? 11.774  8.029   -9.806  1.00 40.27  ? 167 ILE A CA  1 
ATOM   1118 C  C   . ILE A 1 167 ? 11.456  9.484   -10.145 1.00 39.95  ? 167 ILE A C   1 
ATOM   1119 O  O   . ILE A 1 167 ? 11.977  10.400  -9.510  1.00 39.75  ? 167 ILE A O   1 
ATOM   1120 C  CB  . ILE A 1 167 ? 12.566  7.398   -10.967 1.00 41.24  ? 167 ILE A CB  1 
ATOM   1121 C  CG1 . ILE A 1 167 ? 13.013  5.987   -10.568 1.00 41.70  ? 167 ILE A CG1 1 
ATOM   1122 C  CG2 . ILE A 1 167 ? 13.773  8.268   -11.307 1.00 41.35  ? 167 ILE A CG2 1 
ATOM   1123 C  CD1 . ILE A 1 167 ? 13.558  5.156   -11.713 1.00 43.91  ? 167 ILE A CD1 1 
ATOM   1124 N  N   . SER A 1 168 ? 10.591  9.696   -11.134 1.00 40.86  ? 168 SER A N   1 
ATOM   1125 C  CA  . SER A 1 168 ? 10.227  11.046  -11.557 1.00 43.18  ? 168 SER A CA  1 
ATOM   1126 C  C   . SER A 1 168 ? 9.642   11.943  -10.467 1.00 43.93  ? 168 SER A C   1 
ATOM   1127 O  O   . SER A 1 168 ? 9.702   13.170  -10.575 1.00 45.20  ? 168 SER A O   1 
ATOM   1128 C  CB  . SER A 1 168 ? 9.256   10.987  -12.744 1.00 45.64  ? 168 SER A CB  1 
ATOM   1129 O  OG  . SER A 1 168 ? 8.123   10.186  -12.456 1.00 48.86  ? 168 SER A OG  1 
ATOM   1130 N  N   . ASN A 1 169 ? 9.082   11.352  -9.415  1.00 43.54  ? 169 ASN A N   1 
ATOM   1131 C  CA  . ASN A 1 169 ? 8.507   12.155  -8.346  1.00 42.49  ? 169 ASN A CA  1 
ATOM   1132 C  C   . ASN A 1 169 ? 9.403   12.326  -7.123  1.00 43.11  ? 169 ASN A C   1 
ATOM   1133 O  O   . ASN A 1 169 ? 9.041   13.026  -6.181  1.00 41.61  ? 169 ASN A O   1 
ATOM   1134 C  CB  . ASN A 1 169 ? 7.146   11.592  -7.923  1.00 43.30  ? 169 ASN A CB  1 
ATOM   1135 C  CG  . ASN A 1 169 ? 6.043   11.927  -8.917  1.00 43.53  ? 169 ASN A CG  1 
ATOM   1136 O  OD1 . ASN A 1 169 ? 5.790   11.184  -9.868  1.00 41.91  ? 169 ASN A OD1 1 
ATOM   1137 N  ND2 . ASN A 1 169 ? 5.390   13.065  -8.705  1.00 43.68  ? 169 ASN A ND2 1 
ATOM   1138 N  N   . SER A 1 170 ? 10.573  11.694  -7.135  1.00 42.96  ? 170 SER A N   1 
ATOM   1139 C  CA  . SER A 1 170 ? 11.499  11.827  -6.014  1.00 44.65  ? 170 SER A CA  1 
ATOM   1140 C  C   . SER A 1 170 ? 12.340  13.085  -6.203  1.00 45.97  ? 170 SER A C   1 
ATOM   1141 O  O   . SER A 1 170 ? 12.581  13.511  -7.329  1.00 45.89  ? 170 SER A O   1 
ATOM   1142 C  CB  . SER A 1 170 ? 12.403  10.595  -5.914  1.00 44.49  ? 170 SER A CB  1 
ATOM   1143 O  OG  . SER A 1 170 ? 11.662  9.464   -5.488  1.00 42.75  ? 170 SER A OG  1 
ATOM   1144 N  N   . GLU A 1 171 ? 12.786  13.669  -5.096  1.00 48.48  ? 171 GLU A N   1 
ATOM   1145 C  CA  . GLU A 1 171 ? 13.572  14.896  -5.133  1.00 52.42  ? 171 GLU A CA  1 
ATOM   1146 C  C   . GLU A 1 171 ? 14.858  14.802  -4.322  1.00 53.06  ? 171 GLU A C   1 
ATOM   1147 O  O   . GLU A 1 171 ? 14.861  14.291  -3.202  1.00 53.10  ? 171 GLU A O   1 
ATOM   1148 C  CB  . GLU A 1 171 ? 12.720  16.058  -4.608  1.00 53.66  ? 171 GLU A CB  1 
ATOM   1149 C  CG  . GLU A 1 171 ? 13.466  17.374  -4.374  1.00 58.22  ? 171 GLU A CG  1 
ATOM   1150 C  CD  . GLU A 1 171 ? 14.021  17.981  -5.651  1.00 59.94  ? 171 GLU A CD  1 
ATOM   1151 O  OE1 . GLU A 1 171 ? 13.298  17.977  -6.670  1.00 62.01  ? 171 GLU A OE1 1 
ATOM   1152 O  OE2 . GLU A 1 171 ? 15.172  18.476  -5.635  1.00 62.39  ? 171 GLU A OE2 1 
ATOM   1153 N  N   . SER A 1 172 ? 15.947  15.308  -4.894  1.00 53.76  ? 172 SER A N   1 
ATOM   1154 C  CA  . SER A 1 172 ? 17.245  15.309  -4.224  1.00 54.96  ? 172 SER A CA  1 
ATOM   1155 C  C   . SER A 1 172 ? 17.333  16.467  -3.231  1.00 55.42  ? 172 SER A C   1 
ATOM   1156 O  O   . SER A 1 172 ? 18.309  16.587  -2.487  1.00 55.48  ? 172 SER A O   1 
ATOM   1157 C  CB  . SER A 1 172 ? 18.371  15.431  -5.252  1.00 54.84  ? 172 SER A CB  1 
ATOM   1158 O  OG  . SER A 1 172 ? 18.380  14.313  -6.122  1.00 55.60  ? 172 SER A OG  1 
ATOM   1159 N  N   . GLY A 1 173 ? 16.306  17.313  -3.232  1.00 55.91  ? 173 GLY A N   1 
ATOM   1160 C  CA  . GLY A 1 173 ? 16.263  18.450  -2.329  1.00 55.52  ? 173 GLY A CA  1 
ATOM   1161 C  C   . GLY A 1 173 ? 16.125  18.029  -0.876  1.00 56.23  ? 173 GLY A C   1 
ATOM   1162 O  O   . GLY A 1 173 ? 15.630  16.936  -0.585  1.00 56.44  ? 173 GLY A O   1 
ATOM   1163 N  N   . PRO A 1 174 ? 16.542  18.892  0.067   1.00 55.67  ? 174 PRO A N   1 
ATOM   1164 C  CA  . PRO A 1 174 ? 16.487  18.644  1.514   1.00 54.55  ? 174 PRO A CA  1 
ATOM   1165 C  C   . PRO A 1 174 ? 15.098  18.297  2.042   1.00 53.44  ? 174 PRO A C   1 
ATOM   1166 O  O   . PRO A 1 174 ? 14.959  17.561  3.018   1.00 54.67  ? 174 PRO A O   1 
ATOM   1167 C  CB  . PRO A 1 174 ? 17.027  19.945  2.103   1.00 55.53  ? 174 PRO A CB  1 
ATOM   1168 C  CG  . PRO A 1 174 ? 16.618  20.969  1.071   1.00 55.30  ? 174 PRO A CG  1 
ATOM   1169 C  CD  . PRO A 1 174 ? 16.962  20.277  -0.210  1.00 55.65  ? 174 PRO A CD  1 
ATOM   1170 N  N   . ARG A 1 175 ? 14.070  18.835  1.397   1.00 51.28  ? 175 ARG A N   1 
ATOM   1171 C  CA  . ARG A 1 175 ? 12.697  18.570  1.802   1.00 48.30  ? 175 ARG A CA  1 
ATOM   1172 C  C   . ARG A 1 175 ? 12.086  17.599  0.806   1.00 47.20  ? 175 ARG A C   1 
ATOM   1173 O  O   . ARG A 1 175 ? 10.901  17.253  0.885   1.00 45.48  ? 175 ARG A O   1 
ATOM   1174 C  CB  . ARG A 1 175 ? 11.896  19.873  1.831   1.00 47.15  ? 175 ARG A CB  1 
ATOM   1175 C  CG  . ARG A 1 175 ? 12.247  20.795  2.991   1.00 44.81  ? 175 ARG A CG  1 
ATOM   1176 C  CD  . ARG A 1 175 ? 11.596  22.156  2.815   1.00 45.17  ? 175 ARG A CD  1 
ATOM   1177 N  NE  . ARG A 1 175 ? 12.142  22.848  1.651   1.00 45.02  ? 175 ARG A NE  1 
ATOM   1178 C  CZ  . ARG A 1 175 ? 13.399  23.271  1.551   1.00 44.88  ? 175 ARG A CZ  1 
ATOM   1179 N  NH1 . ARG A 1 175 ? 14.254  23.081  2.549   1.00 44.11  ? 175 ARG A NH1 1 
ATOM   1180 N  NH2 . ARG A 1 175 ? 13.809  23.871  0.443   1.00 43.53  ? 175 ARG A NH2 1 
ATOM   1181 N  N   . GLY A 1 176 ? 12.919  17.159  -0.130  1.00 44.86  ? 176 GLY A N   1 
ATOM   1182 C  CA  . GLY A 1 176 ? 12.467  16.238  -1.150  1.00 43.88  ? 176 GLY A CA  1 
ATOM   1183 C  C   . GLY A 1 176 ? 11.866  14.957  -0.608  1.00 42.58  ? 176 GLY A C   1 
ATOM   1184 O  O   . GLY A 1 176 ? 12.174  14.516  0.501   1.00 42.67  ? 176 GLY A O   1 
ATOM   1185 N  N   . VAL A 1 177 ? 10.987  14.365  -1.404  1.00 41.00  ? 177 VAL A N   1 
ATOM   1186 C  CA  . VAL A 1 177 ? 10.339  13.114  -1.046  1.00 40.53  ? 177 VAL A CA  1 
ATOM   1187 C  C   . VAL A 1 177 ? 11.027  12.031  -1.861  1.00 39.08  ? 177 VAL A C   1 
ATOM   1188 O  O   . VAL A 1 177 ? 11.482  12.288  -2.972  1.00 39.12  ? 177 VAL A O   1 
ATOM   1189 C  CB  . VAL A 1 177 ? 8.838   13.138  -1.396  1.00 37.34  ? 177 VAL A CB  1 
ATOM   1190 C  CG1 . VAL A 1 177 ? 8.232   11.761  -1.184  1.00 37.56  ? 177 VAL A CG1 1 
ATOM   1191 C  CG2 . VAL A 1 177 ? 8.124   14.181  -0.544  1.00 38.06  ? 177 VAL A CG2 1 
ATOM   1192 N  N   . HIS A 1 178 ? 11.122  10.831  -1.300  1.00 38.94  ? 178 HIS A N   1 
ATOM   1193 C  CA  . HIS A 1 178 ? 11.764  9.721   -1.993  1.00 39.50  ? 178 HIS A CA  1 
ATOM   1194 C  C   . HIS A 1 178 ? 10.818  8.535   -2.135  1.00 39.27  ? 178 HIS A C   1 
ATOM   1195 O  O   . HIS A 1 178 ? 10.386  7.968   -1.135  1.00 38.88  ? 178 HIS A O   1 
ATOM   1196 C  CB  . HIS A 1 178 ? 13.010  9.268   -1.223  1.00 40.97  ? 178 HIS A CB  1 
ATOM   1197 C  CG  . HIS A 1 178 ? 14.087  10.304  -1.139  1.00 42.42  ? 178 HIS A CG  1 
ATOM   1198 N  ND1 . HIS A 1 178 ? 14.779  10.749  -2.245  1.00 42.60  ? 178 HIS A ND1 1 
ATOM   1199 C  CD2 . HIS A 1 178 ? 14.599  10.976  -0.079  1.00 42.96  ? 178 HIS A CD2 1 
ATOM   1200 C  CE1 . HIS A 1 178 ? 15.673  11.647  -1.871  1.00 43.51  ? 178 HIS A CE1 1 
ATOM   1201 N  NE2 . HIS A 1 178 ? 15.583  11.803  -0.563  1.00 44.70  ? 178 HIS A NE2 1 
ATOM   1202 N  N   . PHE A 1 179 ? 10.499  8.165   -3.371  1.00 36.37  ? 179 PHE A N   1 
ATOM   1203 C  CA  . PHE A 1 179 ? 9.635   7.014   -3.623  1.00 35.97  ? 179 PHE A CA  1 
ATOM   1204 C  C   . PHE A 1 179 ? 10.518  5.832   -4.040  1.00 35.07  ? 179 PHE A C   1 
ATOM   1205 O  O   . PHE A 1 179 ? 11.034  5.799   -5.154  1.00 33.46  ? 179 PHE A O   1 
ATOM   1206 C  CB  . PHE A 1 179 ? 8.622   7.313   -4.732  1.00 34.87  ? 179 PHE A CB  1 
ATOM   1207 C  CG  . PHE A 1 179 ? 7.584   8.341   -4.358  1.00 36.79  ? 179 PHE A CG  1 
ATOM   1208 C  CD1 . PHE A 1 179 ? 7.772   9.689   -4.666  1.00 36.61  ? 179 PHE A CD1 1 
ATOM   1209 C  CD2 . PHE A 1 179 ? 6.399   7.958   -3.730  1.00 37.11  ? 179 PHE A CD2 1 
ATOM   1210 C  CE1 . PHE A 1 179 ? 6.796   10.641  -4.365  1.00 36.05  ? 179 PHE A CE1 1 
ATOM   1211 C  CE2 . PHE A 1 179 ? 5.414   8.906   -3.423  1.00 37.78  ? 179 PHE A CE2 1 
ATOM   1212 C  CZ  . PHE A 1 179 ? 5.616   10.250  -3.745  1.00 36.65  ? 179 PHE A CZ  1 
ATOM   1213 N  N   . ILE A 1 180 ? 10.681  4.870   -3.133  1.00 33.49  ? 180 ILE A N   1 
ATOM   1214 C  CA  . ILE A 1 180 ? 11.515  3.695   -3.375  1.00 33.12  ? 180 ILE A CA  1 
ATOM   1215 C  C   . ILE A 1 180 ? 10.697  2.458   -3.738  1.00 33.59  ? 180 ILE A C   1 
ATOM   1216 O  O   . ILE A 1 180 ? 10.096  1.836   -2.858  1.00 31.41  ? 180 ILE A O   1 
ATOM   1217 C  CB  . ILE A 1 180 ? 12.350  3.343   -2.116  1.00 32.46  ? 180 ILE A CB  1 
ATOM   1218 C  CG1 . ILE A 1 180 ? 13.029  4.599   -1.552  1.00 34.79  ? 180 ILE A CG1 1 
ATOM   1219 C  CG2 . ILE A 1 180 ? 13.377  2.285   -2.460  1.00 33.41  ? 180 ILE A CG2 1 
ATOM   1220 C  CD1 . ILE A 1 180 ? 13.905  5.333   -2.549  1.00 35.28  ? 180 ILE A CD1 1 
ATOM   1221 N  N   . PHE A 1 181 ? 10.676  2.090   -5.016  1.00 32.99  ? 181 PHE A N   1 
ATOM   1222 C  CA  . PHE A 1 181 ? 9.930   0.906   -5.418  1.00 36.17  ? 181 PHE A CA  1 
ATOM   1223 C  C   . PHE A 1 181 ? 10.685  -0.345  -4.953  1.00 37.47  ? 181 PHE A C   1 
ATOM   1224 O  O   . PHE A 1 181 ? 11.826  -0.575  -5.354  1.00 35.67  ? 181 PHE A O   1 
ATOM   1225 C  CB  . PHE A 1 181 ? 9.744   0.872   -6.938  1.00 36.88  ? 181 PHE A CB  1 
ATOM   1226 C  CG  . PHE A 1 181 ? 8.846   -0.239  -7.418  1.00 40.04  ? 181 PHE A CG  1 
ATOM   1227 C  CD1 . PHE A 1 181 ? 7.648   0.046   -8.061  1.00 41.02  ? 181 PHE A CD1 1 
ATOM   1228 C  CD2 . PHE A 1 181 ? 9.196   -1.576  -7.223  1.00 42.39  ? 181 PHE A CD2 1 
ATOM   1229 C  CE1 . PHE A 1 181 ? 6.805   -0.980  -8.507  1.00 40.81  ? 181 PHE A CE1 1 
ATOM   1230 C  CE2 . PHE A 1 181 ? 8.360   -2.611  -7.665  1.00 42.07  ? 181 PHE A CE2 1 
ATOM   1231 C  CZ  . PHE A 1 181 ? 7.161   -2.306  -8.308  1.00 42.18  ? 181 PHE A CZ  1 
ATOM   1232 N  N   . ASN A 1 182 ? 10.047  -1.142  -4.097  1.00 38.99  ? 182 ASN A N   1 
ATOM   1233 C  CA  . ASN A 1 182 ? 10.651  -2.375  -3.592  1.00 40.58  ? 182 ASN A CA  1 
ATOM   1234 C  C   . ASN A 1 182 ? 10.163  -3.604  -4.335  1.00 40.90  ? 182 ASN A C   1 
ATOM   1235 O  O   . ASN A 1 182 ? 8.967   -3.903  -4.352  1.00 41.57  ? 182 ASN A O   1 
ATOM   1236 C  CB  . ASN A 1 182 ? 10.350  -2.575  -2.107  1.00 42.22  ? 182 ASN A CB  1 
ATOM   1237 C  CG  . ASN A 1 182 ? 11.190  -1.696  -1.218  1.00 42.87  ? 182 ASN A CG  1 
ATOM   1238 O  OD1 . ASN A 1 182 ? 11.741  -2.157  -0.215  1.00 44.62  ? 182 ASN A OD1 1 
ATOM   1239 N  ND2 . ASN A 1 182 ? 11.288  -0.419  -1.567  1.00 42.85  ? 182 ASN A ND2 1 
ATOM   1240 N  N   . LYS A 1 183 ? 11.099  -4.317  -4.945  1.00 40.77  ? 183 LYS A N   1 
ATOM   1241 C  CA  . LYS A 1 183 ? 10.781  -5.535  -5.668  1.00 39.89  ? 183 LYS A CA  1 
ATOM   1242 C  C   . LYS A 1 183 ? 10.511  -6.597  -4.608  1.00 39.09  ? 183 LYS A C   1 
ATOM   1243 O  O   . LYS A 1 183 ? 11.213  -6.650  -3.602  1.00 38.98  ? 183 LYS A O   1 
ATOM   1244 C  CB  . LYS A 1 183 ? 11.978  -5.953  -6.523  1.00 41.07  ? 183 LYS A CB  1 
ATOM   1245 C  CG  . LYS A 1 183 ? 11.716  -7.126  -7.446  1.00 39.31  ? 183 LYS A CG  1 
ATOM   1246 C  CD  . LYS A 1 183 ? 10.809  -6.726  -8.583  1.00 41.09  ? 183 LYS A CD  1 
ATOM   1247 C  CE  . LYS A 1 183 ? 10.859  -7.758  -9.696  1.00 43.64  ? 183 LYS A CE  1 
ATOM   1248 N  NZ  . LYS A 1 183 ? 12.212  -7.842  -10.323 1.00 45.65  ? 183 LYS A NZ  1 
ATOM   1249 N  N   . GLU A 1 184 ? 9.485   -7.416  -4.812  1.00 39.35  ? 184 GLU A N   1 
ATOM   1250 C  CA  . GLU A 1 184 ? 9.159   -8.480  -3.861  1.00 39.94  ? 184 GLU A CA  1 
ATOM   1251 C  C   . GLU A 1 184 ? 8.815   -9.728  -4.643  1.00 40.21  ? 184 GLU A C   1 
ATOM   1252 O  O   . GLU A 1 184 ? 8.100   -9.664  -5.640  1.00 41.63  ? 184 GLU A O   1 
ATOM   1253 C  CB  . GLU A 1 184 ? 7.974   -8.090  -2.967  1.00 38.77  ? 184 GLU A CB  1 
ATOM   1254 C  CG  . GLU A 1 184 ? 8.225   -6.863  -2.106  1.00 38.83  ? 184 GLU A CG  1 
ATOM   1255 C  CD  . GLU A 1 184 ? 9.387   -7.040  -1.136  1.00 39.96  ? 184 GLU A CD  1 
ATOM   1256 O  OE1 . GLU A 1 184 ? 9.801   -6.029  -0.531  1.00 39.00  ? 184 GLU A OE1 1 
ATOM   1257 O  OE2 . GLU A 1 184 ? 9.879   -8.182  -0.973  1.00 41.41  ? 184 GLU A OE2 1 
ATOM   1258 N  N   . ASN A 1 185 ? 9.317   -10.869 -4.185  1.00 41.66  ? 185 ASN A N   1 
ATOM   1259 C  CA  . ASN A 1 185 ? 9.068   -12.122 -4.880  1.00 45.35  ? 185 ASN A CA  1 
ATOM   1260 C  C   . ASN A 1 185 ? 7.831   -12.856 -4.380  1.00 43.66  ? 185 ASN A C   1 
ATOM   1261 O  O   . ASN A 1 185 ? 7.914   -13.813 -3.608  1.00 43.76  ? 185 ASN A O   1 
ATOM   1262 C  CB  . ASN A 1 185 ? 10.308  -13.015 -4.785  1.00 47.66  ? 185 ASN A CB  1 
ATOM   1263 C  CG  . ASN A 1 185 ? 11.546  -12.346 -5.361  1.00 53.14  ? 185 ASN A CG  1 
ATOM   1264 O  OD1 . ASN A 1 185 ? 11.553  -11.913 -6.520  1.00 57.19  ? 185 ASN A OD1 1 
ATOM   1265 N  ND2 . ASN A 1 185 ? 12.599  -12.250 -4.554  1.00 53.89  ? 185 ASN A ND2 1 
ATOM   1266 N  N   . PHE A 1 186 ? 6.671   -12.390 -4.826  1.00 44.12  ? 186 PHE A N   1 
ATOM   1267 C  CA  . PHE A 1 186 ? 5.411   -13.000 -4.446  1.00 43.48  ? 186 PHE A CA  1 
ATOM   1268 C  C   . PHE A 1 186 ? 5.227   -14.295 -5.242  1.00 45.57  ? 186 PHE A C   1 
ATOM   1269 O  O   . PHE A 1 186 ? 4.640   -15.256 -4.695  1.00 46.42  ? 186 PHE A O   1 
ATOM   1270 C  CB  . PHE A 1 186 ? 4.255   -12.022 -4.702  1.00 41.33  ? 186 PHE A CB  1 
ATOM   1271 C  CG  . PHE A 1 186 ? 4.317   -10.770 -3.856  1.00 37.46  ? 186 PHE A CG  1 
ATOM   1272 C  CD1 . PHE A 1 186 ? 4.332   -10.851 -2.464  1.00 37.17  ? 186 PHE A CD1 1 
ATOM   1273 C  CD2 . PHE A 1 186 ? 4.388   -9.511  -4.449  1.00 36.31  ? 186 PHE A CD2 1 
ATOM   1274 C  CE1 . PHE A 1 186 ? 4.419   -9.694  -1.675  1.00 35.87  ? 186 PHE A CE1 1 
ATOM   1275 C  CE2 . PHE A 1 186 ? 4.474   -8.352  -3.673  1.00 34.54  ? 186 PHE A CE2 1 
ATOM   1276 C  CZ  . PHE A 1 186 ? 4.489   -8.445  -2.281  1.00 35.35  ? 186 PHE A CZ  1 
ATOM   1277 O  OXT . PHE A 1 186 ? 5.680   -14.334 -6.408  1.00 47.73  ? 186 PHE A OXT 1 
HETATM 1278 NI NI  . NI  B 2 .   ? 16.324  13.350  0.661   1.00 63.44  ? 187 NI  A NI  1 
HETATM 1279 NI NI  . NI  C 2 .   ? -19.360 -17.073 -5.451  1.00 110.53 ? 188 NI  A NI  1 
HETATM 1280 NI NI  . NI  D 2 .   ? 13.556  -11.780 9.071   1.00 39.79  ? 189 NI  A NI  1 
HETATM 1281 NI NI  . NI  E 2 .   ? 8.007   -21.057 5.028   1.00 46.89  ? 190 NI  A NI  1 
HETATM 1282 NI NI  . NI  F 2 .   ? 9.167   13.071  9.048   0.50 56.38  ? 191 NI  A NI  1 
HETATM 1283 NI NI  . NI  G 2 .   ? -14.728 -5.723  -21.766 1.00 122.95 ? 192 NI  A NI  1 
HETATM 1284 NI NI  . NI  H 2 .   ? 5.350   -15.865 8.196   1.00 53.65  ? 193 NI  A NI  1 
HETATM 1285 O  O   . HOH I 3 .   ? -10.287 -9.023  -10.009 1.00 23.04  ? 194 HOH A O   1 
HETATM 1286 O  O   . HOH I 3 .   ? -3.568  1.450   -13.851 1.00 24.98  ? 195 HOH A O   1 
HETATM 1287 O  O   . HOH I 3 .   ? -0.659  -12.327 8.228   1.00 25.54  ? 196 HOH A O   1 
HETATM 1288 O  O   . HOH I 3 .   ? -4.182  -3.928  -13.899 1.00 33.30  ? 197 HOH A O   1 
HETATM 1289 O  O   . HOH I 3 .   ? 9.457   -5.661  11.006  1.00 33.81  ? 198 HOH A O   1 
HETATM 1290 O  O   . HOH I 3 .   ? 10.061  -14.417 2.959   1.00 28.89  ? 199 HOH A O   1 
HETATM 1291 O  O   . HOH I 3 .   ? -8.703  -7.967  -7.235  1.00 33.41  ? 200 HOH A O   1 
HETATM 1292 O  O   . HOH I 3 .   ? 11.735  2.589   -9.213  1.00 42.21  ? 201 HOH A O   1 
HETATM 1293 O  O   . HOH I 3 .   ? 3.877   -8.718  -9.283  1.00 32.09  ? 202 HOH A O   1 
HETATM 1294 O  O   . HOH I 3 .   ? 11.208  -4.171  9.297   1.00 36.60  ? 203 HOH A O   1 
HETATM 1295 O  O   . HOH I 3 .   ? -17.952 3.595   -2.221  1.00 42.59  ? 204 HOH A O   1 
HETATM 1296 O  O   . HOH I 3 .   ? -1.554  6.814   -14.870 1.00 42.00  ? 205 HOH A O   1 
HETATM 1297 O  O   . HOH I 3 .   ? 6.634   -5.083  -4.641  1.00 33.76  ? 206 HOH A O   1 
HETATM 1298 O  O   . HOH I 3 .   ? 11.128  8.896   6.283   1.00 42.54  ? 207 HOH A O   1 
HETATM 1299 O  O   . HOH I 3 .   ? -15.896 6.788   -10.517 1.00 32.85  ? 208 HOH A O   1 
HETATM 1300 O  O   . HOH I 3 .   ? 4.220   3.484   15.641  1.00 51.72  ? 209 HOH A O   1 
HETATM 1301 O  O   . HOH I 3 .   ? 5.025   11.248  7.675   1.00 38.19  ? 210 HOH A O   1 
HETATM 1302 O  O   . HOH I 3 .   ? 10.361  -10.890 -1.626  1.00 36.96  ? 211 HOH A O   1 
HETATM 1303 O  O   . HOH I 3 .   ? 1.683   -6.543  -18.146 1.00 39.10  ? 212 HOH A O   1 
HETATM 1304 O  O   . HOH I 3 .   ? -16.898 -14.669 -3.577  1.00 52.75  ? 213 HOH A O   1 
HETATM 1305 O  O   . HOH I 3 .   ? 10.571  6.057   5.593   1.00 37.32  ? 214 HOH A O   1 
HETATM 1306 O  O   . HOH I 3 .   ? 8.096   6.576   12.152  1.00 49.68  ? 215 HOH A O   1 
HETATM 1307 O  O   . HOH I 3 .   ? 14.077  -0.281  19.610  1.00 51.11  ? 216 HOH A O   1 
HETATM 1308 O  O   . HOH I 3 .   ? 3.755   16.972  -4.959  1.00 43.08  ? 217 HOH A O   1 
HETATM 1309 O  O   . HOH I 3 .   ? 13.807  20.313  -0.890  1.00 42.30  ? 218 HOH A O   1 
HETATM 1310 O  O   . HOH I 3 .   ? -7.293  3.840   9.569   1.00 39.82  ? 219 HOH A O   1 
HETATM 1311 O  O   . HOH I 3 .   ? -14.068 2.407   -1.405  1.00 53.46  ? 220 HOH A O   1 
HETATM 1312 O  O   . HOH I 3 .   ? 9.233   11.599  7.248   1.00 39.68  ? 221 HOH A O   1 
HETATM 1313 O  O   . HOH I 3 .   ? 15.028  4.888   -7.085  1.00 47.37  ? 222 HOH A O   1 
HETATM 1314 O  O   . HOH I 3 .   ? -8.984  -0.540  -17.688 1.00 52.64  ? 223 HOH A O   1 
HETATM 1315 O  O   . HOH I 3 .   ? -19.500 -6.963  3.138   1.00 30.87  ? 224 HOH A O   1 
HETATM 1316 O  O   . HOH I 3 .   ? 10.080  -20.410 5.232   1.00 33.86  ? 225 HOH A O   1 
HETATM 1317 O  O   . HOH I 3 .   ? -2.741  -13.600 1.639   1.00 37.47  ? 226 HOH A O   1 
HETATM 1318 O  O   . HOH I 3 .   ? 5.819   -21.447 4.259   1.00 32.97  ? 227 HOH A O   1 
HETATM 1319 O  O   . HOH I 3 .   ? 15.012  -4.620  18.795  1.00 47.91  ? 228 HOH A O   1 
HETATM 1320 O  O   . HOH I 3 .   ? -20.194 -9.056  3.232   1.00 38.35  ? 229 HOH A O   1 
HETATM 1321 O  O   . HOH I 3 .   ? 12.418  3.732   -6.720  1.00 29.93  ? 230 HOH A O   1 
HETATM 1322 O  O   . HOH I 3 .   ? 16.198  14.470  -1.267  1.00 31.20  ? 231 HOH A O   1 
HETATM 1323 O  O   . HOH I 3 .   ? -5.632  -11.364 -12.189 1.00 35.85  ? 232 HOH A O   1 
HETATM 1324 O  O   . HOH I 3 .   ? 8.076   -23.241 5.774   1.00 41.44  ? 233 HOH A O   1 
HETATM 1325 O  O   . HOH I 3 .   ? 19.437  12.424  -3.208  1.00 40.53  ? 234 HOH A O   1 
HETATM 1326 O  O   . HOH I 3 .   ? 8.760   -21.298 2.923   1.00 47.59  ? 235 HOH A O   1 
HETATM 1327 O  O   . HOH I 3 .   ? -7.587  -4.395  -12.724 1.00 46.31  ? 236 HOH A O   1 
HETATM 1328 O  O   . HOH I 3 .   ? 10.225  -13.334 -8.109  1.00 55.76  ? 237 HOH A O   1 
HETATM 1329 O  O   . HOH I 3 .   ? -17.975 -5.862  1.430   1.00 37.56  ? 238 HOH A O   1 
HETATM 1330 O  O   . HOH I 3 .   ? 17.252  11.607  3.051   1.00 54.60  ? 239 HOH A O   1 
HETATM 1331 O  O   . HOH I 3 .   ? 13.614  7.511   -6.308  1.00 47.83  ? 240 HOH A O   1 
HETATM 1332 O  O   . HOH I 3 .   ? -14.295 0.576   -14.994 1.00 45.17  ? 241 HOH A O   1 
HETATM 1333 O  O   . HOH I 3 .   ? -9.700  6.282   -16.118 1.00 44.22  ? 242 HOH A O   1 
HETATM 1334 O  O   . HOH I 3 .   ? 6.681   -7.290  -7.272  1.00 43.52  ? 243 HOH A O   1 
HETATM 1335 O  O   . HOH I 3 .   ? -1.259  -17.460 1.882   1.00 51.27  ? 244 HOH A O   1 
HETATM 1336 O  O   . HOH I 3 .   ? 15.497  -8.264  7.130   1.00 53.15  ? 245 HOH A O   1 
HETATM 1337 O  O   . HOH I 3 .   ? 16.167  -10.222 9.432   1.00 27.12  ? 246 HOH A O   1 
HETATM 1338 O  O   . HOH I 3 .   ? 14.308  13.935  1.695   1.00 54.77  ? 247 HOH A O   1 
HETATM 1339 O  O   . HOH I 3 .   ? 18.962  12.253  -0.498  1.00 60.21  ? 248 HOH A O   1 
HETATM 1340 O  O   . HOH I 3 .   ? 10.421  12.339  9.771   0.50 43.68  ? 249 HOH A O   1 
HETATM 1341 O  O   . HOH I 3 .   ? 7.749   13.890  8.203   0.50 43.68  ? 250 HOH A O   1 
HETATM 1342 O  O   . HOH I 3 .   ? 10.140  14.426  7.271   1.00 57.74  ? 251 HOH A O   1 
HETATM 1343 O  O   . HOH I 3 .   ? -21.591 -17.350 -6.380  1.00 59.34  ? 252 HOH A O   1 
HETATM 1344 O  O   . HOH I 3 .   ? -19.059 -16.121 -2.139  1.00 53.37  ? 253 HOH A O   1 
HETATM 1345 O  O   . HOH I 3 .   ? 13.540  -7.677  -0.741  1.00 51.15  ? 254 HOH A O   1 
HETATM 1346 O  O   . HOH I 3 .   ? 14.879  -6.658  2.883   1.00 59.26  ? 255 HOH A O   1 
HETATM 1347 O  O   . HOH I 3 .   ? -21.070 -16.215 -3.313  1.00 40.84  ? 256 HOH A O   1 
HETATM 1348 O  O   . HOH I 3 .   ? 5.990   -17.973 0.583   1.00 49.40  ? 257 HOH A O   1 
HETATM 1349 O  O   . HOH I 3 .   ? 16.265  8.783   1.291   1.00 51.46  ? 258 HOH A O   1 
HETATM 1350 O  O   . HOH I 3 .   ? 11.986  -13.539 5.754   1.00 53.61  ? 259 HOH A O   1 
HETATM 1351 O  O   . HOH I 3 .   ? -6.114  9.540   -3.359  1.00 44.09  ? 260 HOH A O   1 
HETATM 1352 O  O   . HOH I 3 .   ? -13.393 -8.815  -5.408  1.00 45.46  ? 261 HOH A O   1 
HETATM 1353 O  O   . HOH I 3 .   ? -15.402 0.327   13.937  0.50 58.92  ? 262 HOH A O   1 
HETATM 1354 O  O   . HOH I 3 .   ? -7.672  11.772  -3.627  1.00 58.70  ? 263 HOH A O   1 
HETATM 1355 O  O   . HOH I 3 .   ? -5.307  11.976  -0.148  1.00 50.28  ? 264 HOH A O   1 
HETATM 1356 O  O   . HOH I 3 .   ? -7.041  8.718   -9.633  1.00 54.85  ? 265 HOH A O   1 
# 
